data_6I5Z
#
_entry.id   6I5Z
#
_cell.length_a   111.148
_cell.length_b   111.148
_cell.length_c   302.380
_cell.angle_alpha   90.00
_cell.angle_beta   90.00
_cell.angle_gamma   120.00
#
_symmetry.space_group_name_H-M   'P 32 2 1'
#
loop_
_entity.id
_entity.type
_entity.pdbx_description
1 polymer 'O-methyltransferase 1'
2 non-polymer S-ADENOSYL-L-HOMOCYSTEINE
3 non-polymer S-ADENOSYLMETHIONINE
#
_entity_poly.entity_id   1
_entity_poly.type   'polypeptide(L)'
_entity_poly.pdbx_seq_one_letter_code
;GPAMATNGEIFNTYGHNHQSATVTKITASNESSNGVCYLSETANLGKLICIPMALRAAMELNVFQLISKFGTDAKVSASE
IASKMPNAKNNPEAAMYLDRILRLLGASSILSVSTTKKSINRGGDDVVVHEKLYGLTNSSCCLVPRQEDGVSLVEELLFT
SDKVVVDSFFKLKCVVEEKDSVPFEVAHGAKIFEYAATEPRMNQVFNDGMAVFSIVVFEAVFRVYDGFLDMKELLDVGGG
IGTSVSKIVAKYPLIRGVNFDLPHVISVAPQYPGVEHVAGDMFEEVPKGQNMLLKWVLHDWGDERCVKLLKNCWNSLPVG
GKVLIIEFVLPNELGNNAESFNALIPDLLLMALNPGGKERTISEYDDLGKAAGFIKTIPIPISNGLHVIEFHK
;
_entity_poly.pdbx_strand_id   A,B,C,D
#
loop_
_chem_comp.id
_chem_comp.type
_chem_comp.name
_chem_comp.formula
SAH non-polymer S-ADENOSYL-L-HOMOCYSTEINE 'C14 H20 N6 O5 S'
SAM non-polymer S-ADENOSYLMETHIONINE 'C15 H22 N6 O5 S'
#
# COMPACT_ATOMS: atom_id res chain seq x y z
N VAL A 36 15.72 38.16 39.25
CA VAL A 36 14.39 37.52 39.42
C VAL A 36 13.33 38.31 38.62
N CYS A 37 13.15 37.99 37.33
CA CYS A 37 12.07 38.50 36.44
C CYS A 37 10.89 37.51 36.37
N TYR A 38 9.99 37.59 37.37
CA TYR A 38 8.83 36.69 37.60
C TYR A 38 8.05 36.44 36.31
N LEU A 39 7.94 37.41 35.42
CA LEU A 39 7.07 37.29 34.22
C LEU A 39 7.89 36.88 32.98
N SER A 40 9.22 36.73 33.12
CA SER A 40 10.07 35.98 32.13
C SER A 40 9.81 34.49 32.36
N GLU A 41 10.29 34.01 33.52
CA GLU A 41 10.26 32.59 33.95
C GLU A 41 8.80 32.07 33.97
N THR A 42 7.80 32.95 34.03
CA THR A 42 6.36 32.60 34.07
C THR A 42 5.98 31.96 32.73
N ALA A 43 6.71 32.27 31.64
CA ALA A 43 6.45 31.75 30.27
C ALA A 43 7.34 30.52 30.02
N ASN A 44 8.63 30.63 30.35
CA ASN A 44 9.64 29.56 30.17
C ASN A 44 9.08 28.25 30.72
N LEU A 45 8.56 28.31 31.96
CA LEU A 45 8.03 27.14 32.74
C LEU A 45 6.55 26.90 32.41
N GLY A 46 5.78 27.95 32.14
CA GLY A 46 4.35 27.82 31.85
C GLY A 46 4.11 27.01 30.59
N LYS A 47 5.04 27.09 29.64
CA LYS A 47 4.86 26.46 28.31
C LYS A 47 5.21 24.98 28.40
N LEU A 48 6.07 24.63 29.37
CA LEU A 48 6.62 23.26 29.54
C LEU A 48 5.51 22.20 29.47
N ILE A 49 4.30 22.54 29.89
CA ILE A 49 3.19 21.55 29.96
C ILE A 49 2.17 21.84 28.86
N CYS A 50 2.34 22.90 28.11
CA CYS A 50 1.32 23.31 27.11
C CYS A 50 1.66 22.69 25.75
N ILE A 51 2.93 22.76 25.35
CA ILE A 51 3.51 22.16 24.11
C ILE A 51 3.08 20.69 23.96
N PRO A 52 3.43 19.80 24.91
CA PRO A 52 3.25 18.38 24.72
C PRO A 52 1.78 17.97 24.64
N MET A 53 0.94 18.57 25.47
CA MET A 53 -0.51 18.28 25.45
C MET A 53 -1.10 18.85 24.15
N ALA A 54 -0.62 20.03 23.73
CA ALA A 54 -1.01 20.74 22.49
C ALA A 54 -0.62 19.89 21.27
N LEU A 55 0.62 19.40 21.29
CA LEU A 55 1.21 18.51 20.25
C LEU A 55 0.39 17.22 20.15
N ARG A 56 0.11 16.59 21.30
CA ARG A 56 -0.74 15.37 21.40
C ARG A 56 -2.05 15.65 20.66
N ALA A 57 -2.60 16.85 20.82
CA ALA A 57 -3.91 17.18 20.25
C ALA A 57 -3.78 17.25 18.73
N ALA A 58 -2.65 17.77 18.24
CA ALA A 58 -2.34 17.92 16.80
C ALA A 58 -2.22 16.54 16.16
N MET A 59 -1.40 15.68 16.77
CA MET A 59 -1.29 14.26 16.38
C MET A 59 -2.68 13.64 16.40
N GLU A 60 -3.39 13.73 17.53
CA GLU A 60 -4.67 13.01 17.70
C GLU A 60 -5.61 13.42 16.55
N LEU A 61 -5.40 14.59 15.96
CA LEU A 61 -6.33 15.17 14.96
C LEU A 61 -5.81 15.01 13.52
N ASN A 62 -4.53 14.67 13.35
CA ASN A 62 -3.88 14.24 12.08
C ASN A 62 -3.06 15.41 11.50
N VAL A 63 -3.47 16.66 11.80
CA VAL A 63 -2.78 17.92 11.39
C VAL A 63 -1.51 17.59 10.59
N PHE A 64 -0.47 17.07 11.24
CA PHE A 64 0.90 17.06 10.65
C PHE A 64 0.91 16.37 9.29
N GLN A 65 0.17 15.28 9.14
CA GLN A 65 0.02 14.54 7.85
C GLN A 65 -0.75 15.42 6.85
N LEU A 66 -1.91 15.95 7.27
CA LEU A 66 -2.86 16.70 6.41
C LEU A 66 -2.14 17.90 5.77
N ILE A 67 -1.20 18.51 6.52
CA ILE A 67 -0.35 19.62 6.01
C ILE A 67 0.64 19.03 4.99
N SER A 68 1.12 17.79 5.18
CA SER A 68 1.96 17.03 4.20
C SER A 68 1.15 16.68 2.95
N LYS A 69 -0.11 16.26 3.11
CA LYS A 69 -0.97 15.82 1.98
C LYS A 69 -1.36 17.02 1.10
N PHE A 70 -0.59 18.11 1.13
CA PHE A 70 -0.76 19.32 0.27
C PHE A 70 0.55 19.65 -0.45
N GLY A 71 1.40 18.65 -0.70
CA GLY A 71 2.62 18.78 -1.55
C GLY A 71 3.81 19.30 -0.79
N THR A 72 5.02 19.03 -1.29
CA THR A 72 6.33 19.35 -0.64
C THR A 72 6.31 20.81 -0.18
N ASP A 73 7.22 21.18 0.73
CA ASP A 73 7.30 22.53 1.38
C ASP A 73 6.00 23.31 1.09
N ALA A 74 4.86 22.87 1.66
CA ALA A 74 3.55 23.56 1.61
C ALA A 74 3.50 24.63 2.70
N LYS A 75 2.30 25.18 2.92
CA LYS A 75 1.94 26.28 3.87
C LYS A 75 0.41 26.38 3.82
N VAL A 76 -0.29 25.41 4.45
CA VAL A 76 -1.78 25.30 4.50
C VAL A 76 -2.26 26.07 5.73
N SER A 77 -3.58 26.36 5.78
CA SER A 77 -4.25 27.31 6.72
C SER A 77 -5.28 26.56 7.59
N ALA A 78 -5.34 26.99 8.86
CA ALA A 78 -6.33 26.60 9.90
C ALA A 78 -7.67 26.17 9.28
N SER A 79 -8.29 27.06 8.49
CA SER A 79 -9.63 26.83 7.89
C SER A 79 -9.57 25.66 6.91
N GLU A 80 -8.47 25.57 6.16
CA GLU A 80 -8.30 24.62 5.04
C GLU A 80 -8.11 23.22 5.62
N ILE A 81 -7.34 23.14 6.72
CA ILE A 81 -6.95 21.87 7.39
C ILE A 81 -8.19 21.26 8.05
N ALA A 82 -8.96 22.05 8.80
CA ALA A 82 -10.34 21.70 9.24
C ALA A 82 -11.13 21.13 8.05
N SER A 83 -11.21 21.92 6.95
CA SER A 83 -11.78 21.56 5.62
C SER A 83 -11.65 20.06 5.36
N LYS A 84 -10.41 19.55 5.41
CA LYS A 84 -10.04 18.13 5.14
C LYS A 84 -9.82 17.38 6.48
N MET A 85 -10.89 17.18 7.27
CA MET A 85 -10.86 16.61 8.66
C MET A 85 -12.25 16.11 9.02
N PRO A 86 -12.61 14.88 8.61
CA PRO A 86 -14.02 14.48 8.53
C PRO A 86 -14.69 14.55 9.90
N ASN A 87 -14.00 14.04 10.94
CA ASN A 87 -14.55 13.84 12.31
C ASN A 87 -14.93 15.20 12.92
N ALA A 88 -14.67 16.30 12.20
CA ALA A 88 -14.88 17.72 12.60
C ALA A 88 -15.63 18.50 11.52
N LYS A 89 -16.41 17.82 10.67
CA LYS A 89 -17.09 18.39 9.47
C LYS A 89 -18.41 19.08 9.88
N ASN A 90 -18.79 19.10 11.16
CA ASN A 90 -20.04 19.72 11.67
C ASN A 90 -19.79 20.61 12.90
N ASN A 91 -18.57 21.17 13.06
CA ASN A 91 -18.23 22.11 14.18
C ASN A 91 -17.92 23.48 13.59
N PRO A 92 -18.96 24.29 13.33
CA PRO A 92 -18.80 25.72 13.04
C PRO A 92 -17.56 26.45 13.58
N GLU A 93 -17.21 26.23 14.85
CA GLU A 93 -16.04 26.90 15.48
C GLU A 93 -14.73 26.15 15.16
N ALA A 94 -14.79 24.91 14.66
CA ALA A 94 -13.64 23.99 14.41
C ALA A 94 -12.32 24.76 14.20
N ALA A 95 -12.17 25.38 13.02
CA ALA A 95 -10.95 26.10 12.59
C ALA A 95 -10.59 27.23 13.58
N MET A 96 -11.60 27.86 14.20
CA MET A 96 -11.36 28.93 15.23
C MET A 96 -10.47 28.32 16.31
N TYR A 97 -10.86 27.12 16.77
CA TYR A 97 -10.21 26.41 17.90
C TYR A 97 -8.85 25.85 17.44
N LEU A 98 -8.80 25.24 16.24
CA LEU A 98 -7.55 24.65 15.68
C LEU A 98 -6.43 25.71 15.60
N ASP A 99 -6.65 26.79 14.84
CA ASP A 99 -5.70 27.94 14.75
C ASP A 99 -5.11 28.18 16.15
N ARG A 100 -5.92 28.08 17.21
CA ARG A 100 -5.53 28.43 18.60
C ARG A 100 -4.45 27.47 19.10
N ILE A 101 -4.54 26.19 18.72
CA ILE A 101 -3.54 25.17 19.14
C ILE A 101 -2.27 25.37 18.32
N LEU A 102 -2.43 25.40 17.00
CA LEU A 102 -1.35 25.52 15.98
C LEU A 102 -0.40 26.67 16.36
N ARG A 103 -0.92 27.89 16.47
CA ARG A 103 -0.19 29.03 17.12
C ARG A 103 0.86 28.52 18.12
N LEU A 104 0.43 27.80 19.15
CA LEU A 104 1.32 27.36 20.25
C LEU A 104 2.46 26.54 19.66
N LEU A 105 2.11 25.70 18.67
CA LEU A 105 3.08 24.83 18.00
C LEU A 105 4.06 25.70 17.18
N GLY A 106 3.51 26.59 16.34
CA GLY A 106 4.24 27.71 15.71
C GLY A 106 5.26 28.35 16.65
N ALA A 107 4.80 28.93 17.76
CA ALA A 107 5.68 29.55 18.76
C ALA A 107 6.71 28.53 19.27
N SER A 108 6.21 27.33 19.59
CA SER A 108 6.96 26.13 20.02
C SER A 108 8.15 25.89 19.08
N SER A 109 7.89 26.04 17.76
CA SER A 109 8.79 25.85 16.59
C SER A 109 8.60 24.46 15.97
N ILE A 110 7.63 23.68 16.44
CA ILE A 110 7.23 22.34 15.89
C ILE A 110 6.59 22.55 14.50
N LEU A 111 6.03 23.73 14.26
CA LEU A 111 5.43 24.15 12.97
C LEU A 111 6.06 25.48 12.53
N SER A 112 5.69 25.95 11.32
CA SER A 112 6.24 27.16 10.64
C SER A 112 5.13 28.20 10.50
N VAL A 113 5.22 29.24 11.34
CA VAL A 113 4.41 30.50 11.33
C VAL A 113 3.80 30.72 9.94
N SER A 114 4.52 31.45 9.06
CA SER A 114 4.15 31.76 7.67
C SER A 114 2.86 32.61 7.62
N THR A 115 2.92 33.86 8.11
CA THR A 115 1.84 34.88 8.04
C THR A 115 2.22 35.95 7.00
N LYS A 132 -3.36 33.10 9.65
CA LYS A 132 -2.03 32.42 9.83
C LYS A 132 -1.98 31.19 8.89
N LEU A 133 -0.87 31.02 8.17
CA LEU A 133 -0.68 29.91 7.20
C LEU A 133 0.44 28.97 7.69
N TYR A 134 0.08 27.79 8.21
CA TYR A 134 0.97 26.86 8.95
C TYR A 134 1.58 25.88 7.94
N GLY A 135 2.81 25.40 8.17
CA GLY A 135 3.47 24.37 7.33
C GLY A 135 4.55 23.60 8.07
N LEU A 136 4.89 22.38 7.60
CA LEU A 136 5.67 21.33 8.34
C LEU A 136 7.10 21.81 8.53
N THR A 137 7.94 21.04 9.23
CA THR A 137 9.38 21.36 9.39
C THR A 137 10.18 20.05 9.52
N ASN A 138 11.44 20.20 9.90
CA ASN A 138 12.31 19.06 10.27
C ASN A 138 11.56 18.29 11.36
N SER A 139 11.30 18.95 12.49
CA SER A 139 10.58 18.38 13.66
C SER A 139 9.26 17.73 13.20
N SER A 140 8.37 18.52 12.58
CA SER A 140 7.03 18.07 12.13
C SER A 140 7.17 16.84 11.21
N CYS A 141 8.05 16.86 10.21
CA CYS A 141 8.14 15.78 9.16
C CYS A 141 8.15 14.39 9.83
N CYS A 142 8.90 14.21 10.92
CA CYS A 142 9.00 12.94 11.70
C CYS A 142 7.64 12.48 12.27
N LEU A 143 6.52 13.16 11.96
CA LEU A 143 5.17 12.87 12.54
C LEU A 143 4.21 12.47 11.43
N VAL A 144 4.72 12.13 10.24
CA VAL A 144 3.85 11.81 9.06
C VAL A 144 4.05 10.37 8.63
N PRO A 145 3.01 9.50 8.79
CA PRO A 145 3.16 8.08 8.52
C PRO A 145 3.68 7.96 7.08
N ARG A 146 4.89 7.37 6.96
CA ARG A 146 5.72 7.16 5.74
C ARG A 146 4.95 6.51 4.60
N GLN A 147 5.41 6.78 3.38
CA GLN A 147 4.91 6.16 2.13
C GLN A 147 5.16 4.65 2.24
N GLU A 148 6.40 4.26 2.56
CA GLU A 148 6.89 2.84 2.45
C GLU A 148 6.09 1.96 3.42
N ASP A 149 6.09 2.27 4.73
CA ASP A 149 5.67 1.35 5.85
C ASP A 149 4.66 2.02 6.80
N GLY A 150 4.32 3.30 6.58
CA GLY A 150 3.36 4.05 7.40
C GLY A 150 3.90 4.34 8.80
N VAL A 151 5.20 4.14 8.99
CA VAL A 151 5.93 4.38 10.27
C VAL A 151 6.23 5.86 10.41
N SER A 152 6.42 6.32 11.65
CA SER A 152 6.65 7.72 12.07
C SER A 152 7.04 7.67 13.54
N LEU A 153 7.30 8.81 14.19
CA LEU A 153 7.53 8.83 15.65
C LEU A 153 6.21 8.87 16.42
N VAL A 154 5.08 9.15 15.73
CA VAL A 154 3.74 9.35 16.36
C VAL A 154 3.48 8.23 17.36
N GLU A 155 3.22 7.03 16.84
CA GLU A 155 2.88 5.87 17.69
C GLU A 155 3.67 5.93 19.03
N GLU A 156 4.93 6.36 18.99
CA GLU A 156 5.90 6.27 20.11
C GLU A 156 5.74 7.46 21.05
N LEU A 157 5.34 8.62 20.54
CA LEU A 157 5.16 9.83 21.39
C LEU A 157 3.77 9.73 22.03
N LEU A 158 2.73 9.60 21.20
CA LEU A 158 1.37 9.18 21.64
C LEU A 158 1.46 8.13 22.78
N PHE A 159 2.60 7.44 22.92
CA PHE A 159 2.85 6.43 23.98
C PHE A 159 3.47 7.13 25.19
N THR A 160 4.66 7.70 25.01
CA THR A 160 5.45 8.46 26.03
C THR A 160 4.55 9.45 26.81
N SER A 161 3.44 9.92 26.21
CA SER A 161 2.59 11.01 26.73
C SER A 161 1.17 10.48 26.97
N ASP A 162 0.99 9.18 26.97
CA ASP A 162 -0.33 8.54 27.17
C ASP A 162 -0.78 8.72 28.62
N LYS A 163 -2.09 8.79 28.86
CA LYS A 163 -2.60 9.16 30.22
C LYS A 163 -2.02 8.20 31.27
N VAL A 164 -2.06 6.91 30.99
CA VAL A 164 -1.54 5.86 31.89
C VAL A 164 -0.12 6.26 32.30
N VAL A 165 0.69 6.77 31.39
CA VAL A 165 2.12 7.04 31.74
C VAL A 165 2.18 8.34 32.55
N VAL A 166 1.56 9.41 32.07
CA VAL A 166 1.57 10.73 32.78
C VAL A 166 1.02 10.54 34.20
N ASP A 167 -0.14 9.87 34.30
CA ASP A 167 -0.77 9.48 35.57
C ASP A 167 0.29 8.89 36.51
N SER A 168 1.12 7.97 36.02
CA SER A 168 2.23 7.38 36.83
C SER A 168 3.22 8.49 37.17
N PHE A 169 3.50 9.35 36.18
CA PHE A 169 4.48 10.46 36.31
C PHE A 169 4.11 11.31 37.53
N PHE A 170 2.80 11.56 37.67
CA PHE A 170 2.23 12.43 38.72
C PHE A 170 2.68 11.94 40.08
N LYS A 171 2.95 10.64 40.24
CA LYS A 171 3.46 10.04 41.50
C LYS A 171 4.98 9.88 41.50
N LEU A 172 5.74 10.61 40.70
CA LEU A 172 7.22 10.45 40.69
C LEU A 172 7.82 10.68 42.08
N LYS A 173 7.32 11.69 42.81
CA LYS A 173 7.79 12.06 44.17
C LYS A 173 7.91 10.79 45.03
N CYS A 174 6.96 9.84 44.87
CA CYS A 174 6.81 8.64 45.75
C CYS A 174 8.03 7.73 45.71
N VAL A 175 8.81 7.77 44.63
CA VAL A 175 10.00 6.89 44.45
C VAL A 175 11.19 7.51 45.18
N VAL A 176 11.09 8.80 45.52
CA VAL A 176 12.12 9.50 46.34
C VAL A 176 11.75 9.34 47.81
N GLU A 177 10.45 9.31 48.12
CA GLU A 177 9.90 9.16 49.50
C GLU A 177 9.81 7.66 49.83
N GLU A 178 8.69 6.96 49.59
CA GLU A 178 8.49 5.56 50.08
C GLU A 178 9.49 4.60 49.39
N LYS A 179 10.19 3.76 50.17
CA LYS A 179 11.07 2.64 49.71
C LYS A 179 10.19 1.60 49.00
N ASP A 180 10.71 1.01 47.91
CA ASP A 180 10.09 -0.09 47.12
C ASP A 180 8.79 0.36 46.43
N SER A 181 8.56 1.66 46.28
CA SER A 181 7.28 2.19 45.74
C SER A 181 7.41 2.38 44.22
N VAL A 182 6.31 2.11 43.51
CA VAL A 182 6.25 2.10 42.02
C VAL A 182 5.18 3.07 41.58
N PRO A 183 5.60 4.20 41.03
CA PRO A 183 4.65 5.21 40.59
C PRO A 183 3.43 4.63 39.86
N PHE A 184 3.63 3.79 38.83
CA PHE A 184 2.53 3.13 38.06
C PHE A 184 1.50 2.57 39.04
N GLU A 185 2.03 1.87 40.05
CA GLU A 185 1.27 1.11 41.07
C GLU A 185 0.54 2.06 42.00
N VAL A 186 1.26 2.97 42.65
CA VAL A 186 0.61 4.08 43.39
C VAL A 186 -0.54 4.59 42.51
N ALA A 187 -0.29 4.88 41.25
CA ALA A 187 -1.24 5.61 40.40
C ALA A 187 -2.39 4.66 40.06
N HIS A 188 -2.10 3.43 39.63
CA HIS A 188 -3.15 2.55 39.05
C HIS A 188 -3.46 1.44 40.04
N GLY A 189 -4.58 0.73 39.86
CA GLY A 189 -4.90 -0.38 40.78
C GLY A 189 -3.70 -1.30 41.00
N ALA A 190 -3.30 -1.99 39.92
CA ALA A 190 -2.49 -3.23 39.85
C ALA A 190 -1.02 -2.92 39.59
N LYS A 191 -0.24 -3.96 39.32
CA LYS A 191 1.08 -3.87 38.65
C LYS A 191 0.89 -3.76 37.13
N ILE A 192 1.92 -3.23 36.46
CA ILE A 192 1.85 -2.79 35.04
C ILE A 192 1.36 -3.94 34.16
N PHE A 193 1.85 -5.16 34.38
CA PHE A 193 1.51 -6.33 33.54
C PHE A 193 0.07 -6.76 33.81
N GLU A 194 -0.37 -6.79 35.08
CA GLU A 194 -1.77 -7.15 35.44
C GLU A 194 -2.69 -6.12 34.77
N TYR A 195 -2.25 -4.86 34.79
CA TYR A 195 -3.08 -3.72 34.38
C TYR A 195 -3.24 -3.82 32.87
N ALA A 196 -2.09 -3.91 32.21
CA ALA A 196 -2.00 -4.11 30.75
C ALA A 196 -2.79 -5.37 30.31
N ALA A 197 -2.84 -6.41 31.13
CA ALA A 197 -3.52 -7.69 30.80
C ALA A 197 -5.02 -7.46 30.63
N THR A 198 -5.53 -6.40 31.22
CA THR A 198 -6.99 -6.23 31.45
C THR A 198 -7.50 -4.96 30.79
N GLU A 199 -6.61 -4.02 30.47
CA GLU A 199 -6.91 -2.83 29.63
C GLU A 199 -6.26 -3.04 28.27
N PRO A 200 -6.98 -3.50 27.23
CA PRO A 200 -6.37 -3.63 25.89
C PRO A 200 -5.80 -2.33 25.30
N ARG A 201 -6.50 -1.19 25.36
CA ARG A 201 -6.07 0.00 24.55
C ARG A 201 -4.74 0.53 25.09
N MET A 202 -4.44 0.30 26.36
CA MET A 202 -3.14 0.71 26.95
C MET A 202 -2.07 -0.20 26.38
N ASN A 203 -2.42 -1.46 26.28
CA ASN A 203 -1.42 -2.51 25.99
C ASN A 203 -1.05 -2.40 24.49
N GLN A 204 -2.02 -2.07 23.63
CA GLN A 204 -1.77 -1.79 22.19
C GLN A 204 -0.93 -0.53 22.03
N VAL A 205 -1.20 0.50 22.80
CA VAL A 205 -0.47 1.78 22.68
C VAL A 205 0.99 1.53 23.03
N PHE A 206 1.27 0.64 23.99
CA PHE A 206 2.65 0.34 24.43
C PHE A 206 3.35 -0.44 23.29
N ASN A 207 2.57 -1.27 22.60
CA ASN A 207 3.05 -2.10 21.47
C ASN A 207 3.41 -1.16 20.33
N ASP A 208 2.40 -0.62 19.64
CA ASP A 208 2.56 0.38 18.54
C ASP A 208 3.76 1.26 18.88
N GLY A 209 3.90 1.67 20.13
CA GLY A 209 4.96 2.62 20.54
C GLY A 209 6.33 2.00 20.42
N MET A 210 6.57 0.91 21.14
CA MET A 210 7.85 0.17 21.07
C MET A 210 8.11 -0.26 19.61
N ALA A 211 7.12 -0.84 18.93
CA ALA A 211 7.24 -1.34 17.53
C ALA A 211 7.96 -0.33 16.64
N VAL A 212 7.23 0.70 16.24
CA VAL A 212 7.73 1.87 15.46
C VAL A 212 9.14 2.28 15.91
N PHE A 213 9.40 2.30 17.22
CA PHE A 213 10.63 2.89 17.79
C PHE A 213 11.81 2.04 17.38
N SER A 214 11.68 0.72 17.56
CA SER A 214 12.66 -0.32 17.15
C SER A 214 13.01 -0.13 15.68
N ILE A 215 12.00 -0.19 14.80
CA ILE A 215 12.17 0.01 13.34
C ILE A 215 13.23 1.07 13.10
N VAL A 216 12.95 2.23 13.65
CA VAL A 216 13.74 3.46 13.45
C VAL A 216 15.15 3.18 13.98
N VAL A 217 15.25 2.52 15.13
CA VAL A 217 16.53 2.26 15.85
C VAL A 217 17.33 1.23 15.05
N PHE A 218 16.63 0.32 14.37
CA PHE A 218 17.27 -0.74 13.55
C PHE A 218 17.76 -0.07 12.27
N GLU A 219 16.91 0.74 11.62
CA GLU A 219 17.35 1.47 10.41
C GLU A 219 18.71 2.11 10.74
N ALA A 220 18.85 2.73 11.91
CA ALA A 220 20.10 3.35 12.36
C ALA A 220 21.19 2.27 12.46
N VAL A 221 20.99 1.24 13.29
CA VAL A 221 22.04 0.23 13.64
C VAL A 221 22.57 -0.39 12.33
N PHE A 222 21.66 -0.76 11.43
CA PHE A 222 21.98 -1.39 10.11
C PHE A 222 22.87 -0.46 9.28
N ARG A 223 22.59 0.83 9.27
CA ARG A 223 23.29 1.82 8.41
C ARG A 223 24.71 2.07 8.90
N VAL A 224 25.13 1.55 10.06
CA VAL A 224 26.39 2.06 10.69
C VAL A 224 27.26 0.91 11.20
N TYR A 225 26.77 -0.33 11.30
CA TYR A 225 27.45 -1.39 12.08
C TYR A 225 27.71 -2.60 11.20
N ASP A 226 28.98 -2.98 11.08
CA ASP A 226 29.44 -4.04 10.14
C ASP A 226 29.28 -5.40 10.85
N GLY A 227 29.91 -5.54 12.02
CA GLY A 227 29.74 -6.62 13.02
C GLY A 227 29.00 -7.87 12.56
N PHE A 228 27.81 -7.74 11.95
CA PHE A 228 26.91 -8.86 11.59
C PHE A 228 27.48 -9.65 10.42
N LEU A 229 28.28 -8.98 9.56
CA LEU A 229 28.68 -9.47 8.22
C LEU A 229 29.41 -10.82 8.37
N ASP A 230 30.36 -10.91 9.29
CA ASP A 230 31.11 -12.18 9.49
C ASP A 230 30.47 -13.01 10.63
N MET A 231 29.13 -13.02 10.76
CA MET A 231 28.41 -13.80 11.82
C MET A 231 27.61 -14.92 11.14
N LYS A 232 27.70 -16.13 11.70
CA LYS A 232 27.02 -17.35 11.16
C LYS A 232 25.81 -17.67 12.06
N GLU A 233 25.90 -17.40 13.36
CA GLU A 233 24.79 -17.62 14.32
C GLU A 233 24.57 -16.38 15.20
N LEU A 234 23.31 -16.04 15.45
CA LEU A 234 22.93 -14.94 16.38
C LEU A 234 21.82 -15.38 17.33
N LEU A 235 22.14 -15.38 18.63
CA LEU A 235 21.13 -15.60 19.69
C LEU A 235 20.68 -14.25 20.25
N ASP A 236 19.41 -13.90 20.02
CA ASP A 236 18.72 -12.71 20.59
C ASP A 236 18.12 -13.08 21.96
N VAL A 237 18.89 -12.94 23.06
CA VAL A 237 18.46 -13.18 24.47
C VAL A 237 17.49 -12.08 24.92
N GLY A 238 16.29 -12.46 25.35
CA GLY A 238 15.19 -11.48 25.55
C GLY A 238 14.63 -11.05 24.22
N GLY A 239 14.56 -11.98 23.28
CA GLY A 239 14.35 -11.64 21.86
C GLY A 239 12.98 -11.04 21.58
N GLY A 240 12.03 -11.31 22.46
CA GLY A 240 10.62 -10.95 22.20
C GLY A 240 10.00 -11.94 21.27
N ILE A 241 9.13 -11.52 20.36
CA ILE A 241 8.55 -12.54 19.43
C ILE A 241 9.56 -12.85 18.30
N GLY A 242 10.82 -12.40 18.39
CA GLY A 242 11.84 -12.59 17.33
C GLY A 242 11.68 -11.63 16.15
N THR A 243 10.79 -10.65 16.20
CA THR A 243 10.80 -9.57 15.18
C THR A 243 12.21 -8.95 15.15
N SER A 244 12.93 -8.88 16.26
CA SER A 244 14.32 -8.35 16.23
C SER A 244 15.17 -9.22 15.30
N VAL A 245 15.52 -10.43 15.75
CA VAL A 245 16.53 -11.34 15.09
C VAL A 245 16.10 -11.67 13.64
N SER A 246 14.81 -11.62 13.31
CA SER A 246 14.29 -11.90 11.96
C SER A 246 14.76 -10.82 10.98
N LYS A 247 14.46 -9.56 11.27
CA LYS A 247 14.92 -8.36 10.50
C LYS A 247 16.41 -8.51 10.16
N ILE A 248 17.24 -9.02 11.09
CA ILE A 248 18.73 -9.13 10.94
C ILE A 248 19.07 -10.26 9.96
N VAL A 249 18.49 -11.44 10.19
CA VAL A 249 18.67 -12.67 9.35
C VAL A 249 18.23 -12.37 7.91
N ALA A 250 17.17 -11.60 7.73
CA ALA A 250 16.69 -11.08 6.43
C ALA A 250 17.79 -10.28 5.72
N LYS A 251 18.60 -9.50 6.45
CA LYS A 251 19.62 -8.60 5.87
C LYS A 251 20.98 -9.32 5.78
N TYR A 252 21.12 -10.49 6.39
CA TYR A 252 22.43 -11.19 6.47
C TYR A 252 22.17 -12.70 6.47
N PRO A 253 21.67 -13.28 5.36
CA PRO A 253 21.01 -14.59 5.38
C PRO A 253 21.91 -15.80 5.60
N LEU A 254 23.22 -15.64 5.71
CA LEU A 254 24.12 -16.77 6.08
C LEU A 254 24.27 -16.76 7.62
N ILE A 255 23.31 -16.12 8.32
CA ILE A 255 23.25 -16.09 9.81
C ILE A 255 22.00 -16.85 10.26
N ARG A 256 22.14 -17.76 11.22
CA ARG A 256 21.02 -18.60 11.67
C ARG A 256 20.49 -17.93 12.94
N GLY A 257 19.24 -17.49 12.84
CA GLY A 257 18.60 -16.76 13.92
C GLY A 257 18.05 -17.68 14.96
N VAL A 258 18.29 -17.35 16.21
CA VAL A 258 17.60 -17.99 17.34
C VAL A 258 16.99 -16.89 18.21
N ASN A 259 15.68 -17.00 18.41
CA ASN A 259 14.85 -16.16 19.30
C ASN A 259 14.66 -16.82 20.67
N PHE A 260 15.14 -16.19 21.72
CA PHE A 260 15.07 -16.74 23.11
C PHE A 260 14.29 -15.79 24.02
N ASP A 261 13.12 -16.20 24.52
CA ASP A 261 12.31 -15.42 25.49
C ASP A 261 11.57 -16.35 26.47
N LEU A 262 10.74 -15.72 27.32
CA LEU A 262 9.88 -16.43 28.29
C LEU A 262 8.95 -17.31 27.45
N PRO A 263 8.64 -18.51 27.96
CA PRO A 263 7.69 -19.42 27.34
C PRO A 263 6.43 -18.68 26.87
N HIS A 264 5.91 -17.84 27.74
CA HIS A 264 4.53 -17.34 27.54
C HIS A 264 4.57 -16.43 26.30
N VAL A 265 5.67 -15.68 26.15
CA VAL A 265 5.99 -14.80 25.00
C VAL A 265 6.19 -15.69 23.78
N ILE A 266 7.14 -16.63 23.89
CA ILE A 266 7.56 -17.46 22.73
C ILE A 266 6.29 -18.12 22.24
N SER A 267 5.50 -18.66 23.17
CA SER A 267 4.24 -19.43 22.91
C SER A 267 3.37 -18.73 21.86
N VAL A 268 3.65 -17.47 21.51
CA VAL A 268 2.76 -16.63 20.66
C VAL A 268 3.53 -16.04 19.47
N ALA A 269 4.86 -16.23 19.41
CA ALA A 269 5.75 -15.63 18.39
C ALA A 269 5.32 -16.16 17.04
N PRO A 270 5.47 -15.41 15.93
CA PRO A 270 5.10 -15.97 14.63
C PRO A 270 6.31 -16.80 14.17
N GLN A 271 6.23 -17.32 12.94
CA GLN A 271 7.33 -18.09 12.31
C GLN A 271 8.10 -17.18 11.35
N TYR A 272 9.41 -17.13 11.52
CA TYR A 272 10.31 -16.35 10.66
C TYR A 272 11.37 -17.25 10.03
N PRO A 273 11.61 -17.03 8.71
CA PRO A 273 12.77 -17.59 8.01
C PRO A 273 14.09 -17.42 8.76
N GLY A 274 14.73 -18.53 9.14
CA GLY A 274 16.12 -18.55 9.61
C GLY A 274 16.19 -18.14 11.07
N VAL A 275 15.02 -17.83 11.65
CA VAL A 275 14.78 -17.66 13.12
C VAL A 275 14.23 -19.00 13.66
N GLU A 276 14.74 -19.42 14.82
CA GLU A 276 14.30 -20.63 15.56
C GLU A 276 14.02 -20.25 17.02
N HIS A 277 12.75 -20.27 17.41
CA HIS A 277 12.30 -19.90 18.77
C HIS A 277 12.77 -20.95 19.79
N VAL A 278 13.31 -20.47 20.90
CA VAL A 278 13.69 -21.25 22.10
C VAL A 278 13.20 -20.52 23.36
N ALA A 279 12.18 -21.09 24.01
CA ALA A 279 11.64 -20.68 25.33
C ALA A 279 12.60 -21.11 26.46
N GLY A 280 12.44 -20.53 27.65
CA GLY A 280 13.38 -20.63 28.78
C GLY A 280 13.34 -19.38 29.67
N ASP A 281 14.37 -19.23 30.52
CA ASP A 281 14.50 -18.26 31.63
C ASP A 281 15.98 -17.90 31.74
N MET A 282 16.37 -16.84 31.04
CA MET A 282 17.77 -16.42 30.79
C MET A 282 18.53 -16.24 32.10
N PHE A 283 17.84 -16.26 33.23
CA PHE A 283 18.54 -16.09 34.52
C PHE A 283 19.04 -17.47 34.96
N GLU A 284 18.35 -18.55 34.55
CA GLU A 284 18.81 -19.92 34.93
C GLU A 284 19.91 -20.35 33.96
N GLU A 285 19.60 -20.56 32.67
CA GLU A 285 20.62 -20.76 31.60
C GLU A 285 20.14 -20.14 30.27
N VAL A 286 21.08 -19.67 29.46
CA VAL A 286 20.84 -19.22 28.07
C VAL A 286 21.30 -20.33 27.12
N PRO A 287 20.60 -20.55 25.99
CA PRO A 287 21.09 -21.48 24.98
C PRO A 287 22.53 -21.17 24.53
N LYS A 288 23.13 -22.07 23.76
CA LYS A 288 24.48 -21.90 23.17
C LYS A 288 24.31 -21.15 21.84
N GLY A 289 25.30 -20.35 21.51
CA GLY A 289 25.32 -19.54 20.27
C GLY A 289 26.71 -18.98 20.05
N GLN A 290 27.05 -18.69 18.80
CA GLN A 290 28.34 -18.08 18.40
C GLN A 290 28.40 -16.68 18.96
N ASN A 291 27.28 -15.96 18.86
CA ASN A 291 27.12 -14.57 19.31
C ASN A 291 25.72 -14.31 19.89
N MET A 292 25.67 -13.35 20.81
CA MET A 292 24.43 -12.97 21.50
C MET A 292 24.07 -11.51 21.28
N LEU A 293 22.78 -11.26 21.12
CA LEU A 293 22.15 -9.92 21.05
C LEU A 293 21.31 -9.68 22.29
N LEU A 294 21.58 -8.57 23.00
CA LEU A 294 20.80 -8.06 24.16
C LEU A 294 20.25 -6.64 23.89
N LYS A 295 19.05 -6.54 23.34
CA LYS A 295 18.48 -5.20 23.03
C LYS A 295 17.45 -4.81 24.09
N TRP A 296 17.65 -3.66 24.76
CA TRP A 296 16.71 -3.14 25.77
C TRP A 296 16.42 -4.25 26.76
N VAL A 297 17.46 -4.90 27.24
CA VAL A 297 17.34 -5.92 28.31
C VAL A 297 18.09 -5.47 29.55
N LEU A 298 19.37 -5.13 29.45
CA LEU A 298 20.16 -4.74 30.65
C LEU A 298 19.51 -3.58 31.42
N HIS A 299 18.97 -2.60 30.69
CA HIS A 299 18.49 -1.32 31.28
C HIS A 299 17.23 -1.59 32.11
N ASP A 300 16.76 -2.84 32.14
CA ASP A 300 15.56 -3.30 32.89
C ASP A 300 15.94 -3.86 34.27
N TRP A 301 17.21 -3.89 34.64
CA TRP A 301 17.62 -4.74 35.79
C TRP A 301 18.76 -4.12 36.60
N GLY A 302 18.73 -4.43 37.91
CA GLY A 302 19.82 -4.12 38.84
C GLY A 302 21.12 -4.71 38.33
N ASP A 303 22.24 -4.13 38.77
CA ASP A 303 23.63 -4.60 38.51
C ASP A 303 23.72 -6.08 38.89
N GLU A 304 23.29 -6.48 40.09
CA GLU A 304 23.31 -7.90 40.49
C GLU A 304 22.74 -8.73 39.32
N ARG A 305 21.47 -8.52 38.97
CA ARG A 305 20.74 -9.40 38.03
C ARG A 305 21.42 -9.36 36.67
N CYS A 306 21.95 -8.20 36.28
CA CYS A 306 22.65 -8.04 34.97
C CYS A 306 23.83 -9.02 34.86
N VAL A 307 24.74 -9.04 35.84
CA VAL A 307 26.00 -9.84 35.73
C VAL A 307 25.65 -11.32 35.74
N LYS A 308 24.56 -11.76 36.38
CA LYS A 308 24.09 -13.16 36.23
C LYS A 308 23.67 -13.39 34.77
N LEU A 309 22.83 -12.52 34.19
CA LEU A 309 22.43 -12.66 32.76
C LEU A 309 23.70 -12.70 31.92
N LEU A 310 24.69 -11.91 32.31
CA LEU A 310 25.95 -11.84 31.53
C LEU A 310 26.79 -13.08 31.82
N LYS A 311 26.86 -13.56 33.07
CA LYS A 311 27.63 -14.81 33.33
C LYS A 311 27.01 -15.92 32.45
N ASN A 312 25.68 -16.06 32.42
CA ASN A 312 25.05 -17.13 31.62
C ASN A 312 25.42 -16.99 30.14
N CYS A 313 25.40 -15.77 29.60
CA CYS A 313 25.75 -15.48 28.18
C CYS A 313 27.16 -15.98 27.86
N TRP A 314 28.13 -15.60 28.70
CA TRP A 314 29.54 -16.04 28.62
C TRP A 314 29.61 -17.58 28.62
N ASN A 315 29.08 -18.22 29.65
CA ASN A 315 29.05 -19.71 29.77
C ASN A 315 28.47 -20.36 28.52
N SER A 316 27.54 -19.75 27.79
CA SER A 316 26.98 -20.39 26.58
C SER A 316 27.62 -19.78 25.32
N LEU A 317 28.80 -19.16 25.46
CA LEU A 317 29.60 -18.65 24.32
C LEU A 317 30.83 -19.52 24.07
N PRO A 318 31.27 -19.61 22.79
CA PRO A 318 32.63 -20.01 22.47
C PRO A 318 33.64 -18.99 22.98
N VAL A 319 34.91 -19.15 22.55
CA VAL A 319 35.97 -18.11 22.60
C VAL A 319 35.96 -17.42 21.24
N GLY A 320 36.10 -16.09 21.23
CA GLY A 320 35.85 -15.21 20.05
C GLY A 320 34.37 -14.95 19.82
N GLY A 321 33.52 -15.56 20.65
CA GLY A 321 32.11 -15.17 20.82
C GLY A 321 32.00 -13.80 21.47
N LYS A 322 30.94 -13.08 21.15
CA LYS A 322 30.71 -11.70 21.63
C LYS A 322 29.22 -11.50 21.92
N VAL A 323 28.93 -10.68 22.95
CA VAL A 323 27.56 -10.21 23.30
C VAL A 323 27.41 -8.80 22.74
N LEU A 324 26.22 -8.52 22.19
CA LEU A 324 25.86 -7.21 21.59
C LEU A 324 24.76 -6.52 22.41
N ILE A 325 25.17 -5.59 23.28
CA ILE A 325 24.32 -4.66 24.05
C ILE A 325 23.83 -3.55 23.13
N ILE A 326 22.55 -3.50 22.76
CA ILE A 326 21.98 -2.30 22.05
C ILE A 326 21.09 -1.52 23.03
N GLU A 327 21.63 -0.41 23.53
CA GLU A 327 20.99 0.50 24.49
C GLU A 327 21.22 1.94 24.02
N PHE A 328 20.53 2.92 24.61
CA PHE A 328 20.92 4.33 24.56
C PHE A 328 21.85 4.57 25.75
N VAL A 329 23.08 5.01 25.48
CA VAL A 329 24.07 5.31 26.54
C VAL A 329 23.78 6.71 27.07
N LEU A 330 23.90 6.79 28.39
CA LEU A 330 23.75 8.01 29.19
C LEU A 330 25.13 8.68 29.17
N PRO A 331 25.23 9.88 28.57
CA PRO A 331 26.47 10.67 28.57
C PRO A 331 27.10 10.95 29.93
N ASN A 332 28.43 11.05 29.99
CA ASN A 332 29.18 11.47 31.21
C ASN A 332 28.94 12.96 31.51
N GLU A 333 28.55 13.74 30.52
CA GLU A 333 28.21 15.17 30.65
C GLU A 333 26.85 15.38 29.96
N LEU A 334 25.80 15.71 30.74
CA LEU A 334 24.43 15.96 30.23
C LEU A 334 24.35 17.39 29.72
N GLY A 335 23.40 17.66 28.81
CA GLY A 335 23.39 18.89 27.99
C GLY A 335 22.18 18.94 27.09
N ASN A 336 21.83 20.11 26.53
CA ASN A 336 20.58 20.25 25.75
C ASN A 336 20.84 19.71 24.35
N ASN A 337 20.87 18.39 24.22
CA ASN A 337 21.35 17.62 23.03
C ASN A 337 20.55 16.31 22.95
N ALA A 338 20.50 15.71 21.77
CA ALA A 338 19.77 14.43 21.58
C ALA A 338 20.42 13.30 22.39
N GLU A 339 21.74 13.26 22.52
CA GLU A 339 22.40 12.09 23.17
C GLU A 339 22.07 12.08 24.68
N SER A 340 21.72 13.23 25.26
CA SER A 340 21.35 13.32 26.69
C SER A 340 19.88 12.93 26.84
N PHE A 341 19.01 13.56 26.06
CA PHE A 341 17.55 13.34 26.23
C PHE A 341 17.19 11.90 25.80
N ASN A 342 17.92 11.31 24.85
CA ASN A 342 17.61 9.93 24.36
C ASN A 342 17.87 8.92 25.49
N ALA A 343 18.62 9.27 26.54
CA ALA A 343 18.92 8.43 27.73
C ALA A 343 18.09 8.88 28.93
N LEU A 344 17.73 10.17 29.02
CA LEU A 344 16.97 10.72 30.19
C LEU A 344 15.50 10.28 30.11
N ILE A 345 14.89 10.39 28.93
CA ILE A 345 13.46 10.03 28.70
C ILE A 345 13.21 8.60 29.21
N PRO A 346 14.01 7.61 28.81
CA PRO A 346 13.85 6.24 29.30
C PRO A 346 14.07 6.11 30.81
N ASP A 347 15.17 6.67 31.28
CA ASP A 347 15.61 6.62 32.70
C ASP A 347 14.46 7.11 33.59
N LEU A 348 13.70 8.09 33.11
CA LEU A 348 12.52 8.59 33.84
C LEU A 348 11.38 7.54 33.72
N LEU A 349 10.95 7.24 32.48
CA LEU A 349 9.91 6.24 32.15
C LEU A 349 10.11 4.99 33.00
N LEU A 350 11.39 4.61 33.18
CA LEU A 350 11.82 3.49 34.05
C LEU A 350 11.35 3.77 35.47
N MET A 351 11.83 4.86 36.08
CA MET A 351 11.48 5.25 37.48
C MET A 351 9.97 5.17 37.70
N ALA A 352 9.20 5.63 36.73
CA ALA A 352 7.74 5.70 36.85
C ALA A 352 7.12 4.32 36.69
N LEU A 353 7.65 3.49 35.77
CA LEU A 353 7.03 2.18 35.36
C LEU A 353 7.88 0.99 35.81
N ASN A 354 9.11 1.23 36.29
CA ASN A 354 10.10 0.19 36.65
C ASN A 354 11.29 0.88 37.33
N PRO A 355 11.20 1.15 38.64
CA PRO A 355 12.31 1.75 39.38
C PRO A 355 13.52 0.80 39.50
N GLY A 356 13.30 -0.50 39.27
CA GLY A 356 14.36 -1.53 39.29
C GLY A 356 15.40 -1.26 38.22
N GLY A 357 14.96 -0.71 37.08
CA GLY A 357 15.80 -0.46 35.90
C GLY A 357 16.39 0.92 35.91
N LYS A 358 17.36 1.16 35.02
CA LYS A 358 18.19 2.39 34.94
C LYS A 358 18.91 2.41 33.58
N GLU A 359 18.98 3.57 32.92
CA GLU A 359 19.97 3.76 31.82
C GLU A 359 21.37 3.83 32.44
N ARG A 360 22.43 3.75 31.64
CA ARG A 360 23.82 3.57 32.15
C ARG A 360 24.84 4.21 31.19
N THR A 361 26.08 4.20 31.64
CA THR A 361 27.16 4.98 31.00
C THR A 361 28.17 3.96 30.47
N ILE A 362 28.78 4.29 29.32
CA ILE A 362 29.69 3.34 28.61
C ILE A 362 30.62 2.67 29.62
N SER A 363 31.04 3.40 30.66
CA SER A 363 31.91 2.86 31.74
C SER A 363 31.17 1.86 32.63
N GLU A 364 29.90 2.13 32.96
CA GLU A 364 29.09 1.26 33.86
C GLU A 364 28.83 -0.07 33.14
N TYR A 365 28.45 0.00 31.86
CA TYR A 365 28.14 -1.20 31.03
C TYR A 365 29.39 -2.07 30.99
N ASP A 366 30.54 -1.41 30.75
CA ASP A 366 31.87 -2.04 30.73
C ASP A 366 32.10 -2.78 32.04
N ASP A 367 31.78 -2.15 33.18
CA ASP A 367 31.99 -2.74 34.53
C ASP A 367 31.15 -4.03 34.67
N LEU A 368 29.92 -4.04 34.15
CA LEU A 368 29.05 -5.25 34.08
C LEU A 368 29.73 -6.33 33.23
N GLY A 369 30.23 -5.96 32.06
CA GLY A 369 31.02 -6.85 31.17
C GLY A 369 32.11 -7.57 31.94
N LYS A 370 33.07 -6.83 32.49
CA LYS A 370 34.26 -7.40 33.16
C LYS A 370 33.82 -8.36 34.26
N ALA A 371 32.91 -7.91 35.14
CA ALA A 371 32.31 -8.68 36.25
C ALA A 371 31.72 -10.01 35.75
N ALA A 372 31.18 -10.03 34.53
CA ALA A 372 30.65 -11.26 33.90
C ALA A 372 31.83 -12.11 33.40
N GLY A 373 32.96 -11.47 33.09
CA GLY A 373 34.25 -12.14 32.78
C GLY A 373 34.70 -11.96 31.34
N PHE A 374 33.95 -11.20 30.53
CA PHE A 374 34.38 -10.76 29.18
C PHE A 374 35.72 -10.03 29.33
N ILE A 375 36.56 -10.08 28.29
CA ILE A 375 37.97 -9.58 28.33
C ILE A 375 38.05 -8.26 27.57
N LYS A 376 37.08 -7.98 26.68
CA LYS A 376 37.12 -6.74 25.87
C LYS A 376 35.74 -6.09 25.82
N THR A 377 35.69 -4.76 25.96
CA THR A 377 34.51 -3.90 25.71
C THR A 377 34.82 -2.99 24.51
N ILE A 378 34.02 -3.04 23.46
CA ILE A 378 34.16 -2.08 22.32
C ILE A 378 32.84 -1.33 22.20
N PRO A 379 32.86 -0.06 22.66
CA PRO A 379 31.73 0.84 22.50
C PRO A 379 31.63 1.36 21.05
N ILE A 380 30.46 1.26 20.41
CA ILE A 380 30.29 1.55 18.95
C ILE A 380 29.12 2.53 18.75
N PRO A 381 29.39 3.85 18.93
CA PRO A 381 28.42 4.90 18.66
C PRO A 381 27.68 4.73 17.33
N ILE A 382 26.35 4.87 17.33
CA ILE A 382 25.45 4.68 16.14
C ILE A 382 24.83 6.01 15.72
N SER A 383 24.09 6.70 16.60
CA SER A 383 23.23 7.90 16.31
C SER A 383 22.62 8.46 17.59
N ASN A 384 22.88 9.72 17.91
CA ASN A 384 22.26 10.45 19.03
C ASN A 384 22.14 9.55 20.29
N GLY A 385 23.21 8.88 20.69
CA GLY A 385 23.32 8.16 21.98
C GLY A 385 23.13 6.65 21.84
N LEU A 386 22.45 6.22 20.78
CA LEU A 386 22.33 4.78 20.42
C LEU A 386 23.73 4.16 20.36
N HIS A 387 23.99 3.11 21.12
CA HIS A 387 25.23 2.33 20.92
C HIS A 387 24.90 0.90 20.47
N VAL A 388 25.97 0.24 20.06
CA VAL A 388 26.13 -1.23 20.04
C VAL A 388 27.37 -1.47 20.90
N ILE A 389 27.21 -2.16 22.02
CA ILE A 389 28.36 -2.48 22.89
C ILE A 389 28.65 -3.95 22.63
N GLU A 390 29.93 -4.26 22.41
CA GLU A 390 30.49 -5.61 22.26
C GLU A 390 31.22 -5.97 23.57
N PHE A 391 30.78 -7.02 24.26
CA PHE A 391 31.60 -7.75 25.28
C PHE A 391 32.19 -9.00 24.61
N HIS A 392 33.50 -9.03 24.36
CA HIS A 392 34.24 -10.16 23.73
C HIS A 392 34.70 -11.16 24.80
N LYS A 393 34.40 -12.45 24.57
CA LYS A 393 34.86 -13.63 25.35
C LYS A 393 35.85 -14.43 24.50
N CYS B 37 6.18 -3.18 -17.64
CA CYS B 37 4.86 -3.00 -16.95
C CYS B 37 4.08 -4.32 -17.01
N TYR B 38 4.20 -5.17 -15.98
CA TYR B 38 3.51 -6.47 -15.85
C TYR B 38 2.03 -6.39 -16.25
N LEU B 39 1.31 -5.33 -15.88
CA LEU B 39 -0.17 -5.31 -15.94
C LEU B 39 -0.65 -4.74 -17.28
N SER B 40 0.26 -4.24 -18.13
CA SER B 40 0.01 -4.08 -19.59
C SER B 40 0.25 -5.42 -20.31
N GLU B 41 1.32 -6.15 -19.94
CA GLU B 41 1.69 -7.44 -20.59
C GLU B 41 0.77 -8.59 -20.16
N THR B 42 -0.04 -8.44 -19.11
CA THR B 42 -1.01 -9.49 -18.67
C THR B 42 -2.07 -9.66 -19.75
N ALA B 43 -2.34 -8.56 -20.47
CA ALA B 43 -3.39 -8.45 -21.49
C ALA B 43 -2.78 -8.81 -22.85
N ASN B 44 -1.65 -8.20 -23.23
CA ASN B 44 -0.94 -8.47 -24.53
C ASN B 44 -0.67 -9.97 -24.64
N LEU B 45 -0.33 -10.64 -23.54
CA LEU B 45 0.04 -12.07 -23.58
C LEU B 45 -1.18 -12.91 -23.19
N GLY B 46 -2.02 -12.44 -22.28
CA GLY B 46 -3.09 -13.27 -21.70
C GLY B 46 -4.26 -13.48 -22.66
N LYS B 47 -4.51 -12.52 -23.54
CA LYS B 47 -5.64 -12.53 -24.50
C LYS B 47 -5.38 -13.53 -25.63
N LEU B 48 -4.11 -13.83 -25.90
CA LEU B 48 -3.65 -14.56 -27.11
C LEU B 48 -4.45 -15.85 -27.31
N ILE B 49 -4.66 -16.67 -26.27
CA ILE B 49 -5.48 -17.91 -26.37
C ILE B 49 -6.97 -17.56 -26.38
N CYS B 50 -7.38 -16.47 -25.73
CA CYS B 50 -8.82 -16.13 -25.51
C CYS B 50 -9.49 -15.76 -26.83
N ILE B 51 -8.87 -14.85 -27.59
CA ILE B 51 -9.37 -14.40 -28.90
C ILE B 51 -9.71 -15.62 -29.78
N PRO B 52 -8.75 -16.52 -30.11
CA PRO B 52 -9.06 -17.66 -30.97
C PRO B 52 -10.13 -18.59 -30.37
N MET B 53 -10.02 -18.96 -29.10
CA MET B 53 -11.03 -19.87 -28.51
C MET B 53 -12.43 -19.24 -28.59
N ALA B 54 -12.54 -17.91 -28.70
CA ALA B 54 -13.81 -17.15 -28.70
C ALA B 54 -14.40 -17.09 -30.12
N LEU B 55 -13.61 -16.63 -31.09
CA LEU B 55 -13.88 -16.81 -32.53
C LEU B 55 -14.39 -18.24 -32.73
N ARG B 56 -13.71 -19.24 -32.18
CA ARG B 56 -14.07 -20.64 -32.47
C ARG B 56 -15.56 -20.84 -32.13
N ALA B 57 -16.00 -20.51 -30.92
CA ALA B 57 -17.40 -20.71 -30.45
C ALA B 57 -18.38 -19.87 -31.28
N ALA B 58 -18.12 -18.57 -31.43
CA ALA B 58 -18.87 -17.67 -32.36
C ALA B 58 -19.10 -18.35 -33.72
N MET B 59 -18.09 -19.00 -34.31
CA MET B 59 -18.19 -19.70 -35.62
C MET B 59 -19.06 -20.96 -35.48
N GLU B 60 -18.76 -21.84 -34.51
CA GLU B 60 -19.55 -23.09 -34.30
C GLU B 60 -21.05 -22.78 -34.12
N LEU B 61 -21.41 -21.53 -33.80
CA LEU B 61 -22.79 -21.06 -33.49
C LEU B 61 -23.42 -20.30 -34.68
N ASN B 62 -22.63 -20.11 -35.76
CA ASN B 62 -23.00 -19.41 -37.03
C ASN B 62 -23.38 -17.96 -36.72
N VAL B 63 -22.83 -17.36 -35.65
CA VAL B 63 -23.00 -15.89 -35.35
C VAL B 63 -22.82 -15.14 -36.68
N PHE B 64 -21.58 -15.01 -37.16
CA PHE B 64 -21.17 -14.06 -38.24
C PHE B 64 -22.14 -14.11 -39.43
N GLN B 65 -22.76 -15.27 -39.66
CA GLN B 65 -23.70 -15.49 -40.80
C GLN B 65 -25.02 -14.77 -40.51
N LEU B 66 -25.54 -14.94 -39.28
CA LEU B 66 -26.81 -14.38 -38.72
C LEU B 66 -26.70 -12.85 -38.57
N ILE B 67 -25.52 -12.25 -38.71
CA ILE B 67 -25.34 -10.78 -38.82
C ILE B 67 -25.59 -10.40 -40.28
N SER B 68 -25.08 -11.17 -41.24
CA SER B 68 -25.34 -10.96 -42.69
C SER B 68 -26.85 -10.74 -42.84
N LYS B 69 -27.62 -11.77 -42.45
CA LYS B 69 -29.11 -11.89 -42.56
C LYS B 69 -29.86 -10.62 -42.15
N PHE B 70 -29.54 -9.99 -41.01
CA PHE B 70 -30.09 -8.67 -40.58
C PHE B 70 -29.63 -7.58 -41.56
N GLY B 71 -28.96 -7.98 -42.65
CA GLY B 71 -28.68 -7.11 -43.80
C GLY B 71 -27.26 -6.56 -43.78
N THR B 72 -26.98 -5.67 -44.74
CA THR B 72 -25.68 -4.95 -44.92
C THR B 72 -25.57 -3.90 -43.81
N ASP B 73 -24.33 -3.52 -43.47
CA ASP B 73 -23.92 -2.48 -42.48
C ASP B 73 -24.83 -2.50 -41.25
N ALA B 74 -25.39 -3.68 -40.91
CA ALA B 74 -26.31 -3.95 -39.76
C ALA B 74 -25.57 -3.76 -38.43
N LYS B 75 -26.27 -3.98 -37.30
CA LYS B 75 -25.75 -3.82 -35.90
C LYS B 75 -26.67 -4.55 -34.91
N VAL B 76 -26.88 -5.87 -35.08
CA VAL B 76 -27.79 -6.72 -34.23
C VAL B 76 -27.21 -6.90 -32.81
N SER B 77 -28.07 -7.29 -31.87
CA SER B 77 -27.74 -7.55 -30.44
C SER B 77 -27.51 -9.04 -30.21
N ALA B 78 -27.01 -9.38 -29.03
CA ALA B 78 -26.77 -10.76 -28.59
C ALA B 78 -28.12 -11.43 -28.32
N SER B 79 -29.12 -10.65 -27.92
CA SER B 79 -30.50 -11.13 -27.67
C SER B 79 -31.17 -11.47 -29.01
N GLU B 80 -31.00 -10.58 -30.01
CA GLU B 80 -31.51 -10.73 -31.41
C GLU B 80 -30.95 -12.02 -32.02
N ILE B 81 -29.62 -12.18 -31.93
CA ILE B 81 -28.85 -13.29 -32.58
C ILE B 81 -29.12 -14.62 -31.87
N ALA B 82 -29.55 -14.60 -30.60
CA ALA B 82 -30.00 -15.80 -29.84
C ALA B 82 -31.51 -16.00 -30.03
N SER B 83 -32.22 -14.94 -30.43
CA SER B 83 -33.56 -14.98 -31.04
C SER B 83 -33.53 -16.01 -32.17
N LYS B 84 -32.83 -15.68 -33.25
CA LYS B 84 -32.58 -16.56 -34.43
C LYS B 84 -31.47 -17.56 -34.10
N MET B 85 -31.79 -18.71 -33.50
CA MET B 85 -30.84 -19.81 -33.16
C MET B 85 -31.59 -21.08 -32.77
N PRO B 86 -31.46 -22.17 -33.56
CA PRO B 86 -32.31 -23.34 -33.34
C PRO B 86 -32.01 -24.01 -31.99
N ASN B 87 -30.74 -24.39 -31.79
CA ASN B 87 -30.27 -25.22 -30.65
C ASN B 87 -30.52 -24.46 -29.33
N ALA B 88 -30.58 -23.12 -29.39
CA ALA B 88 -30.50 -22.20 -28.23
C ALA B 88 -31.88 -21.88 -27.64
N LYS B 89 -32.98 -22.10 -28.39
CA LYS B 89 -34.37 -21.67 -28.03
C LYS B 89 -34.60 -21.79 -26.52
N ASN B 90 -34.35 -22.96 -25.91
CA ASN B 90 -34.79 -23.32 -24.53
C ASN B 90 -33.73 -22.99 -23.46
N ASN B 91 -33.01 -21.85 -23.56
CA ASN B 91 -32.02 -21.39 -22.54
C ASN B 91 -32.23 -19.89 -22.24
N PRO B 92 -32.81 -19.54 -21.07
CA PRO B 92 -33.09 -18.14 -20.76
C PRO B 92 -31.81 -17.30 -20.72
N GLU B 93 -30.70 -17.91 -20.28
CA GLU B 93 -29.41 -17.22 -19.99
C GLU B 93 -28.75 -16.82 -21.32
N ALA B 94 -28.74 -17.77 -22.28
CA ALA B 94 -28.21 -17.68 -23.67
C ALA B 94 -27.79 -16.27 -24.08
N ALA B 95 -28.75 -15.38 -24.32
CA ALA B 95 -28.50 -14.00 -24.79
C ALA B 95 -27.37 -13.35 -23.97
N MET B 96 -27.43 -13.47 -22.63
CA MET B 96 -26.49 -12.83 -21.66
C MET B 96 -25.05 -13.25 -21.98
N TYR B 97 -24.87 -14.55 -22.18
CA TYR B 97 -23.56 -15.25 -22.35
C TYR B 97 -22.90 -14.83 -23.66
N LEU B 98 -23.45 -15.26 -24.79
CA LEU B 98 -22.99 -14.83 -26.14
C LEU B 98 -22.49 -13.37 -26.10
N ASP B 99 -23.15 -12.46 -25.37
CA ASP B 99 -22.70 -11.05 -25.31
C ASP B 99 -21.24 -11.04 -24.83
N ARG B 100 -20.94 -11.87 -23.83
CA ARG B 100 -19.60 -12.00 -23.17
C ARG B 100 -18.60 -12.57 -24.18
N ILE B 101 -18.96 -13.60 -24.98
CA ILE B 101 -18.15 -14.03 -26.18
C ILE B 101 -18.01 -12.84 -27.15
N LEU B 102 -19.11 -12.31 -27.69
CA LEU B 102 -19.04 -11.35 -28.83
C LEU B 102 -18.25 -10.11 -28.40
N ARG B 103 -18.48 -9.66 -27.15
CA ARG B 103 -17.76 -8.52 -26.50
C ARG B 103 -16.24 -8.63 -26.75
N LEU B 104 -15.70 -9.84 -26.65
CA LEU B 104 -14.22 -10.07 -26.71
C LEU B 104 -13.74 -9.80 -28.14
N LEU B 105 -14.56 -10.19 -29.12
CA LEU B 105 -14.24 -10.07 -30.56
C LEU B 105 -14.39 -8.59 -30.90
N GLY B 106 -15.45 -7.97 -30.37
CA GLY B 106 -15.65 -6.51 -30.39
C GLY B 106 -14.34 -5.79 -30.08
N ALA B 107 -13.69 -6.22 -28.99
CA ALA B 107 -12.54 -5.52 -28.38
C ALA B 107 -11.33 -5.61 -29.30
N SER B 108 -11.12 -6.77 -29.95
CA SER B 108 -9.91 -7.11 -30.76
C SER B 108 -9.92 -6.43 -32.14
N SER B 109 -11.05 -5.86 -32.55
CA SER B 109 -11.23 -5.18 -33.86
C SER B 109 -11.62 -6.23 -34.91
N ILE B 110 -12.21 -7.35 -34.46
CA ILE B 110 -12.82 -8.40 -35.35
C ILE B 110 -14.26 -7.97 -35.67
N LEU B 111 -14.83 -7.10 -34.85
CA LEU B 111 -16.27 -6.77 -34.84
C LEU B 111 -16.46 -5.27 -34.61
N SER B 112 -17.47 -4.69 -35.26
CA SER B 112 -18.16 -3.45 -34.84
C SER B 112 -18.79 -3.72 -33.46
N VAL B 113 -18.50 -2.88 -32.46
CA VAL B 113 -19.28 -2.85 -31.17
C VAL B 113 -19.75 -1.40 -30.98
N SER B 114 -21.07 -1.22 -30.76
CA SER B 114 -21.77 0.04 -30.40
C SER B 114 -22.69 -0.19 -29.19
N THR B 115 -23.02 0.89 -28.45
CA THR B 115 -23.87 0.88 -27.22
C THR B 115 -25.16 1.72 -27.45
N THR B 116 -26.34 1.20 -27.07
CA THR B 116 -27.65 1.92 -27.05
C THR B 116 -28.40 1.61 -25.74
N LYS B 117 -29.04 2.62 -25.14
CA LYS B 117 -29.72 2.51 -23.81
C LYS B 117 -31.20 2.11 -24.01
N LYS B 118 -31.50 0.81 -24.16
CA LYS B 118 -32.88 0.27 -24.34
C LYS B 118 -33.53 0.16 -22.95
N SER B 119 -34.83 -0.20 -22.88
CA SER B 119 -35.71 -0.12 -21.67
C SER B 119 -35.00 -0.61 -20.40
N ILE B 120 -35.28 0.01 -19.24
CA ILE B 120 -34.81 -0.45 -17.88
C ILE B 120 -36.04 -0.83 -17.05
N ASN B 121 -36.81 -1.82 -17.53
CA ASN B 121 -38.08 -2.35 -16.94
C ASN B 121 -38.72 -3.32 -17.94
N HIS B 130 -29.35 -1.28 -21.16
CA HIS B 130 -28.10 -0.62 -21.64
C HIS B 130 -27.28 -1.61 -22.51
N GLU B 131 -27.78 -2.01 -23.70
CA GLU B 131 -27.34 -3.21 -24.48
C GLU B 131 -26.08 -2.93 -25.35
N LYS B 132 -25.48 -4.02 -25.85
CA LYS B 132 -24.29 -4.06 -26.73
C LYS B 132 -24.72 -4.55 -28.12
N LEU B 133 -24.26 -3.86 -29.18
CA LEU B 133 -24.66 -4.10 -30.60
C LEU B 133 -23.41 -4.44 -31.44
N TYR B 134 -23.37 -5.66 -31.98
CA TYR B 134 -22.20 -6.20 -32.70
C TYR B 134 -22.49 -6.19 -34.21
N GLY B 135 -21.64 -5.52 -34.99
CA GLY B 135 -21.68 -5.51 -36.46
C GLY B 135 -20.61 -6.40 -37.08
N LEU B 136 -20.59 -6.47 -38.42
CA LEU B 136 -19.54 -7.17 -39.21
C LEU B 136 -18.43 -6.17 -39.53
N THR B 137 -17.30 -6.64 -40.05
CA THR B 137 -16.20 -5.81 -40.61
C THR B 137 -15.33 -6.62 -41.58
N ASN B 138 -14.51 -5.93 -42.38
CA ASN B 138 -13.56 -6.52 -43.37
C ASN B 138 -13.33 -8.00 -43.04
N SER B 139 -12.72 -8.25 -41.87
CA SER B 139 -12.30 -9.59 -41.41
C SER B 139 -13.52 -10.46 -41.07
N SER B 140 -14.48 -9.92 -40.31
CA SER B 140 -15.72 -10.64 -39.93
C SER B 140 -16.54 -11.03 -41.17
N CYS B 141 -16.38 -10.30 -42.29
CA CYS B 141 -17.08 -10.57 -43.59
C CYS B 141 -16.55 -11.89 -44.18
N CYS B 142 -15.23 -12.08 -44.17
CA CYS B 142 -14.53 -13.27 -44.74
C CYS B 142 -14.94 -14.58 -44.05
N LEU B 143 -15.74 -14.53 -42.99
CA LEU B 143 -16.26 -15.74 -42.31
C LEU B 143 -17.79 -15.80 -42.51
N VAL B 144 -18.28 -15.01 -43.50
CA VAL B 144 -19.70 -14.91 -43.95
C VAL B 144 -19.83 -15.73 -45.24
N PRO B 145 -20.43 -16.95 -45.17
CA PRO B 145 -20.53 -17.85 -46.32
C PRO B 145 -21.18 -17.20 -47.55
N ARG B 146 -20.59 -17.45 -48.73
CA ARG B 146 -20.90 -16.76 -50.03
C ARG B 146 -22.23 -17.27 -50.58
N GLN B 147 -22.95 -16.45 -51.34
CA GLN B 147 -24.34 -16.72 -51.80
C GLN B 147 -24.34 -17.94 -52.75
N GLU B 148 -23.29 -18.05 -53.58
CA GLU B 148 -23.20 -18.94 -54.78
C GLU B 148 -22.53 -20.30 -54.46
N ASP B 149 -21.50 -20.32 -53.61
CA ASP B 149 -20.62 -21.50 -53.34
C ASP B 149 -20.62 -21.89 -51.85
N GLY B 150 -20.96 -20.95 -50.95
CA GLY B 150 -20.81 -21.12 -49.48
C GLY B 150 -19.36 -21.16 -49.05
N VAL B 151 -18.42 -20.74 -49.92
CA VAL B 151 -16.96 -20.63 -49.64
C VAL B 151 -16.78 -19.44 -48.68
N SER B 152 -16.25 -19.72 -47.49
CA SER B 152 -15.85 -18.75 -46.43
C SER B 152 -14.49 -19.20 -45.91
N LEU B 153 -13.84 -18.44 -45.01
CA LEU B 153 -12.65 -18.93 -44.28
C LEU B 153 -13.04 -19.78 -43.04
N VAL B 154 -14.32 -20.06 -42.79
CA VAL B 154 -14.69 -20.73 -41.51
C VAL B 154 -14.33 -22.22 -41.56
N GLU B 155 -14.12 -22.81 -42.73
CA GLU B 155 -13.82 -24.26 -42.83
C GLU B 155 -12.34 -24.49 -42.47
N GLU B 156 -11.49 -23.54 -42.87
CA GLU B 156 -10.02 -23.60 -42.76
C GLU B 156 -9.59 -23.09 -41.36
N LEU B 157 -10.18 -22.01 -40.85
CA LEU B 157 -9.92 -21.53 -39.46
C LEU B 157 -10.47 -22.54 -38.43
N LEU B 158 -11.65 -23.13 -38.67
CA LEU B 158 -12.21 -24.23 -37.83
C LEU B 158 -11.25 -25.43 -37.85
N PHE B 159 -10.38 -25.49 -38.87
CA PHE B 159 -9.38 -26.56 -39.04
C PHE B 159 -8.17 -26.26 -38.13
N THR B 160 -7.50 -25.14 -38.40
CA THR B 160 -6.25 -24.70 -37.70
C THR B 160 -6.49 -24.54 -36.19
N SER B 161 -7.71 -24.22 -35.73
CA SER B 161 -8.07 -24.02 -34.30
C SER B 161 -8.79 -25.26 -33.75
N ASP B 162 -8.63 -26.43 -34.37
CA ASP B 162 -9.39 -27.66 -34.01
C ASP B 162 -8.69 -28.44 -32.90
N LYS B 163 -9.44 -29.03 -31.97
CA LYS B 163 -8.85 -29.77 -30.81
C LYS B 163 -7.72 -30.69 -31.29
N VAL B 164 -7.98 -31.53 -32.28
CA VAL B 164 -7.03 -32.56 -32.82
C VAL B 164 -5.67 -31.90 -33.10
N VAL B 165 -5.69 -30.67 -33.63
CA VAL B 165 -4.46 -29.95 -34.02
C VAL B 165 -3.94 -29.17 -32.81
N VAL B 166 -4.83 -28.65 -31.97
CA VAL B 166 -4.39 -27.91 -30.74
C VAL B 166 -3.65 -28.92 -29.87
N ASP B 167 -4.23 -30.10 -29.65
CA ASP B 167 -3.63 -31.11 -28.75
C ASP B 167 -2.26 -31.45 -29.32
N SER B 168 -2.10 -31.42 -30.65
CA SER B 168 -0.80 -31.68 -31.29
C SER B 168 0.15 -30.55 -30.86
N PHE B 169 -0.34 -29.32 -30.97
CA PHE B 169 0.43 -28.09 -30.63
C PHE B 169 0.91 -28.16 -29.17
N PHE B 170 0.11 -28.77 -28.28
CA PHE B 170 0.41 -28.81 -26.83
C PHE B 170 1.73 -29.55 -26.58
N LYS B 171 2.21 -30.28 -27.60
CA LYS B 171 3.49 -31.04 -27.60
C LYS B 171 4.46 -30.51 -28.68
N LEU B 172 4.32 -29.25 -29.14
CA LEU B 172 5.30 -28.67 -30.11
C LEU B 172 6.71 -28.71 -29.49
N LYS B 173 6.85 -28.79 -28.17
CA LYS B 173 8.20 -28.84 -27.55
C LYS B 173 8.87 -30.17 -27.91
N CYS B 174 8.09 -31.26 -27.92
CA CYS B 174 8.60 -32.64 -28.13
C CYS B 174 9.38 -32.70 -29.44
N VAL B 175 9.03 -31.87 -30.42
CA VAL B 175 9.72 -31.79 -31.74
C VAL B 175 11.14 -31.27 -31.52
N VAL B 176 11.36 -30.47 -30.46
CA VAL B 176 12.68 -29.84 -30.16
C VAL B 176 13.47 -30.70 -29.18
N GLU B 177 12.79 -31.41 -28.30
CA GLU B 177 13.46 -32.16 -27.20
C GLU B 177 13.85 -33.56 -27.70
N GLU B 178 12.97 -34.24 -28.43
CA GLU B 178 13.12 -35.65 -28.86
C GLU B 178 13.45 -35.71 -30.37
N LYS B 179 14.66 -36.14 -30.75
CA LYS B 179 15.00 -36.48 -32.17
C LYS B 179 13.82 -37.28 -32.75
N ASP B 180 13.48 -36.97 -34.00
CA ASP B 180 12.46 -37.66 -34.84
C ASP B 180 11.19 -37.92 -34.00
N SER B 181 10.76 -36.95 -33.19
CA SER B 181 9.43 -36.95 -32.55
C SER B 181 8.45 -36.14 -33.42
N VAL B 182 7.16 -36.45 -33.33
CA VAL B 182 6.09 -35.75 -34.09
C VAL B 182 4.93 -35.47 -33.13
N PRO B 183 4.65 -34.17 -32.87
CA PRO B 183 3.69 -33.78 -31.85
C PRO B 183 2.32 -34.46 -31.97
N PHE B 184 1.85 -34.76 -33.18
CA PHE B 184 0.54 -35.42 -33.36
C PHE B 184 0.54 -36.79 -32.66
N GLU B 185 1.63 -37.54 -32.83
CA GLU B 185 1.70 -38.98 -32.42
C GLU B 185 1.87 -39.03 -30.91
N VAL B 186 2.67 -38.10 -30.34
CA VAL B 186 2.84 -37.95 -28.87
C VAL B 186 1.45 -37.67 -28.28
N ALA B 187 0.63 -36.90 -28.97
CA ALA B 187 -0.64 -36.39 -28.44
C ALA B 187 -1.74 -37.43 -28.60
N HIS B 188 -1.67 -38.27 -29.63
CA HIS B 188 -2.87 -39.03 -30.06
C HIS B 188 -2.62 -40.55 -30.03
N GLY B 189 -1.37 -41.00 -30.07
CA GLY B 189 -0.98 -42.43 -30.17
C GLY B 189 -1.44 -43.10 -31.45
N ALA B 190 -1.36 -42.38 -32.57
CA ALA B 190 -1.81 -42.81 -33.93
C ALA B 190 -1.12 -41.92 -34.97
N LYS B 191 -0.91 -42.43 -36.18
CA LYS B 191 -0.39 -41.61 -37.30
C LYS B 191 -1.53 -40.69 -37.75
N ILE B 192 -1.19 -39.55 -38.36
CA ILE B 192 -2.26 -38.61 -38.77
C ILE B 192 -3.23 -39.38 -39.67
N PHE B 193 -2.73 -40.26 -40.55
CA PHE B 193 -3.52 -40.96 -41.59
C PHE B 193 -4.31 -42.12 -40.98
N GLU B 194 -3.65 -42.93 -40.13
CA GLU B 194 -4.36 -43.89 -39.24
C GLU B 194 -5.58 -43.18 -38.62
N TYR B 195 -5.33 -42.04 -37.99
CA TYR B 195 -6.33 -41.30 -37.19
C TYR B 195 -7.50 -40.95 -38.11
N ALA B 196 -7.23 -40.17 -39.16
CA ALA B 196 -8.25 -39.58 -40.05
C ALA B 196 -9.18 -40.68 -40.57
N ALA B 197 -8.62 -41.85 -40.90
CA ALA B 197 -9.35 -43.05 -41.35
C ALA B 197 -10.36 -43.50 -40.27
N THR B 198 -9.88 -43.69 -39.02
CA THR B 198 -10.67 -44.22 -37.87
C THR B 198 -11.75 -43.20 -37.45
N GLU B 199 -11.63 -41.90 -37.79
CA GLU B 199 -12.39 -40.77 -37.17
C GLU B 199 -12.99 -39.80 -38.20
N PRO B 200 -14.14 -40.13 -38.82
CA PRO B 200 -14.83 -39.24 -39.75
C PRO B 200 -14.87 -37.74 -39.41
N ARG B 201 -15.22 -37.38 -38.17
CA ARG B 201 -15.42 -35.96 -37.72
C ARG B 201 -14.13 -35.17 -37.98
N MET B 202 -12.97 -35.83 -37.94
CA MET B 202 -11.63 -35.22 -38.21
C MET B 202 -11.43 -35.11 -39.72
N ASN B 203 -11.79 -36.16 -40.45
CA ASN B 203 -11.68 -36.19 -41.93
C ASN B 203 -12.51 -35.03 -42.49
N GLN B 204 -13.72 -34.82 -41.96
CA GLN B 204 -14.64 -33.77 -42.48
C GLN B 204 -13.93 -32.42 -42.34
N VAL B 205 -13.46 -32.11 -41.13
CA VAL B 205 -12.75 -30.84 -40.83
C VAL B 205 -11.59 -30.68 -41.80
N PHE B 206 -10.70 -31.68 -41.87
CA PHE B 206 -9.39 -31.57 -42.58
C PHE B 206 -9.62 -31.36 -44.09
N ASN B 207 -10.40 -32.22 -44.73
CA ASN B 207 -10.67 -32.11 -46.18
C ASN B 207 -11.46 -30.82 -46.43
N ASP B 208 -12.65 -30.67 -45.84
CA ASP B 208 -13.51 -29.44 -45.96
C ASP B 208 -12.62 -28.21 -45.77
N GLY B 209 -11.57 -28.28 -44.94
CA GLY B 209 -10.69 -27.15 -44.58
C GLY B 209 -9.71 -26.81 -45.68
N MET B 210 -9.01 -27.83 -46.18
CA MET B 210 -7.96 -27.64 -47.22
C MET B 210 -8.72 -27.41 -48.54
N ALA B 211 -9.95 -27.91 -48.62
CA ALA B 211 -10.80 -27.82 -49.82
C ALA B 211 -11.05 -26.35 -50.14
N VAL B 212 -11.77 -25.67 -49.24
CA VAL B 212 -12.22 -24.26 -49.36
C VAL B 212 -11.00 -23.36 -49.57
N PHE B 213 -9.99 -23.49 -48.72
CA PHE B 213 -8.73 -22.72 -48.79
C PHE B 213 -8.13 -22.81 -50.20
N SER B 214 -8.15 -24.00 -50.81
CA SER B 214 -7.58 -24.29 -52.15
C SER B 214 -8.28 -23.42 -53.21
N ILE B 215 -9.61 -23.24 -53.04
CA ILE B 215 -10.48 -22.39 -53.90
C ILE B 215 -9.98 -20.93 -53.87
N VAL B 216 -9.96 -20.33 -52.68
CA VAL B 216 -9.50 -18.93 -52.46
C VAL B 216 -8.11 -18.77 -53.10
N VAL B 217 -7.22 -19.76 -52.97
CA VAL B 217 -5.82 -19.71 -53.49
C VAL B 217 -5.91 -19.67 -55.03
N PHE B 218 -6.78 -20.50 -55.62
CA PHE B 218 -6.89 -20.61 -57.09
C PHE B 218 -7.48 -19.31 -57.65
N GLU B 219 -8.71 -18.95 -57.26
CA GLU B 219 -9.38 -17.68 -57.66
C GLU B 219 -8.35 -16.57 -57.86
N ALA B 220 -7.38 -16.49 -56.95
CA ALA B 220 -6.32 -15.47 -56.88
C ALA B 220 -5.18 -15.80 -57.85
N VAL B 221 -4.84 -17.09 -58.01
CA VAL B 221 -3.84 -17.47 -59.06
C VAL B 221 -4.41 -17.03 -60.41
N PHE B 222 -5.70 -17.34 -60.62
CA PHE B 222 -6.47 -17.11 -61.87
C PHE B 222 -6.66 -15.62 -62.14
N ARG B 223 -6.55 -14.73 -61.15
CA ARG B 223 -6.65 -13.27 -61.41
C ARG B 223 -5.30 -12.70 -61.86
N VAL B 224 -4.18 -13.41 -61.66
CA VAL B 224 -2.82 -12.79 -61.83
C VAL B 224 -2.00 -13.57 -62.87
N TYR B 225 -1.84 -14.88 -62.69
CA TYR B 225 -1.02 -15.75 -63.58
C TYR B 225 -1.63 -15.82 -64.99
N ASP B 226 -0.88 -15.44 -66.03
CA ASP B 226 -1.35 -15.49 -67.44
C ASP B 226 -0.97 -16.83 -68.08
N GLY B 227 0.23 -17.35 -67.78
CA GLY B 227 1.00 -18.35 -68.55
C GLY B 227 0.28 -19.68 -68.81
N PHE B 228 -0.98 -19.80 -68.41
CA PHE B 228 -1.87 -20.92 -68.76
C PHE B 228 -2.38 -20.84 -70.20
N LEU B 229 -2.53 -19.65 -70.82
CA LEU B 229 -3.22 -19.55 -72.15
C LEU B 229 -2.40 -20.40 -73.13
N ASP B 230 -1.10 -20.15 -73.29
CA ASP B 230 -0.30 -20.75 -74.40
C ASP B 230 0.19 -22.17 -74.05
N MET B 231 -0.40 -22.82 -73.04
CA MET B 231 -0.07 -24.22 -72.66
C MET B 231 -1.02 -25.19 -73.37
N LYS B 232 -0.49 -26.28 -73.94
CA LYS B 232 -1.28 -27.37 -74.58
C LYS B 232 -1.34 -28.61 -73.64
N GLU B 233 -0.38 -28.76 -72.72
CA GLU B 233 -0.32 -29.89 -71.78
C GLU B 233 0.09 -29.41 -70.37
N LEU B 234 -0.70 -29.84 -69.37
CA LEU B 234 -0.39 -29.70 -67.92
C LEU B 234 -0.57 -31.03 -67.20
N LEU B 235 0.54 -31.56 -66.70
CA LEU B 235 0.61 -32.69 -65.74
C LEU B 235 0.69 -32.09 -64.33
N ASP B 236 -0.15 -32.54 -63.38
CA ASP B 236 -0.15 -32.07 -61.97
C ASP B 236 0.48 -33.15 -61.10
N VAL B 237 1.81 -33.12 -60.88
CA VAL B 237 2.52 -34.07 -59.96
C VAL B 237 1.97 -33.85 -58.54
N GLY B 238 1.56 -34.94 -57.89
CA GLY B 238 0.84 -34.94 -56.61
C GLY B 238 -0.46 -34.15 -56.67
N GLY B 239 -1.28 -34.36 -57.69
CA GLY B 239 -2.48 -33.54 -57.89
C GLY B 239 -3.64 -34.03 -57.05
N GLY B 240 -3.45 -35.08 -56.24
CA GLY B 240 -4.50 -35.75 -55.45
C GLY B 240 -5.59 -36.28 -56.37
N ILE B 241 -6.88 -36.04 -56.02
CA ILE B 241 -8.08 -36.42 -56.84
C ILE B 241 -8.16 -35.60 -58.12
N GLY B 242 -7.31 -34.57 -58.31
CA GLY B 242 -7.20 -33.84 -59.59
C GLY B 242 -8.17 -32.67 -59.74
N THR B 243 -8.88 -32.26 -58.69
CA THR B 243 -9.70 -31.02 -58.69
C THR B 243 -8.84 -29.82 -59.14
N SER B 244 -7.61 -29.68 -58.68
CA SER B 244 -6.75 -28.54 -59.09
C SER B 244 -6.69 -28.49 -60.62
N VAL B 245 -6.37 -29.61 -61.28
CA VAL B 245 -6.03 -29.62 -62.75
C VAL B 245 -7.30 -29.51 -63.62
N SER B 246 -8.45 -30.03 -63.14
CA SER B 246 -9.79 -29.91 -63.77
C SER B 246 -10.26 -28.45 -63.82
N LYS B 247 -10.15 -27.75 -62.69
CA LYS B 247 -10.48 -26.30 -62.56
C LYS B 247 -9.62 -25.52 -63.56
N ILE B 248 -8.37 -25.91 -63.78
CA ILE B 248 -7.45 -25.19 -64.73
C ILE B 248 -7.87 -25.47 -66.17
N VAL B 249 -8.52 -26.61 -66.40
CA VAL B 249 -8.85 -27.13 -67.77
C VAL B 249 -10.23 -26.59 -68.17
N ALA B 250 -11.08 -26.31 -67.18
CA ALA B 250 -12.36 -25.60 -67.36
C ALA B 250 -12.09 -24.20 -67.94
N LYS B 251 -11.07 -23.51 -67.45
CA LYS B 251 -10.88 -22.06 -67.71
C LYS B 251 -9.92 -21.91 -68.88
N TYR B 252 -9.24 -22.99 -69.27
CA TYR B 252 -8.28 -23.03 -70.40
C TYR B 252 -8.33 -24.43 -71.01
N PRO B 253 -9.35 -24.76 -71.84
CA PRO B 253 -9.55 -26.13 -72.29
C PRO B 253 -8.70 -26.54 -73.50
N LEU B 254 -7.82 -25.67 -74.00
CA LEU B 254 -6.72 -26.03 -74.95
C LEU B 254 -5.69 -26.91 -74.24
N ILE B 255 -5.76 -27.01 -72.92
CA ILE B 255 -4.79 -27.80 -72.09
C ILE B 255 -5.29 -29.23 -71.98
N ARG B 256 -4.51 -30.19 -72.52
CA ARG B 256 -4.69 -31.62 -72.17
C ARG B 256 -4.28 -31.77 -70.71
N GLY B 257 -5.24 -32.04 -69.82
CA GLY B 257 -4.98 -32.12 -68.37
C GLY B 257 -4.67 -33.53 -67.92
N VAL B 258 -3.47 -33.75 -67.36
CA VAL B 258 -3.07 -35.03 -66.70
C VAL B 258 -2.99 -34.79 -65.19
N ASN B 259 -3.64 -35.66 -64.41
CA ASN B 259 -3.58 -35.68 -62.92
C ASN B 259 -2.81 -36.92 -62.46
N PHE B 260 -1.70 -36.75 -61.76
CA PHE B 260 -0.81 -37.85 -61.31
C PHE B 260 -0.71 -37.87 -59.79
N ASP B 261 -1.12 -38.94 -59.11
CA ASP B 261 -0.93 -39.09 -57.63
C ASP B 261 -0.67 -40.58 -57.29
N LEU B 262 -0.99 -41.01 -56.06
CA LEU B 262 -0.69 -42.38 -55.54
C LEU B 262 -1.87 -43.30 -55.87
N PRO B 263 -1.62 -44.61 -56.15
CA PRO B 263 -2.69 -45.59 -56.38
C PRO B 263 -3.99 -45.33 -55.61
N HIS B 264 -3.94 -45.29 -54.27
CA HIS B 264 -5.15 -45.21 -53.42
C HIS B 264 -5.87 -43.86 -53.58
N VAL B 265 -5.15 -42.77 -53.91
CA VAL B 265 -5.73 -41.41 -54.20
C VAL B 265 -6.30 -41.44 -55.63
N ILE B 266 -5.46 -41.69 -56.67
CA ILE B 266 -5.86 -41.64 -58.12
C ILE B 266 -7.01 -42.65 -58.30
N SER B 267 -6.99 -43.73 -57.53
CA SER B 267 -8.01 -44.80 -57.45
C SER B 267 -9.44 -44.26 -57.22
N VAL B 268 -9.58 -43.19 -56.45
CA VAL B 268 -10.88 -42.77 -55.85
C VAL B 268 -11.20 -41.35 -56.35
N ALA B 269 -10.59 -40.96 -57.46
CA ALA B 269 -10.89 -39.70 -58.19
C ALA B 269 -12.21 -39.86 -58.97
N PRO B 270 -12.98 -38.78 -59.15
CA PRO B 270 -14.10 -38.80 -60.08
C PRO B 270 -13.58 -38.36 -61.45
N GLN B 271 -14.17 -38.91 -62.53
CA GLN B 271 -13.71 -38.69 -63.93
C GLN B 271 -14.10 -37.28 -64.39
N TYR B 272 -13.16 -36.34 -64.27
CA TYR B 272 -13.30 -34.92 -64.69
C TYR B 272 -13.13 -34.81 -66.20
N PRO B 273 -13.97 -34.01 -66.89
CA PRO B 273 -13.68 -33.56 -68.25
C PRO B 273 -12.27 -32.95 -68.42
N GLY B 274 -11.61 -33.19 -69.57
CA GLY B 274 -10.31 -32.61 -69.95
C GLY B 274 -9.11 -33.20 -69.18
N VAL B 275 -9.35 -34.24 -68.37
CA VAL B 275 -8.41 -34.75 -67.32
C VAL B 275 -8.21 -36.27 -67.47
N GLU B 276 -6.96 -36.73 -67.55
CA GLU B 276 -6.55 -38.17 -67.52
C GLU B 276 -5.79 -38.44 -66.22
N HIS B 277 -6.30 -39.35 -65.38
CA HIS B 277 -5.61 -39.82 -64.14
C HIS B 277 -4.49 -40.80 -64.49
N VAL B 278 -3.41 -40.73 -63.72
CA VAL B 278 -2.22 -41.60 -63.78
C VAL B 278 -1.79 -41.92 -62.33
N ALA B 279 -1.40 -43.15 -62.05
CA ALA B 279 -0.97 -43.59 -60.71
C ALA B 279 0.52 -43.89 -60.74
N GLY B 280 1.21 -43.76 -59.61
CA GLY B 280 2.67 -43.90 -59.52
C GLY B 280 3.20 -43.48 -58.16
N ASP B 281 4.52 -43.21 -58.13
CA ASP B 281 5.32 -42.81 -56.95
C ASP B 281 6.28 -41.74 -57.50
N MET B 282 6.00 -40.47 -57.21
CA MET B 282 6.62 -39.32 -57.89
C MET B 282 8.13 -39.36 -57.67
N PHE B 283 8.58 -40.17 -56.68
CA PHE B 283 9.98 -40.38 -56.29
C PHE B 283 10.61 -41.52 -57.13
N GLU B 284 9.79 -42.34 -57.80
CA GLU B 284 10.23 -43.40 -58.75
C GLU B 284 10.40 -42.79 -60.15
N GLU B 285 9.31 -42.43 -60.83
CA GLU B 285 9.33 -41.65 -62.11
C GLU B 285 8.04 -40.84 -62.23
N VAL B 286 8.16 -39.58 -62.72
CA VAL B 286 7.00 -38.71 -63.06
C VAL B 286 6.63 -39.01 -64.52
N PRO B 287 5.34 -39.22 -64.84
CA PRO B 287 4.84 -39.09 -66.21
C PRO B 287 5.46 -37.92 -66.99
N LYS B 288 5.24 -37.92 -68.31
CA LYS B 288 5.87 -36.95 -69.24
C LYS B 288 4.79 -35.92 -69.56
N GLY B 289 5.19 -34.63 -69.65
CA GLY B 289 4.30 -33.50 -70.04
C GLY B 289 5.11 -32.27 -70.43
N GLN B 290 4.55 -31.40 -71.30
CA GLN B 290 5.21 -30.15 -71.77
C GLN B 290 5.39 -29.22 -70.58
N ASN B 291 4.42 -29.24 -69.66
CA ASN B 291 4.46 -28.49 -68.38
C ASN B 291 3.96 -29.35 -67.21
N MET B 292 4.45 -29.02 -66.02
CA MET B 292 4.11 -29.71 -64.75
C MET B 292 3.71 -28.67 -63.68
N LEU B 293 2.91 -29.11 -62.70
CA LEU B 293 2.41 -28.31 -61.56
C LEU B 293 2.65 -29.07 -60.24
N LEU B 294 3.19 -28.36 -59.24
CA LEU B 294 3.48 -28.87 -57.87
C LEU B 294 2.89 -27.91 -56.83
N LYS B 295 1.58 -27.97 -56.61
CA LYS B 295 0.90 -27.09 -55.62
C LYS B 295 0.85 -27.83 -54.29
N TRP B 296 1.51 -27.29 -53.28
CA TRP B 296 1.55 -27.87 -51.90
C TRP B 296 2.11 -29.29 -51.94
N VAL B 297 3.14 -29.47 -52.76
CA VAL B 297 3.91 -30.75 -52.78
C VAL B 297 5.25 -30.51 -52.05
N LEU B 298 6.13 -29.70 -52.64
CA LEU B 298 7.51 -29.44 -52.15
C LEU B 298 7.57 -29.24 -50.63
N HIS B 299 6.52 -28.68 -50.03
CA HIS B 299 6.54 -28.27 -48.61
C HIS B 299 6.25 -29.44 -47.66
N ASP B 300 6.16 -30.67 -48.14
CA ASP B 300 5.96 -31.89 -47.31
C ASP B 300 7.29 -32.63 -47.10
N TRP B 301 8.37 -32.17 -47.76
CA TRP B 301 9.58 -33.00 -47.97
C TRP B 301 10.84 -32.16 -47.77
N GLY B 302 11.85 -32.74 -47.10
CA GLY B 302 13.17 -32.16 -46.86
C GLY B 302 13.91 -31.99 -48.17
N ASP B 303 14.94 -31.14 -48.21
CA ASP B 303 15.61 -30.74 -49.47
C ASP B 303 16.09 -31.96 -50.24
N GLU B 304 16.42 -33.06 -49.54
CA GLU B 304 16.92 -34.32 -50.15
C GLU B 304 15.88 -34.85 -51.15
N ARG B 305 14.66 -35.16 -50.68
CA ARG B 305 13.58 -35.81 -51.50
C ARG B 305 12.89 -34.81 -52.45
N CYS B 306 13.05 -33.49 -52.24
CA CYS B 306 12.50 -32.46 -53.17
C CYS B 306 13.25 -32.59 -54.50
N VAL B 307 14.60 -32.53 -54.45
CA VAL B 307 15.50 -32.59 -55.65
C VAL B 307 15.52 -33.98 -56.27
N LYS B 308 15.02 -35.03 -55.59
CA LYS B 308 14.63 -36.26 -56.31
C LYS B 308 13.39 -35.88 -57.12
N LEU B 309 12.21 -35.70 -56.50
CA LEU B 309 10.97 -35.32 -57.28
C LEU B 309 11.41 -34.37 -58.39
N LEU B 310 12.19 -33.35 -58.04
CA LEU B 310 12.42 -32.22 -58.97
C LEU B 310 13.31 -32.65 -60.14
N LYS B 311 14.10 -33.73 -60.00
CA LYS B 311 14.88 -34.32 -61.14
C LYS B 311 13.95 -35.22 -62.00
N ASN B 312 13.21 -36.12 -61.36
CA ASN B 312 12.19 -36.98 -62.01
C ASN B 312 11.27 -36.12 -62.89
N CYS B 313 11.13 -34.83 -62.56
CA CYS B 313 10.35 -33.83 -63.35
C CYS B 313 11.20 -33.41 -64.55
N TRP B 314 12.39 -32.86 -64.28
CA TRP B 314 13.39 -32.42 -65.29
C TRP B 314 13.56 -33.49 -66.39
N ASN B 315 13.60 -34.78 -66.02
CA ASN B 315 13.67 -35.90 -67.00
C ASN B 315 12.35 -35.95 -67.77
N SER B 316 11.27 -36.33 -67.10
CA SER B 316 9.94 -36.59 -67.72
C SER B 316 9.37 -35.33 -68.36
N LEU B 317 10.08 -34.18 -68.32
CA LEU B 317 9.62 -32.88 -68.87
C LEU B 317 10.50 -32.52 -70.06
N PRO B 318 9.97 -31.91 -71.15
CA PRO B 318 10.77 -31.51 -72.32
C PRO B 318 11.37 -30.11 -72.29
N VAL B 319 12.56 -29.93 -72.90
CA VAL B 319 13.29 -28.63 -72.97
C VAL B 319 12.35 -27.55 -73.52
N GLY B 320 12.31 -26.39 -72.85
CA GLY B 320 11.43 -25.24 -73.17
C GLY B 320 10.23 -25.17 -72.24
N GLY B 321 9.72 -26.36 -71.86
CA GLY B 321 8.64 -26.56 -70.88
C GLY B 321 9.12 -26.32 -69.45
N LYS B 322 8.16 -26.15 -68.53
CA LYS B 322 8.43 -25.65 -67.16
C LYS B 322 7.66 -26.43 -66.10
N VAL B 323 8.05 -26.20 -64.84
CA VAL B 323 7.39 -26.73 -63.61
C VAL B 323 6.91 -25.55 -62.78
N LEU B 324 5.69 -25.66 -62.30
CA LEU B 324 5.00 -24.61 -61.52
C LEU B 324 4.94 -25.05 -60.05
N ILE B 325 5.70 -24.34 -59.21
CA ILE B 325 5.61 -24.43 -57.73
C ILE B 325 4.57 -23.42 -57.23
N ILE B 326 3.41 -23.88 -56.77
CA ILE B 326 2.43 -23.02 -56.06
C ILE B 326 2.50 -23.35 -54.56
N GLU B 327 3.20 -22.48 -53.82
CA GLU B 327 3.40 -22.50 -52.34
C GLU B 327 3.27 -21.06 -51.83
N PHE B 328 3.04 -20.88 -50.53
CA PHE B 328 3.21 -19.58 -49.82
C PHE B 328 4.68 -19.44 -49.47
N VAL B 329 5.31 -18.37 -49.94
CA VAL B 329 6.77 -18.18 -49.78
C VAL B 329 7.05 -17.44 -48.49
N LEU B 330 8.03 -17.96 -47.76
CA LEU B 330 8.68 -17.35 -46.57
C LEU B 330 9.44 -16.12 -47.05
N PRO B 331 8.98 -14.90 -46.71
CA PRO B 331 9.69 -13.66 -47.07
C PRO B 331 11.09 -13.58 -46.45
N ASN B 332 12.05 -12.93 -47.12
CA ASN B 332 13.45 -12.78 -46.63
C ASN B 332 13.43 -12.20 -45.21
N GLU B 333 12.57 -11.21 -44.97
CA GLU B 333 12.48 -10.50 -43.68
C GLU B 333 11.05 -10.61 -43.16
N LEU B 334 10.85 -11.19 -41.97
CA LEU B 334 9.48 -11.47 -41.41
C LEU B 334 8.97 -10.26 -40.63
N GLY B 335 7.64 -10.17 -40.39
CA GLY B 335 6.97 -9.06 -39.69
C GLY B 335 5.49 -9.34 -39.38
N ASN B 336 4.74 -8.28 -39.03
CA ASN B 336 3.29 -8.41 -38.69
C ASN B 336 2.41 -8.12 -39.92
N ASN B 337 2.80 -8.64 -41.10
CA ASN B 337 2.02 -8.63 -42.37
C ASN B 337 1.42 -10.04 -42.61
N ALA B 338 0.77 -10.26 -43.76
CA ALA B 338 0.20 -11.58 -44.14
C ALA B 338 1.23 -12.38 -44.92
N GLU B 339 2.05 -11.71 -45.74
CA GLU B 339 3.21 -12.29 -46.47
C GLU B 339 4.04 -13.16 -45.49
N SER B 340 4.07 -12.81 -44.20
CA SER B 340 4.85 -13.55 -43.15
C SER B 340 4.02 -14.68 -42.54
N PHE B 341 2.83 -14.40 -42.04
CA PHE B 341 2.02 -15.34 -41.22
C PHE B 341 1.32 -16.38 -42.13
N ASN B 342 1.31 -16.15 -43.45
CA ASN B 342 0.66 -17.07 -44.42
C ASN B 342 1.57 -18.29 -44.62
N ALA B 343 2.89 -18.07 -44.46
CA ALA B 343 3.97 -19.10 -44.53
C ALA B 343 4.34 -19.63 -43.13
N LEU B 344 4.09 -18.85 -42.06
CA LEU B 344 4.36 -19.27 -40.66
C LEU B 344 3.21 -20.18 -40.18
N ILE B 345 1.94 -19.76 -40.31
CA ILE B 345 0.76 -20.59 -39.85
C ILE B 345 1.00 -22.04 -40.31
N PRO B 346 1.29 -22.31 -41.61
CA PRO B 346 1.47 -23.70 -42.06
C PRO B 346 2.71 -24.40 -41.50
N ASP B 347 3.86 -23.71 -41.56
CA ASP B 347 5.18 -24.20 -41.10
C ASP B 347 5.05 -24.68 -39.65
N LEU B 348 4.22 -24.02 -38.84
CA LEU B 348 3.86 -24.54 -37.49
C LEU B 348 2.95 -25.76 -37.64
N LEU B 349 1.87 -25.64 -38.40
CA LEU B 349 0.94 -26.77 -38.67
C LEU B 349 1.78 -28.00 -39.03
N LEU B 350 2.80 -27.79 -39.87
CA LEU B 350 3.68 -28.87 -40.34
C LEU B 350 4.44 -29.39 -39.13
N MET B 351 5.11 -28.48 -38.42
CA MET B 351 5.90 -28.84 -37.21
C MET B 351 5.05 -29.69 -36.25
N ALA B 352 3.74 -29.50 -36.21
CA ALA B 352 2.87 -30.25 -35.29
C ALA B 352 2.46 -31.60 -35.89
N LEU B 353 2.28 -31.66 -37.23
CA LEU B 353 1.50 -32.71 -37.95
C LEU B 353 2.38 -33.53 -38.92
N ASN B 354 3.33 -32.88 -39.60
CA ASN B 354 4.35 -33.54 -40.43
C ASN B 354 5.63 -32.72 -40.27
N PRO B 355 6.36 -32.93 -39.16
CA PRO B 355 7.61 -32.21 -38.90
C PRO B 355 8.65 -32.40 -40.01
N GLY B 356 8.49 -33.45 -40.82
CA GLY B 356 9.38 -33.71 -41.96
C GLY B 356 9.40 -32.56 -42.96
N GLY B 357 8.24 -31.93 -43.15
CA GLY B 357 8.05 -30.86 -44.14
C GLY B 357 8.57 -29.52 -43.63
N LYS B 358 8.57 -28.48 -44.47
CA LYS B 358 8.97 -27.11 -44.09
C LYS B 358 8.61 -26.13 -45.20
N GLU B 359 8.38 -24.87 -44.80
CA GLU B 359 8.15 -23.72 -45.71
C GLU B 359 9.51 -23.13 -46.08
N ARG B 360 9.59 -22.31 -47.14
CA ARG B 360 10.92 -21.97 -47.74
C ARG B 360 10.88 -20.60 -48.44
N THR B 361 12.05 -20.05 -48.70
CA THR B 361 12.24 -18.65 -49.14
C THR B 361 12.39 -18.67 -50.66
N ILE B 362 12.19 -17.56 -51.37
CA ILE B 362 12.36 -17.52 -52.85
C ILE B 362 13.71 -18.18 -53.18
N SER B 363 14.76 -17.88 -52.40
CA SER B 363 16.11 -18.43 -52.61
C SER B 363 16.09 -19.96 -52.45
N GLU B 364 15.55 -20.47 -51.33
CA GLU B 364 15.61 -21.93 -50.97
C GLU B 364 14.96 -22.77 -52.07
N TYR B 365 13.88 -22.26 -52.67
CA TYR B 365 13.15 -22.89 -53.80
C TYR B 365 14.12 -22.95 -55.01
N ASP B 366 14.64 -21.81 -55.46
CA ASP B 366 15.67 -21.74 -56.52
C ASP B 366 16.77 -22.83 -56.29
N ASP B 367 17.56 -22.73 -55.21
CA ASP B 367 18.51 -23.78 -54.75
C ASP B 367 18.00 -25.19 -55.04
N LEU B 368 16.76 -25.51 -54.62
CA LEU B 368 16.10 -26.80 -54.96
C LEU B 368 16.09 -26.96 -56.48
N GLY B 369 15.45 -26.04 -57.21
CA GLY B 369 15.28 -26.12 -58.67
C GLY B 369 16.58 -26.37 -59.42
N LYS B 370 17.65 -25.65 -59.06
CA LYS B 370 18.92 -25.63 -59.83
C LYS B 370 19.67 -26.94 -59.57
N ALA B 371 19.81 -27.35 -58.31
CA ALA B 371 20.23 -28.72 -57.89
C ALA B 371 19.61 -29.79 -58.80
N ALA B 372 18.35 -29.66 -59.20
CA ALA B 372 17.63 -30.65 -60.03
C ALA B 372 17.90 -30.41 -61.52
N GLY B 373 18.65 -29.35 -61.85
CA GLY B 373 19.10 -29.04 -63.23
C GLY B 373 18.66 -27.66 -63.67
N PHE B 374 17.35 -27.41 -63.61
CA PHE B 374 16.61 -26.24 -64.14
C PHE B 374 17.48 -24.98 -64.22
N ILE B 375 17.45 -24.33 -65.38
CA ILE B 375 18.46 -23.29 -65.79
C ILE B 375 18.03 -21.92 -65.24
N LYS B 376 16.73 -21.73 -64.96
CA LYS B 376 16.10 -20.41 -64.66
C LYS B 376 14.95 -20.58 -63.66
N THR B 377 14.91 -19.70 -62.65
CA THR B 377 13.83 -19.63 -61.63
C THR B 377 13.10 -18.31 -61.75
N ILE B 378 11.79 -18.36 -61.99
CA ILE B 378 10.93 -17.14 -62.16
C ILE B 378 9.88 -17.11 -61.06
N PRO B 379 10.09 -16.31 -60.00
CA PRO B 379 9.06 -16.09 -59.00
C PRO B 379 8.02 -15.11 -59.56
N ILE B 380 6.74 -15.48 -59.45
CA ILE B 380 5.57 -14.60 -59.76
C ILE B 380 4.65 -14.65 -58.54
N PRO B 381 4.56 -13.54 -57.78
CA PRO B 381 3.70 -13.49 -56.60
C PRO B 381 2.23 -13.34 -56.99
N ILE B 382 1.33 -14.23 -56.54
CA ILE B 382 -0.15 -14.05 -56.68
C ILE B 382 -0.61 -12.97 -55.67
N SER B 383 -0.59 -13.18 -54.34
CA SER B 383 -1.12 -12.19 -53.34
C SER B 383 -0.80 -12.60 -51.90
N ASN B 384 -0.56 -11.59 -51.05
CA ASN B 384 -0.39 -11.69 -49.57
C ASN B 384 0.53 -12.92 -49.28
N GLY B 385 1.63 -13.07 -50.05
CA GLY B 385 2.68 -14.10 -49.85
C GLY B 385 2.72 -15.19 -50.95
N LEU B 386 1.55 -15.60 -51.43
CA LEU B 386 1.38 -16.72 -52.41
C LEU B 386 2.11 -16.45 -53.73
N HIS B 387 3.05 -17.31 -54.11
CA HIS B 387 3.72 -17.27 -55.44
C HIS B 387 3.24 -18.42 -56.32
N VAL B 388 3.37 -18.19 -57.64
CA VAL B 388 3.58 -19.23 -58.67
C VAL B 388 5.04 -19.09 -59.08
N ILE B 389 5.91 -20.01 -58.67
CA ILE B 389 7.33 -20.06 -59.11
C ILE B 389 7.43 -21.05 -60.28
N GLU B 390 7.98 -20.56 -61.40
CA GLU B 390 8.24 -21.28 -62.67
C GLU B 390 9.70 -21.76 -62.70
N PHE B 391 9.91 -23.08 -62.79
CA PHE B 391 11.23 -23.69 -63.12
C PHE B 391 11.27 -24.07 -64.61
N HIS B 392 12.22 -23.48 -65.34
CA HIS B 392 12.46 -23.67 -66.79
C HIS B 392 13.58 -24.71 -67.03
N LYS B 393 13.52 -25.37 -68.19
CA LYS B 393 14.47 -26.43 -68.64
C LYS B 393 15.24 -25.93 -69.86
N VAL C 36 -13.85 -7.60 -48.99
CA VAL C 36 -13.68 -8.93 -48.33
C VAL C 36 -12.47 -9.63 -48.96
N CYS C 37 -11.23 -9.27 -48.58
CA CYS C 37 -9.95 -9.79 -49.16
C CYS C 37 -9.46 -11.08 -48.46
N TYR C 38 -9.84 -12.24 -48.99
CA TYR C 38 -9.75 -13.60 -48.37
C TYR C 38 -8.32 -13.98 -47.98
N LEU C 39 -7.32 -13.56 -48.76
CA LEU C 39 -5.93 -14.07 -48.63
C LEU C 39 -5.08 -13.06 -47.84
N SER C 40 -5.79 -12.19 -47.11
CA SER C 40 -5.25 -11.25 -46.10
C SER C 40 -5.70 -11.74 -44.71
N GLU C 41 -6.97 -12.14 -44.62
CA GLU C 41 -7.63 -12.51 -43.35
C GLU C 41 -7.25 -13.94 -42.96
N THR C 42 -6.77 -14.74 -43.92
CA THR C 42 -6.19 -16.08 -43.64
C THR C 42 -5.12 -15.90 -42.55
N ALA C 43 -4.30 -14.85 -42.70
CA ALA C 43 -3.19 -14.51 -41.80
C ALA C 43 -3.73 -13.79 -40.55
N ASN C 44 -4.52 -12.74 -40.71
CA ASN C 44 -5.08 -11.99 -39.55
C ASN C 44 -5.82 -12.98 -38.66
N LEU C 45 -6.69 -13.83 -39.19
CA LEU C 45 -7.44 -14.80 -38.35
C LEU C 45 -6.60 -16.05 -38.09
N GLY C 46 -5.63 -16.34 -38.96
CA GLY C 46 -4.88 -17.60 -38.93
C GLY C 46 -4.08 -17.69 -37.65
N LYS C 47 -3.28 -16.64 -37.39
CA LYS C 47 -2.20 -16.60 -36.37
C LYS C 47 -2.77 -16.84 -34.97
N LEU C 48 -4.06 -16.53 -34.78
CA LEU C 48 -4.72 -16.36 -33.46
C LEU C 48 -4.53 -17.59 -32.57
N ILE C 49 -4.70 -18.80 -33.10
CA ILE C 49 -4.40 -20.05 -32.35
C ILE C 49 -2.88 -20.25 -32.33
N CYS C 50 -2.23 -20.03 -33.47
CA CYS C 50 -0.79 -20.33 -33.61
C CYS C 50 -0.03 -19.69 -32.44
N ILE C 51 -0.08 -18.36 -32.33
CA ILE C 51 0.85 -17.56 -31.48
C ILE C 51 0.84 -18.07 -30.04
N PRO C 52 -0.31 -18.09 -29.33
CA PRO C 52 -0.41 -18.73 -28.03
C PRO C 52 0.43 -20.02 -27.90
N MET C 53 0.09 -21.02 -28.71
CA MET C 53 0.70 -22.36 -28.62
C MET C 53 2.21 -22.25 -28.83
N ALA C 54 2.64 -21.31 -29.67
CA ALA C 54 4.08 -21.08 -29.89
C ALA C 54 4.69 -20.52 -28.59
N LEU C 55 4.14 -19.42 -28.09
CA LEU C 55 4.54 -18.83 -26.80
C LEU C 55 4.56 -19.90 -25.71
N ARG C 56 3.51 -20.72 -25.63
CA ARG C 56 3.39 -21.73 -24.56
C ARG C 56 4.58 -22.67 -24.66
N ALA C 57 5.03 -22.95 -25.87
CA ALA C 57 6.15 -23.87 -26.16
C ALA C 57 7.45 -23.21 -25.73
N ALA C 58 7.63 -21.92 -26.00
CA ALA C 58 8.92 -21.24 -25.73
C ALA C 58 9.05 -21.08 -24.21
N MET C 59 7.91 -21.01 -23.53
CA MET C 59 7.85 -20.92 -22.04
C MET C 59 8.22 -22.29 -21.44
N GLU C 60 7.56 -23.38 -21.84
CA GLU C 60 7.86 -24.76 -21.36
C GLU C 60 9.36 -25.06 -21.59
N LEU C 61 9.96 -24.50 -22.64
CA LEU C 61 11.41 -24.68 -22.99
C LEU C 61 12.28 -23.59 -22.36
N ASN C 62 11.71 -22.76 -21.48
CA ASN C 62 12.46 -21.79 -20.63
C ASN C 62 13.36 -20.89 -21.53
N VAL C 63 12.84 -20.48 -22.68
CA VAL C 63 13.60 -19.74 -23.72
C VAL C 63 13.91 -18.32 -23.21
N PHE C 64 12.94 -17.66 -22.62
CA PHE C 64 13.09 -16.23 -22.33
C PHE C 64 14.14 -16.12 -21.21
N GLN C 65 14.01 -16.96 -20.19
CA GLN C 65 15.00 -17.06 -19.08
C GLN C 65 16.38 -17.20 -19.71
N LEU C 66 16.59 -18.29 -20.48
CA LEU C 66 17.86 -18.67 -21.18
C LEU C 66 18.38 -17.48 -22.02
N ILE C 67 17.54 -16.83 -22.83
CA ILE C 67 17.96 -15.64 -23.62
C ILE C 67 18.51 -14.58 -22.66
N SER C 68 17.94 -14.48 -21.45
CA SER C 68 18.30 -13.45 -20.43
C SER C 68 19.73 -13.67 -19.93
N LYS C 69 20.06 -14.94 -19.63
CA LYS C 69 21.34 -15.38 -19.03
C LYS C 69 22.54 -15.12 -19.98
N PHE C 70 22.34 -14.43 -21.12
CA PHE C 70 23.41 -14.06 -22.08
C PHE C 70 23.73 -12.57 -21.94
N GLY C 71 22.89 -11.85 -21.20
CA GLY C 71 23.05 -10.41 -20.99
C GLY C 71 21.94 -9.61 -21.62
N THR C 72 21.99 -8.29 -21.46
CA THR C 72 20.89 -7.35 -21.79
C THR C 72 21.04 -6.93 -23.25
N ASP C 73 19.92 -6.66 -23.93
CA ASP C 73 19.94 -6.34 -25.38
C ASP C 73 20.78 -7.40 -26.10
N ALA C 74 20.97 -8.57 -25.47
CA ALA C 74 21.66 -9.71 -26.10
C ALA C 74 20.80 -10.19 -27.28
N LYS C 75 21.45 -10.63 -28.34
CA LYS C 75 20.82 -11.29 -29.52
C LYS C 75 21.44 -12.68 -29.65
N VAL C 76 20.64 -13.74 -29.84
CA VAL C 76 21.16 -15.13 -29.76
C VAL C 76 20.50 -16.01 -30.84
N SER C 77 21.32 -16.82 -31.53
CA SER C 77 20.90 -17.95 -32.39
C SER C 77 19.94 -18.82 -31.59
N ALA C 78 19.06 -19.57 -32.28
CA ALA C 78 18.42 -20.79 -31.77
C ALA C 78 19.53 -21.83 -31.54
N SER C 79 20.52 -21.83 -32.45
CA SER C 79 21.84 -22.50 -32.33
C SER C 79 22.38 -22.31 -30.92
N GLU C 80 22.60 -21.03 -30.52
CA GLU C 80 23.21 -20.58 -29.24
C GLU C 80 22.30 -21.03 -28.07
N ILE C 81 20.98 -20.81 -28.18
CA ILE C 81 19.96 -21.03 -27.11
C ILE C 81 19.78 -22.53 -26.87
N ALA C 82 19.70 -23.32 -27.94
CA ALA C 82 19.37 -24.75 -27.84
C ALA C 82 20.55 -25.49 -27.20
N SER C 83 21.77 -24.97 -27.41
CA SER C 83 22.99 -25.28 -26.62
C SER C 83 22.62 -25.51 -25.16
N LYS C 84 21.99 -24.49 -24.54
CA LYS C 84 21.79 -24.39 -23.07
C LYS C 84 20.61 -25.28 -22.64
N MET C 85 20.10 -26.15 -23.50
CA MET C 85 18.94 -27.03 -23.18
C MET C 85 19.38 -28.46 -22.86
N PRO C 86 19.28 -28.86 -21.57
CA PRO C 86 19.59 -30.22 -21.14
C PRO C 86 18.89 -31.29 -21.99
N ASN C 87 17.56 -31.35 -21.92
CA ASN C 87 16.74 -32.44 -22.53
C ASN C 87 16.86 -32.41 -24.07
N ALA C 88 17.71 -31.52 -24.66
CA ALA C 88 17.84 -31.26 -26.11
C ALA C 88 19.17 -31.79 -26.68
N LYS C 89 20.15 -32.13 -25.82
CA LYS C 89 21.49 -32.63 -26.24
C LYS C 89 21.33 -33.89 -27.13
N ASN C 90 20.32 -34.72 -26.88
CA ASN C 90 20.13 -36.04 -27.57
C ASN C 90 19.14 -35.87 -28.74
N ASN C 91 19.23 -34.77 -29.49
CA ASN C 91 18.35 -34.42 -30.65
C ASN C 91 19.11 -33.48 -31.58
N PRO C 92 19.77 -34.02 -32.64
CA PRO C 92 20.61 -33.21 -33.52
C PRO C 92 19.84 -32.09 -34.22
N GLU C 93 18.53 -32.25 -34.44
CA GLU C 93 17.68 -31.34 -35.26
C GLU C 93 17.06 -30.22 -34.39
N ALA C 94 17.15 -30.35 -33.05
CA ALA C 94 16.69 -29.40 -32.02
C ALA C 94 16.80 -27.93 -32.45
N ALA C 95 18.00 -27.48 -32.79
CA ALA C 95 18.28 -26.10 -33.25
C ALA C 95 17.22 -25.61 -34.23
N MET C 96 17.11 -26.23 -35.41
CA MET C 96 16.30 -25.70 -36.54
C MET C 96 14.82 -25.71 -36.13
N TYR C 97 14.36 -26.77 -35.46
CA TYR C 97 12.96 -26.90 -35.00
C TYR C 97 12.65 -25.70 -34.10
N LEU C 98 13.56 -25.37 -33.19
CA LEU C 98 13.46 -24.15 -32.34
C LEU C 98 13.33 -22.90 -33.21
N ASP C 99 14.24 -22.68 -34.17
CA ASP C 99 14.28 -21.43 -34.99
C ASP C 99 12.90 -21.19 -35.62
N ARG C 100 12.24 -22.26 -36.03
CA ARG C 100 10.95 -22.20 -36.75
C ARG C 100 9.85 -21.62 -35.85
N ILE C 101 9.98 -21.80 -34.53
CA ILE C 101 9.07 -21.23 -33.49
C ILE C 101 9.46 -19.76 -33.22
N LEU C 102 10.66 -19.54 -32.73
CA LEU C 102 11.05 -18.19 -32.27
C LEU C 102 10.73 -17.22 -33.41
N ARG C 103 11.11 -17.59 -34.63
CA ARG C 103 10.71 -16.93 -35.90
C ARG C 103 9.28 -16.39 -35.81
N LEU C 104 8.32 -17.24 -35.47
CA LEU C 104 6.88 -16.88 -35.38
C LEU C 104 6.69 -15.82 -34.29
N LEU C 105 7.26 -16.04 -33.10
CA LEU C 105 7.15 -15.11 -31.95
C LEU C 105 7.76 -13.77 -32.38
N GLY C 106 8.91 -13.80 -33.06
CA GLY C 106 9.52 -12.62 -33.71
C GLY C 106 8.48 -11.80 -34.45
N ALA C 107 7.82 -12.40 -35.42
CA ALA C 107 6.75 -11.73 -36.19
C ALA C 107 5.67 -11.18 -35.25
N SER C 108 5.38 -11.89 -34.15
CA SER C 108 4.24 -11.62 -33.23
C SER C 108 4.66 -10.54 -32.21
N SER C 109 5.82 -9.89 -32.46
CA SER C 109 6.40 -8.72 -31.73
C SER C 109 6.97 -9.15 -30.36
N ILE C 110 6.80 -10.42 -30.01
CA ILE C 110 7.13 -11.00 -28.67
C ILE C 110 8.65 -11.19 -28.55
N LEU C 111 9.39 -11.24 -29.67
CA LEU C 111 10.88 -11.19 -29.68
C LEU C 111 11.37 -10.23 -30.78
N SER C 112 12.69 -10.01 -30.80
CA SER C 112 13.43 -9.19 -31.80
C SER C 112 14.40 -10.11 -32.55
N VAL C 113 14.28 -10.13 -33.87
CA VAL C 113 15.05 -11.02 -34.79
C VAL C 113 16.22 -10.21 -35.39
N SER C 114 17.37 -10.87 -35.67
CA SER C 114 18.60 -10.25 -36.26
C SER C 114 18.75 -10.65 -37.74
N THR C 115 19.70 -11.55 -38.07
CA THR C 115 20.31 -11.85 -39.42
C THR C 115 21.60 -11.03 -39.60
N LYS C 132 19.50 -15.93 -38.20
CA LYS C 132 18.68 -14.93 -37.44
C LYS C 132 18.90 -15.12 -35.93
N LEU C 133 19.16 -14.01 -35.23
CA LEU C 133 19.48 -13.97 -33.78
C LEU C 133 18.31 -13.26 -33.05
N TYR C 134 17.78 -13.88 -32.00
CA TYR C 134 16.55 -13.44 -31.29
C TYR C 134 16.98 -12.69 -30.02
N GLY C 135 16.10 -11.88 -29.44
CA GLY C 135 16.36 -11.19 -28.16
C GLY C 135 15.09 -10.78 -27.47
N LEU C 136 15.12 -10.55 -26.14
CA LEU C 136 13.92 -10.19 -25.32
C LEU C 136 13.49 -8.76 -25.65
N THR C 137 12.28 -8.43 -25.20
CA THR C 137 11.52 -7.18 -25.45
C THR C 137 10.62 -6.96 -24.22
N ASN C 138 9.96 -5.81 -24.16
CA ASN C 138 9.16 -5.38 -22.97
C ASN C 138 8.10 -6.47 -22.69
N SER C 139 7.44 -7.03 -23.71
CA SER C 139 6.48 -8.15 -23.53
C SER C 139 7.19 -9.40 -22.96
N SER C 140 8.44 -9.68 -23.36
CA SER C 140 9.12 -10.96 -23.03
C SER C 140 10.15 -10.80 -21.90
N CYS C 141 10.35 -9.59 -21.33
CA CYS C 141 11.03 -9.44 -20.02
C CYS C 141 10.09 -9.97 -18.92
N CYS C 142 8.80 -9.63 -18.99
CA CYS C 142 7.76 -10.07 -18.03
C CYS C 142 7.64 -11.60 -17.94
N LEU C 143 8.40 -12.32 -18.77
CA LEU C 143 8.34 -13.80 -18.89
C LEU C 143 9.59 -14.42 -18.28
N VAL C 144 10.54 -13.58 -17.87
CA VAL C 144 11.87 -13.97 -17.31
C VAL C 144 11.73 -13.94 -15.79
N PRO C 145 11.77 -15.10 -15.09
CA PRO C 145 11.85 -15.11 -13.62
C PRO C 145 12.76 -13.97 -13.13
N ARG C 146 12.37 -13.29 -12.04
CA ARG C 146 13.01 -12.07 -11.50
C ARG C 146 14.16 -12.46 -10.54
N GLN C 147 15.25 -11.67 -10.53
CA GLN C 147 16.45 -11.93 -9.69
C GLN C 147 15.97 -12.21 -8.25
N GLU C 148 15.44 -11.19 -7.58
CA GLU C 148 14.84 -11.26 -6.21
C GLU C 148 14.20 -12.65 -5.97
N ASP C 149 13.02 -12.97 -6.54
CA ASP C 149 12.08 -13.97 -5.95
C ASP C 149 11.43 -14.94 -6.94
N GLY C 150 11.83 -14.93 -8.23
CA GLY C 150 11.37 -15.90 -9.25
C GLY C 150 10.03 -15.52 -9.85
N VAL C 151 9.73 -14.22 -9.91
CA VAL C 151 8.38 -13.73 -10.28
C VAL C 151 8.40 -13.23 -11.73
N SER C 152 7.32 -13.57 -12.46
CA SER C 152 7.05 -13.32 -13.89
C SER C 152 5.58 -13.64 -14.13
N LEU C 153 5.03 -13.36 -15.31
CA LEU C 153 3.63 -13.74 -15.66
C LEU C 153 3.54 -15.25 -16.00
N VAL C 154 4.66 -15.96 -16.03
CA VAL C 154 4.76 -17.29 -16.64
C VAL C 154 3.77 -18.24 -15.94
N GLU C 155 3.93 -18.48 -14.65
CA GLU C 155 3.02 -19.39 -13.91
C GLU C 155 1.58 -19.05 -14.32
N GLU C 156 1.26 -17.76 -14.51
CA GLU C 156 -0.13 -17.33 -14.73
C GLU C 156 -0.57 -17.68 -16.15
N LEU C 157 0.07 -17.09 -17.16
CA LEU C 157 -0.17 -17.37 -18.60
C LEU C 157 -0.26 -18.88 -18.87
N LEU C 158 0.65 -19.67 -18.26
CA LEU C 158 0.61 -21.17 -18.29
C LEU C 158 -0.73 -21.70 -17.74
N PHE C 159 -1.30 -21.05 -16.74
CA PHE C 159 -2.62 -21.44 -16.23
C PHE C 159 -3.65 -21.07 -17.29
N THR C 160 -3.63 -19.79 -17.69
CA THR C 160 -4.50 -19.26 -18.77
C THR C 160 -4.59 -20.31 -19.88
N SER C 161 -3.45 -20.70 -20.45
CA SER C 161 -3.37 -21.57 -21.65
C SER C 161 -3.22 -23.06 -21.31
N ASP C 162 -3.51 -23.54 -20.10
CA ASP C 162 -3.37 -24.97 -19.73
C ASP C 162 -4.38 -25.81 -20.52
N LYS C 163 -4.01 -27.05 -20.86
CA LYS C 163 -4.89 -27.99 -21.59
C LYS C 163 -6.25 -28.05 -20.90
N VAL C 164 -6.28 -28.08 -19.56
CA VAL C 164 -7.56 -28.25 -18.79
C VAL C 164 -8.48 -27.05 -19.05
N VAL C 165 -7.95 -25.83 -18.98
CA VAL C 165 -8.74 -24.62 -19.36
C VAL C 165 -9.12 -24.77 -20.83
N VAL C 166 -8.12 -24.84 -21.71
CA VAL C 166 -8.28 -24.84 -23.20
C VAL C 166 -9.27 -25.92 -23.63
N ASP C 167 -9.28 -27.07 -22.96
CA ASP C 167 -10.31 -28.12 -23.16
C ASP C 167 -11.69 -27.58 -22.79
N SER C 168 -11.83 -26.87 -21.68
CA SER C 168 -13.12 -26.28 -21.27
C SER C 168 -13.54 -25.22 -22.32
N PHE C 169 -12.59 -24.44 -22.81
CA PHE C 169 -12.79 -23.31 -23.75
C PHE C 169 -13.38 -23.80 -25.08
N PHE C 170 -13.02 -25.03 -25.44
CA PHE C 170 -13.47 -25.75 -26.66
C PHE C 170 -14.99 -26.02 -26.60
N LYS C 171 -15.60 -25.89 -25.42
CA LYS C 171 -17.07 -26.02 -25.20
C LYS C 171 -17.67 -24.68 -24.78
N LEU C 172 -16.98 -23.53 -24.93
CA LEU C 172 -17.57 -22.22 -24.52
C LEU C 172 -18.97 -22.23 -25.16
N LYS C 173 -19.06 -22.41 -26.48
CA LYS C 173 -20.31 -22.73 -27.26
C LYS C 173 -21.46 -23.14 -26.32
N CYS C 174 -21.28 -24.20 -25.52
CA CYS C 174 -22.31 -24.82 -24.63
C CYS C 174 -22.92 -23.83 -23.62
N VAL C 175 -22.16 -22.87 -23.07
CA VAL C 175 -22.71 -21.83 -22.15
C VAL C 175 -23.82 -21.05 -22.89
N VAL C 176 -23.94 -21.18 -24.22
CA VAL C 176 -25.01 -20.52 -25.06
C VAL C 176 -26.16 -21.48 -25.41
N GLU C 177 -25.95 -22.80 -25.49
CA GLU C 177 -26.95 -23.76 -26.05
C GLU C 177 -27.75 -24.48 -24.94
N GLU C 178 -27.17 -24.67 -23.75
CA GLU C 178 -27.81 -25.39 -22.62
C GLU C 178 -27.82 -24.46 -21.40
N LYS C 179 -28.97 -24.39 -20.71
CA LYS C 179 -29.14 -23.65 -19.43
C LYS C 179 -28.39 -24.42 -18.34
N ASP C 180 -27.55 -23.70 -17.58
CA ASP C 180 -26.83 -24.17 -16.36
C ASP C 180 -25.75 -25.22 -16.75
N SER C 181 -25.31 -25.25 -18.01
CA SER C 181 -24.14 -26.05 -18.48
C SER C 181 -22.87 -25.23 -18.26
N VAL C 182 -21.97 -25.76 -17.41
CA VAL C 182 -20.58 -25.28 -17.16
C VAL C 182 -19.66 -25.98 -18.18
N PRO C 183 -19.08 -25.26 -19.18
CA PRO C 183 -18.16 -25.86 -20.13
C PRO C 183 -17.15 -26.87 -19.54
N PHE C 184 -16.68 -26.64 -18.32
CA PHE C 184 -15.66 -27.50 -17.65
C PHE C 184 -16.21 -28.92 -17.43
N GLU C 185 -17.47 -29.00 -16.99
CA GLU C 185 -18.17 -30.28 -16.69
C GLU C 185 -18.43 -31.02 -18.02
N VAL C 186 -18.97 -30.28 -19.00
CA VAL C 186 -19.15 -30.70 -20.43
C VAL C 186 -17.85 -31.38 -20.89
N ALA C 187 -16.70 -30.75 -20.64
CA ALA C 187 -15.36 -31.18 -21.12
C ALA C 187 -14.83 -32.38 -20.31
N HIS C 188 -14.75 -32.28 -18.97
CA HIS C 188 -13.97 -33.19 -18.10
C HIS C 188 -14.85 -34.20 -17.33
N GLY C 189 -16.16 -33.99 -17.19
CA GLY C 189 -17.07 -34.92 -16.47
C GLY C 189 -17.01 -34.86 -14.94
N ALA C 190 -16.37 -33.84 -14.35
CA ALA C 190 -16.41 -33.52 -12.90
C ALA C 190 -16.73 -32.02 -12.77
N LYS C 191 -16.54 -31.41 -11.59
CA LYS C 191 -16.67 -29.93 -11.36
C LYS C 191 -15.29 -29.36 -10.95
N ILE C 192 -15.03 -28.06 -11.17
CA ILE C 192 -13.66 -27.47 -10.95
C ILE C 192 -13.15 -28.08 -9.64
N PHE C 193 -13.99 -28.04 -8.59
CA PHE C 193 -13.74 -28.66 -7.26
C PHE C 193 -13.26 -30.11 -7.42
N GLU C 194 -14.22 -31.06 -7.54
CA GLU C 194 -14.06 -32.54 -7.57
C GLU C 194 -12.77 -33.00 -8.29
N TYR C 195 -12.50 -32.47 -9.48
CA TYR C 195 -11.40 -32.88 -10.40
C TYR C 195 -10.04 -32.49 -9.80
N ALA C 196 -10.00 -31.52 -8.89
CA ALA C 196 -8.80 -31.14 -8.10
C ALA C 196 -8.32 -32.35 -7.27
N ALA C 197 -9.26 -33.21 -6.83
CA ALA C 197 -9.01 -34.44 -6.03
C ALA C 197 -8.36 -35.52 -6.91
N THR C 198 -9.02 -35.92 -8.00
CA THR C 198 -8.47 -36.82 -9.05
C THR C 198 -7.13 -36.27 -9.56
N GLU C 199 -7.03 -34.96 -9.83
CA GLU C 199 -5.90 -34.32 -10.55
C GLU C 199 -5.26 -33.22 -9.71
N PRO C 200 -4.03 -33.44 -9.18
CA PRO C 200 -3.34 -32.42 -8.37
C PRO C 200 -2.58 -31.35 -9.19
N ARG C 201 -2.30 -31.61 -10.46
CA ARG C 201 -1.51 -30.66 -11.30
C ARG C 201 -2.42 -29.49 -11.66
N MET C 202 -3.69 -29.75 -12.00
CA MET C 202 -4.72 -28.69 -12.14
C MET C 202 -4.50 -27.69 -10.99
N ASN C 203 -4.35 -28.19 -9.76
CA ASN C 203 -4.28 -27.36 -8.52
C ASN C 203 -2.91 -26.66 -8.43
N GLN C 204 -1.79 -27.25 -8.85
CA GLN C 204 -0.47 -26.51 -8.85
C GLN C 204 -0.61 -25.33 -9.82
N VAL C 205 -0.79 -25.63 -11.11
CA VAL C 205 -0.91 -24.63 -12.20
C VAL C 205 -1.84 -23.52 -11.68
N PHE C 206 -3.10 -23.86 -11.34
CA PHE C 206 -4.15 -22.91 -10.86
C PHE C 206 -3.62 -22.04 -9.71
N ASN C 207 -3.06 -22.65 -8.65
CA ASN C 207 -2.62 -21.91 -7.44
C ASN C 207 -1.31 -21.17 -7.74
N ASP C 208 -0.24 -21.84 -8.18
CA ASP C 208 1.06 -21.16 -8.47
C ASP C 208 0.83 -19.93 -9.37
N GLY C 209 -0.16 -20.00 -10.28
CA GLY C 209 -0.53 -18.91 -11.21
C GLY C 209 -1.08 -17.69 -10.48
N MET C 210 -2.08 -17.89 -9.60
CA MET C 210 -2.70 -16.80 -8.83
C MET C 210 -1.74 -16.33 -7.74
N ALA C 211 -0.91 -17.24 -7.22
CA ALA C 211 0.10 -16.87 -6.20
C ALA C 211 1.02 -15.80 -6.78
N VAL C 212 1.57 -16.04 -7.96
CA VAL C 212 2.54 -15.12 -8.61
C VAL C 212 1.79 -13.86 -9.13
N PHE C 213 0.53 -14.01 -9.54
CA PHE C 213 -0.29 -12.89 -10.06
C PHE C 213 -0.60 -11.89 -8.93
N SER C 214 -1.09 -12.38 -7.78
CA SER C 214 -1.34 -11.54 -6.57
C SER C 214 -0.11 -10.68 -6.28
N ILE C 215 1.07 -11.26 -6.22
CA ILE C 215 2.33 -10.51 -5.94
C ILE C 215 2.41 -9.30 -6.86
N VAL C 216 2.08 -9.47 -8.12
CA VAL C 216 2.29 -8.47 -9.21
C VAL C 216 1.24 -7.37 -9.04
N VAL C 217 0.00 -7.77 -8.78
CA VAL C 217 -1.16 -6.86 -8.55
C VAL C 217 -0.85 -5.95 -7.36
N PHE C 218 -0.61 -6.53 -6.19
CA PHE C 218 -0.31 -5.81 -4.93
C PHE C 218 0.92 -4.89 -5.11
N GLU C 219 1.93 -5.27 -5.88
CA GLU C 219 3.11 -4.38 -6.11
C GLU C 219 2.63 -3.10 -6.82
N ALA C 220 1.60 -3.18 -7.66
CA ALA C 220 0.98 -2.01 -8.32
C ALA C 220 0.23 -1.18 -7.29
N VAL C 221 -0.62 -1.84 -6.50
CA VAL C 221 -1.49 -1.24 -5.45
C VAL C 221 -0.65 -0.36 -4.52
N PHE C 222 0.35 -0.97 -3.86
CA PHE C 222 1.22 -0.31 -2.86
C PHE C 222 1.99 0.88 -3.45
N ARG C 223 1.81 1.19 -4.73
CA ARG C 223 2.51 2.35 -5.36
C ARG C 223 1.49 3.44 -5.75
N VAL C 224 0.18 3.17 -5.64
CA VAL C 224 -0.88 4.09 -6.15
C VAL C 224 -1.93 4.34 -5.06
N TYR C 225 -2.26 3.30 -4.29
CA TYR C 225 -3.11 3.34 -3.07
C TYR C 225 -2.32 3.92 -1.89
N ASP C 226 -2.95 4.82 -1.13
CA ASP C 226 -2.32 5.53 0.02
C ASP C 226 -3.03 5.13 1.34
N GLY C 227 -4.12 4.36 1.26
CA GLY C 227 -5.02 4.02 2.40
C GLY C 227 -4.53 2.92 3.34
N PHE C 228 -3.27 2.49 3.26
CA PHE C 228 -2.72 1.57 4.29
C PHE C 228 -1.94 2.41 5.30
N LEU C 229 -1.43 3.58 4.86
CA LEU C 229 -0.56 4.48 5.66
C LEU C 229 -1.24 4.75 7.02
N ASP C 230 -2.57 4.89 7.05
CA ASP C 230 -3.38 5.22 8.26
C ASP C 230 -4.35 4.09 8.63
N MET C 231 -3.86 2.86 8.91
CA MET C 231 -4.71 1.67 9.23
C MET C 231 -4.02 0.91 10.37
N LYS C 232 -4.80 0.20 11.17
CA LYS C 232 -4.25 -0.61 12.31
C LYS C 232 -4.89 -2.01 12.34
N GLU C 233 -6.00 -2.20 11.64
CA GLU C 233 -6.83 -3.45 11.64
C GLU C 233 -7.26 -3.77 10.20
N LEU C 234 -6.91 -4.94 9.64
CA LEU C 234 -7.38 -5.33 8.29
C LEU C 234 -7.92 -6.77 8.31
N LEU C 235 -9.17 -6.92 7.88
CA LEU C 235 -9.83 -8.24 7.75
C LEU C 235 -9.86 -8.61 6.25
N ASP C 236 -9.17 -9.70 5.89
CA ASP C 236 -9.09 -10.23 4.51
C ASP C 236 -10.19 -11.30 4.40
N VAL C 237 -11.30 -10.91 3.81
CA VAL C 237 -12.53 -11.75 3.75
C VAL C 237 -12.41 -12.61 2.48
N GLY C 238 -12.62 -13.91 2.63
CA GLY C 238 -12.18 -14.93 1.65
C GLY C 238 -10.71 -14.77 1.33
N GLY C 239 -9.84 -14.77 2.33
CA GLY C 239 -8.43 -14.41 2.14
C GLY C 239 -7.55 -15.60 1.80
N GLY C 240 -8.15 -16.75 1.48
CA GLY C 240 -7.42 -18.00 1.22
C GLY C 240 -6.59 -18.41 2.42
N ILE C 241 -5.28 -18.55 2.26
CA ILE C 241 -4.31 -18.96 3.33
C ILE C 241 -3.63 -17.71 3.90
N GLY C 242 -4.05 -16.52 3.46
CA GLY C 242 -3.59 -15.23 3.99
C GLY C 242 -2.26 -14.78 3.41
N THR C 243 -1.73 -15.45 2.37
CA THR C 243 -0.54 -14.94 1.64
C THR C 243 -0.89 -13.49 1.23
N SER C 244 -2.12 -13.21 0.78
CA SER C 244 -2.53 -11.83 0.42
C SER C 244 -2.27 -10.89 1.61
N VAL C 245 -2.94 -11.10 2.75
CA VAL C 245 -2.96 -10.13 3.90
C VAL C 245 -1.55 -10.04 4.50
N SER C 246 -0.91 -11.18 4.72
CA SER C 246 0.46 -11.30 5.28
C SER C 246 1.42 -10.42 4.48
N LYS C 247 1.19 -10.26 3.16
CA LYS C 247 1.96 -9.36 2.28
C LYS C 247 1.80 -7.92 2.78
N ILE C 248 0.58 -7.46 3.00
CA ILE C 248 0.25 -6.05 3.38
C ILE C 248 0.93 -5.73 4.73
N VAL C 249 0.80 -6.66 5.66
CA VAL C 249 1.15 -6.50 7.09
C VAL C 249 2.66 -6.34 7.21
N ALA C 250 3.44 -7.14 6.49
CA ALA C 250 4.93 -7.06 6.51
C ALA C 250 5.37 -5.70 5.97
N LYS C 251 4.62 -5.17 5.00
CA LYS C 251 4.86 -3.90 4.27
C LYS C 251 4.56 -2.71 5.20
N TYR C 252 3.39 -2.76 5.89
CA TYR C 252 2.88 -1.77 6.88
C TYR C 252 2.66 -2.39 8.26
N PRO C 253 3.67 -2.43 9.16
CA PRO C 253 3.66 -3.34 10.31
C PRO C 253 2.68 -2.96 11.44
N LEU C 254 2.25 -1.70 11.52
CA LEU C 254 1.24 -1.24 12.51
C LEU C 254 -0.14 -1.84 12.22
N ILE C 255 -0.39 -2.33 11.01
CA ILE C 255 -1.64 -3.07 10.70
C ILE C 255 -1.48 -4.44 11.33
N ARG C 256 -2.48 -4.82 12.12
CA ARG C 256 -2.66 -6.21 12.59
C ARG C 256 -3.75 -6.76 11.68
N GLY C 257 -3.49 -7.87 11.01
CA GLY C 257 -4.41 -8.40 9.99
C GLY C 257 -5.09 -9.66 10.46
N VAL C 258 -6.28 -9.95 9.90
CA VAL C 258 -7.04 -11.21 10.12
C VAL C 258 -7.37 -11.84 8.76
N ASN C 259 -6.98 -13.10 8.58
CA ASN C 259 -7.37 -13.93 7.41
C ASN C 259 -8.64 -14.72 7.78
N PHE C 260 -9.69 -14.67 6.94
CA PHE C 260 -10.97 -15.40 7.19
C PHE C 260 -11.48 -16.08 5.91
N ASP C 261 -11.51 -17.43 5.91
CA ASP C 261 -11.90 -18.32 4.77
C ASP C 261 -12.65 -19.53 5.36
N LEU C 262 -13.10 -20.47 4.51
CA LEU C 262 -13.75 -21.75 4.93
C LEU C 262 -12.71 -22.57 5.72
N PRO C 263 -13.11 -23.46 6.67
CA PRO C 263 -12.18 -24.04 7.65
C PRO C 263 -11.21 -25.10 7.10
N HIS C 264 -11.57 -25.76 5.99
CA HIS C 264 -10.66 -26.68 5.25
C HIS C 264 -9.56 -25.87 4.53
N VAL C 265 -9.66 -24.53 4.52
CA VAL C 265 -8.59 -23.60 4.05
C VAL C 265 -7.73 -23.11 5.22
N ILE C 266 -8.33 -22.77 6.37
CA ILE C 266 -7.62 -22.10 7.51
C ILE C 266 -6.76 -23.15 8.23
N SER C 267 -7.22 -24.41 8.29
CA SER C 267 -6.42 -25.60 8.70
C SER C 267 -5.04 -25.53 8.04
N VAL C 268 -5.01 -25.24 6.73
CA VAL C 268 -3.83 -25.32 5.83
C VAL C 268 -2.86 -24.16 6.13
N ALA C 269 -3.34 -22.92 6.25
CA ALA C 269 -2.53 -21.67 6.23
C ALA C 269 -1.48 -21.62 7.34
N PRO C 270 -0.24 -21.16 7.05
CA PRO C 270 0.84 -21.09 8.06
C PRO C 270 0.87 -19.90 9.05
N GLN C 271 1.80 -19.95 10.01
CA GLN C 271 1.92 -18.98 11.14
C GLN C 271 2.68 -17.71 10.67
N TYR C 272 2.11 -16.98 9.69
CA TYR C 272 2.62 -15.69 9.15
C TYR C 272 2.71 -14.67 10.29
N PRO C 273 3.82 -13.93 10.49
CA PRO C 273 3.81 -12.67 11.20
C PRO C 273 2.64 -11.77 10.80
N GLY C 274 1.99 -11.20 11.82
CA GLY C 274 0.96 -10.15 11.70
C GLY C 274 -0.40 -10.68 11.30
N VAL C 275 -0.66 -11.98 11.39
CA VAL C 275 -1.94 -12.52 10.85
C VAL C 275 -2.55 -13.51 11.85
N GLU C 276 -3.81 -13.26 12.25
CA GLU C 276 -4.63 -14.13 13.13
C GLU C 276 -5.66 -14.84 12.24
N HIS C 277 -5.62 -16.17 12.19
CA HIS C 277 -6.48 -16.97 11.27
C HIS C 277 -7.86 -17.16 11.91
N VAL C 278 -8.90 -17.36 11.10
CA VAL C 278 -10.33 -17.30 11.56
C VAL C 278 -11.22 -18.00 10.54
N ALA C 279 -11.84 -19.12 10.92
CA ALA C 279 -12.72 -19.94 10.07
C ALA C 279 -14.16 -19.49 10.21
N GLY C 280 -15.08 -20.18 9.56
CA GLY C 280 -16.50 -19.77 9.41
C GLY C 280 -16.83 -19.61 7.94
N ASP C 281 -17.94 -18.93 7.64
CA ASP C 281 -18.60 -18.89 6.32
C ASP C 281 -19.02 -17.44 6.06
N MET C 282 -18.43 -16.81 5.03
CA MET C 282 -18.61 -15.37 4.73
C MET C 282 -20.06 -15.08 4.36
N PHE C 283 -20.92 -16.09 4.23
CA PHE C 283 -22.34 -15.90 3.84
C PHE C 283 -23.23 -15.78 5.09
N GLU C 284 -23.16 -16.77 5.98
CA GLU C 284 -23.92 -16.84 7.25
C GLU C 284 -23.49 -15.68 8.14
N GLU C 285 -22.18 -15.42 8.25
CA GLU C 285 -21.63 -14.26 9.02
C GLU C 285 -20.11 -14.10 8.86
N VAL C 286 -19.66 -12.85 9.01
CA VAL C 286 -18.25 -12.34 8.91
C VAL C 286 -17.89 -11.77 10.28
N PRO C 287 -16.66 -11.94 10.79
CA PRO C 287 -16.24 -11.24 12.03
C PRO C 287 -16.17 -9.70 11.94
N LYS C 288 -16.21 -9.00 13.09
CA LYS C 288 -16.16 -7.52 13.15
C LYS C 288 -14.72 -7.06 12.84
N GLY C 289 -14.53 -5.84 12.37
CA GLY C 289 -13.22 -5.27 12.00
C GLY C 289 -13.37 -3.91 11.32
N GLN C 290 -12.39 -3.02 11.48
CA GLN C 290 -12.57 -1.60 11.05
C GLN C 290 -12.57 -1.62 9.52
N ASN C 291 -11.49 -2.15 8.97
CA ASN C 291 -11.25 -2.22 7.52
C ASN C 291 -11.35 -3.69 7.11
N MET C 292 -12.02 -3.95 5.98
CA MET C 292 -12.17 -5.30 5.37
C MET C 292 -11.71 -5.23 3.90
N LEU C 293 -11.32 -6.38 3.34
CA LEU C 293 -10.80 -6.48 1.95
C LEU C 293 -11.39 -7.71 1.25
N LEU C 294 -11.86 -7.53 0.01
CA LEU C 294 -12.20 -8.62 -0.95
C LEU C 294 -11.36 -8.51 -2.24
N LYS C 295 -10.18 -9.15 -2.27
CA LYS C 295 -9.37 -9.39 -3.50
C LYS C 295 -10.01 -10.57 -4.22
N TRP C 296 -10.28 -10.44 -5.51
CA TRP C 296 -11.02 -11.41 -6.39
C TRP C 296 -12.02 -12.31 -5.63
N VAL C 297 -12.95 -11.78 -4.84
CA VAL C 297 -14.03 -12.63 -4.21
C VAL C 297 -15.37 -12.33 -4.89
N LEU C 298 -15.62 -11.06 -5.23
CA LEU C 298 -16.92 -10.63 -5.80
C LEU C 298 -17.10 -11.33 -7.15
N HIS C 299 -16.11 -11.22 -8.03
CA HIS C 299 -16.22 -11.66 -9.45
C HIS C 299 -16.64 -13.15 -9.57
N ASP C 300 -16.86 -13.86 -8.45
CA ASP C 300 -17.09 -15.34 -8.43
C ASP C 300 -18.57 -15.65 -8.12
N TRP C 301 -19.44 -14.63 -7.94
CA TRP C 301 -20.86 -14.84 -7.49
C TRP C 301 -21.84 -13.88 -8.16
N GLY C 302 -23.09 -14.35 -8.32
CA GLY C 302 -24.23 -13.57 -8.86
C GLY C 302 -24.78 -12.56 -7.86
N ASP C 303 -25.21 -11.39 -8.35
CA ASP C 303 -25.57 -10.21 -7.52
C ASP C 303 -26.37 -10.70 -6.31
N GLU C 304 -27.27 -11.69 -6.48
CA GLU C 304 -28.04 -12.35 -5.37
C GLU C 304 -27.15 -12.54 -4.15
N ARG C 305 -26.11 -13.37 -4.28
CA ARG C 305 -25.18 -13.74 -3.17
C ARG C 305 -24.16 -12.61 -2.95
N CYS C 306 -23.91 -11.78 -3.97
CA CYS C 306 -22.91 -10.70 -3.87
C CYS C 306 -23.38 -9.65 -2.84
N VAL C 307 -24.69 -9.43 -2.66
CA VAL C 307 -25.20 -8.48 -1.63
C VAL C 307 -25.18 -9.18 -0.26
N LYS C 308 -25.77 -10.39 -0.14
CA LYS C 308 -25.80 -11.17 1.14
C LYS C 308 -24.41 -11.11 1.80
N LEU C 309 -23.33 -11.15 1.00
CA LEU C 309 -21.92 -11.12 1.50
C LEU C 309 -21.53 -9.69 1.89
N LEU C 310 -21.85 -8.72 1.03
CA LEU C 310 -21.58 -7.28 1.28
C LEU C 310 -22.48 -6.81 2.46
N LYS C 311 -23.70 -7.37 2.60
CA LYS C 311 -24.67 -7.13 3.72
C LYS C 311 -24.07 -7.62 5.04
N ASN C 312 -23.72 -8.91 5.11
CA ASN C 312 -23.06 -9.58 6.27
C ASN C 312 -21.79 -8.80 6.62
N CYS C 313 -21.23 -8.10 5.63
CA CYS C 313 -20.03 -7.24 5.83
C CYS C 313 -20.48 -5.97 6.59
N TRP C 314 -21.54 -5.28 6.13
CA TRP C 314 -21.98 -3.94 6.67
C TRP C 314 -22.41 -4.08 8.13
N ASN C 315 -23.13 -5.17 8.43
CA ASN C 315 -23.49 -5.63 9.80
C ASN C 315 -22.25 -5.73 10.71
N SER C 316 -21.16 -6.37 10.25
CA SER C 316 -19.92 -6.59 11.04
C SER C 316 -18.97 -5.39 10.92
N LEU C 317 -19.46 -4.26 10.39
CA LEU C 317 -18.68 -3.00 10.26
C LEU C 317 -19.15 -2.01 11.32
N PRO C 318 -18.28 -1.07 11.76
CA PRO C 318 -18.72 0.18 12.40
C PRO C 318 -19.26 1.24 11.42
N VAL C 319 -19.39 2.49 11.89
CA VAL C 319 -19.55 3.70 11.03
C VAL C 319 -18.14 4.26 10.74
N GLY C 320 -17.93 4.75 9.51
CA GLY C 320 -16.60 5.16 9.02
C GLY C 320 -15.75 3.97 8.61
N GLY C 321 -16.20 2.75 8.93
CA GLY C 321 -15.59 1.49 8.47
C GLY C 321 -15.79 1.30 6.98
N LYS C 322 -14.76 0.82 6.27
CA LYS C 322 -14.77 0.67 4.80
C LYS C 322 -14.41 -0.77 4.43
N VAL C 323 -15.06 -1.31 3.38
CA VAL C 323 -14.63 -2.53 2.63
C VAL C 323 -13.75 -2.09 1.47
N LEU C 324 -12.68 -2.88 1.19
CA LEU C 324 -11.79 -2.77 0.00
C LEU C 324 -12.08 -3.89 -1.01
N ILE C 325 -12.62 -3.52 -2.18
CA ILE C 325 -12.86 -4.47 -3.30
C ILE C 325 -11.70 -4.36 -4.30
N ILE C 326 -10.87 -5.42 -4.44
CA ILE C 326 -9.78 -5.45 -5.46
C ILE C 326 -10.15 -6.42 -6.61
N GLU C 327 -10.32 -5.84 -7.79
CA GLU C 327 -10.93 -6.51 -8.96
C GLU C 327 -10.39 -5.82 -10.21
N PHE C 328 -10.61 -6.47 -11.35
CA PHE C 328 -10.46 -5.86 -12.70
C PHE C 328 -11.86 -5.43 -13.13
N VAL C 329 -11.98 -4.20 -13.62
CA VAL C 329 -13.31 -3.56 -13.85
C VAL C 329 -13.51 -3.35 -15.36
N LEU C 330 -14.63 -3.86 -15.87
CA LEU C 330 -15.08 -3.81 -17.29
C LEU C 330 -15.22 -2.35 -17.67
N PRO C 331 -14.30 -1.76 -18.45
CA PRO C 331 -14.46 -0.37 -18.88
C PRO C 331 -15.83 -0.19 -19.57
N ASN C 332 -16.46 0.98 -19.40
CA ASN C 332 -17.86 1.21 -19.87
C ASN C 332 -17.84 1.18 -21.41
N GLU C 333 -16.75 1.65 -22.04
CA GLU C 333 -16.54 1.62 -23.52
C GLU C 333 -15.35 0.70 -23.85
N LEU C 334 -15.61 -0.52 -24.34
CA LEU C 334 -14.56 -1.53 -24.70
C LEU C 334 -13.78 -1.08 -25.93
N GLY C 335 -12.64 -1.73 -26.17
CA GLY C 335 -11.62 -1.32 -27.15
C GLY C 335 -10.33 -2.12 -27.00
N ASN C 336 -9.44 -2.00 -27.99
CA ASN C 336 -8.21 -2.82 -28.09
C ASN C 336 -7.18 -2.13 -27.22
N ASN C 337 -7.36 -2.30 -25.90
CA ASN C 337 -6.50 -1.76 -24.80
C ASN C 337 -6.43 -2.80 -23.68
N ALA C 338 -5.41 -2.63 -22.82
CA ALA C 338 -5.16 -3.51 -21.65
C ALA C 338 -6.39 -3.45 -20.74
N GLU C 339 -6.91 -2.23 -20.48
CA GLU C 339 -8.11 -1.96 -19.60
C GLU C 339 -9.12 -3.10 -19.76
N SER C 340 -9.41 -3.45 -21.01
CA SER C 340 -10.51 -4.35 -21.41
C SER C 340 -10.07 -5.81 -21.30
N PHE C 341 -8.99 -6.16 -22.00
CA PHE C 341 -8.48 -7.55 -22.07
C PHE C 341 -8.24 -8.03 -20.63
N ASN C 342 -7.71 -7.16 -19.75
CA ASN C 342 -7.45 -7.45 -18.32
C ASN C 342 -8.74 -7.88 -17.61
N ALA C 343 -9.89 -7.48 -18.16
CA ALA C 343 -11.24 -7.74 -17.59
C ALA C 343 -11.97 -8.84 -18.39
N LEU C 344 -11.71 -8.92 -19.70
CA LEU C 344 -12.46 -9.88 -20.56
C LEU C 344 -11.82 -11.28 -20.41
N ILE C 345 -10.50 -11.34 -20.35
CA ILE C 345 -9.73 -12.59 -20.08
C ILE C 345 -10.35 -13.32 -18.88
N PRO C 346 -10.41 -12.71 -17.66
CA PRO C 346 -11.05 -13.36 -16.52
C PRO C 346 -12.53 -13.73 -16.75
N ASP C 347 -13.24 -12.88 -17.49
CA ASP C 347 -14.71 -13.03 -17.69
C ASP C 347 -14.94 -14.30 -18.51
N LEU C 348 -14.04 -14.56 -19.46
CA LEU C 348 -14.12 -15.73 -20.36
C LEU C 348 -13.68 -16.98 -19.57
N LEU C 349 -12.62 -16.84 -18.76
CA LEU C 349 -12.14 -17.92 -17.87
C LEU C 349 -13.30 -18.32 -16.94
N LEU C 350 -14.02 -17.31 -16.48
CA LEU C 350 -15.17 -17.47 -15.58
C LEU C 350 -16.26 -18.29 -16.28
N MET C 351 -16.49 -18.05 -17.56
CA MET C 351 -17.52 -18.79 -18.32
C MET C 351 -17.09 -20.22 -18.62
N ALA C 352 -15.80 -20.52 -18.63
CA ALA C 352 -15.33 -21.92 -18.81
C ALA C 352 -15.42 -22.68 -17.46
N LEU C 353 -15.07 -22.04 -16.34
CA LEU C 353 -14.82 -22.74 -15.05
C LEU C 353 -15.89 -22.44 -13.98
N ASN C 354 -16.53 -21.27 -14.01
CA ASN C 354 -17.44 -20.79 -12.95
C ASN C 354 -18.33 -19.68 -13.52
N PRO C 355 -19.34 -20.01 -14.37
CA PRO C 355 -20.11 -18.98 -15.07
C PRO C 355 -21.03 -18.22 -14.11
N GLY C 356 -21.32 -18.81 -12.92
CA GLY C 356 -21.91 -18.12 -11.77
C GLY C 356 -21.28 -16.75 -11.60
N GLY C 357 -19.94 -16.73 -11.48
CA GLY C 357 -19.11 -15.52 -11.46
C GLY C 357 -19.13 -14.74 -12.77
N LYS C 358 -18.63 -13.50 -12.73
CA LYS C 358 -18.63 -12.55 -13.86
C LYS C 358 -17.92 -11.27 -13.42
N GLU C 359 -17.34 -10.53 -14.36
CA GLU C 359 -16.71 -9.23 -14.04
C GLU C 359 -17.83 -8.18 -14.15
N ARG C 360 -17.53 -6.92 -13.81
CA ARG C 360 -18.52 -5.83 -13.59
C ARG C 360 -17.81 -4.50 -13.91
N THR C 361 -18.51 -3.37 -13.71
CA THR C 361 -18.05 -1.98 -14.04
C THR C 361 -18.14 -1.08 -12.80
N ILE C 362 -17.40 0.06 -12.76
CA ILE C 362 -17.38 1.00 -11.57
C ILE C 362 -18.84 1.35 -11.23
N SER C 363 -19.74 1.17 -12.22
CA SER C 363 -21.22 1.31 -12.07
C SER C 363 -21.86 0.10 -11.36
N GLU C 364 -21.70 -1.11 -11.90
CA GLU C 364 -22.38 -2.35 -11.43
C GLU C 364 -21.85 -2.73 -10.02
N TYR C 365 -20.60 -2.35 -9.71
CA TYR C 365 -19.98 -2.58 -8.38
C TYR C 365 -20.73 -1.68 -7.40
N ASP C 366 -20.64 -0.37 -7.63
CA ASP C 366 -21.38 0.68 -6.88
C ASP C 366 -22.83 0.23 -6.61
N ASP C 367 -23.55 -0.28 -7.61
CA ASP C 367 -24.94 -0.81 -7.45
C ASP C 367 -24.92 -1.83 -6.31
N LEU C 368 -24.06 -2.85 -6.35
CA LEU C 368 -23.95 -3.91 -5.29
C LEU C 368 -23.64 -3.26 -3.94
N GLY C 369 -22.77 -2.24 -3.92
CA GLY C 369 -22.38 -1.48 -2.72
C GLY C 369 -23.59 -1.03 -1.89
N LYS C 370 -24.51 -0.30 -2.55
CA LYS C 370 -25.70 0.32 -1.91
C LYS C 370 -26.61 -0.82 -1.39
N ALA C 371 -27.20 -1.60 -2.29
CA ALA C 371 -28.06 -2.76 -1.99
C ALA C 371 -27.81 -3.40 -0.61
N ALA C 372 -26.60 -3.31 -0.05
CA ALA C 372 -26.25 -3.92 1.25
C ALA C 372 -26.30 -2.87 2.36
N GLY C 373 -26.03 -1.61 2.00
CA GLY C 373 -26.20 -0.44 2.89
C GLY C 373 -24.89 0.27 3.09
N PHE C 374 -24.43 0.95 2.04
CA PHE C 374 -23.14 1.68 2.02
C PHE C 374 -23.47 3.14 1.66
N ILE C 375 -23.02 4.09 2.48
CA ILE C 375 -23.14 5.57 2.24
C ILE C 375 -22.55 5.85 0.86
N LYS C 376 -21.22 5.72 0.73
CA LYS C 376 -20.39 6.25 -0.40
C LYS C 376 -19.64 5.07 -1.09
N THR C 377 -19.10 5.33 -2.31
CA THR C 377 -18.23 4.43 -3.12
C THR C 377 -17.05 5.21 -3.74
N ILE C 378 -15.86 5.17 -3.16
CA ILE C 378 -14.64 5.87 -3.67
C ILE C 378 -13.81 4.87 -4.48
N PRO C 379 -14.03 4.74 -5.82
CA PRO C 379 -13.10 3.99 -6.67
C PRO C 379 -11.78 4.71 -7.00
N ILE C 380 -10.66 4.26 -6.36
CA ILE C 380 -9.23 4.63 -6.68
C ILE C 380 -8.66 3.62 -7.69
N PRO C 381 -8.56 3.97 -9.00
CA PRO C 381 -8.01 3.06 -10.00
C PRO C 381 -6.47 2.97 -9.97
N ILE C 382 -5.92 1.76 -10.06
CA ILE C 382 -4.47 1.48 -9.79
C ILE C 382 -3.69 1.41 -11.11
N SER C 383 -3.97 0.45 -12.00
CA SER C 383 -3.34 0.30 -13.34
C SER C 383 -4.23 -0.47 -14.31
N ASN C 384 -4.15 -0.12 -15.59
CA ASN C 384 -4.83 -0.83 -16.70
C ASN C 384 -6.01 -1.66 -16.17
N GLY C 385 -6.95 -1.06 -15.41
CA GLY C 385 -8.27 -1.67 -15.11
C GLY C 385 -8.37 -2.16 -13.67
N LEU C 386 -7.22 -2.26 -12.99
CA LEU C 386 -7.11 -2.73 -11.59
C LEU C 386 -7.62 -1.63 -10.67
N HIS C 387 -8.75 -1.88 -9.99
CA HIS C 387 -9.34 -0.96 -8.99
C HIS C 387 -9.18 -1.52 -7.58
N VAL C 388 -8.71 -0.68 -6.62
CA VAL C 388 -9.16 -0.70 -5.18
C VAL C 388 -10.41 0.17 -5.17
N ILE C 389 -11.56 -0.36 -4.72
CA ILE C 389 -12.86 0.35 -4.68
C ILE C 389 -13.34 0.36 -3.24
N GLU C 390 -13.40 1.55 -2.64
CA GLU C 390 -13.80 1.78 -1.22
C GLU C 390 -15.33 1.86 -1.23
N PHE C 391 -15.99 1.05 -0.40
CA PHE C 391 -17.46 1.11 -0.12
C PHE C 391 -17.61 1.40 1.38
N HIS C 392 -17.90 2.66 1.78
CA HIS C 392 -17.96 3.17 3.18
C HIS C 392 -19.38 3.05 3.76
N LYS C 393 -19.52 2.85 5.09
CA LYS C 393 -20.83 2.74 5.81
C LYS C 393 -21.32 4.11 6.32
N VAL D 36 15.49 14.55 7.88
CA VAL D 36 14.55 13.87 8.80
C VAL D 36 15.33 12.81 9.59
N CYS D 37 16.03 13.25 10.65
CA CYS D 37 16.79 12.41 11.61
C CYS D 37 15.90 12.07 12.81
N TYR D 38 15.05 11.04 12.65
CA TYR D 38 14.16 10.43 13.69
C TYR D 38 14.81 10.41 15.08
N LEU D 39 16.01 9.85 15.22
CA LEU D 39 16.61 9.62 16.55
C LEU D 39 17.21 10.91 17.13
N SER D 40 16.94 12.07 16.53
CA SER D 40 17.00 13.37 17.26
C SER D 40 15.56 13.88 17.48
N GLU D 41 14.75 13.96 16.42
CA GLU D 41 13.31 14.34 16.53
C GLU D 41 12.67 13.55 17.69
N THR D 42 13.22 12.40 18.12
CA THR D 42 12.76 11.71 19.37
C THR D 42 13.18 12.56 20.58
N ALA D 43 14.43 12.45 21.03
CA ALA D 43 14.94 13.16 22.23
C ALA D 43 14.47 14.61 22.24
N ASN D 44 14.02 15.11 21.09
CA ASN D 44 13.69 16.53 20.89
C ASN D 44 12.19 16.72 21.20
N LEU D 45 11.34 15.82 20.72
CA LEU D 45 9.90 15.77 21.11
C LEU D 45 9.67 14.84 22.32
N GLY D 46 10.58 13.95 22.65
CA GLY D 46 10.27 12.94 23.66
C GLY D 46 10.29 13.56 25.02
N LYS D 47 10.98 14.69 25.13
CA LYS D 47 11.28 15.36 26.43
C LYS D 47 10.14 16.35 26.73
N LEU D 48 9.40 16.73 25.71
CA LEU D 48 8.28 17.70 25.87
C LEU D 48 7.43 17.31 27.08
N ILE D 49 7.13 16.03 27.29
CA ILE D 49 6.27 15.58 28.43
C ILE D 49 7.11 15.40 29.70
N CYS D 50 8.38 15.02 29.58
CA CYS D 50 9.17 14.60 30.76
C CYS D 50 9.55 15.82 31.60
N ILE D 51 10.20 16.82 30.99
CA ILE D 51 10.69 18.09 31.63
C ILE D 51 9.66 18.61 32.62
N PRO D 52 8.41 18.92 32.22
CA PRO D 52 7.43 19.45 33.15
C PRO D 52 7.05 18.51 34.30
N MET D 53 6.95 17.19 34.11
CA MET D 53 6.52 16.33 35.25
C MET D 53 7.72 16.09 36.15
N ALA D 54 8.94 16.26 35.65
CA ALA D 54 10.16 16.13 36.47
C ALA D 54 10.21 17.34 37.38
N LEU D 55 9.94 18.50 36.76
CA LEU D 55 9.86 19.82 37.44
C LEU D 55 8.88 19.75 38.60
N ARG D 56 7.68 19.27 38.30
CA ARG D 56 6.54 19.25 39.24
C ARG D 56 6.89 18.31 40.42
N ALA D 57 7.84 17.40 40.24
CA ALA D 57 8.27 16.53 41.36
C ALA D 57 9.27 17.29 42.23
N ALA D 58 10.20 18.02 41.61
CA ALA D 58 11.17 18.86 42.33
C ALA D 58 10.40 19.79 43.28
N MET D 59 9.47 20.58 42.72
CA MET D 59 8.53 21.43 43.50
C MET D 59 7.88 20.57 44.60
N GLU D 60 6.99 19.63 44.28
CA GLU D 60 6.33 18.74 45.28
C GLU D 60 7.33 18.39 46.40
N LEU D 61 8.60 18.10 46.11
CA LEU D 61 9.62 17.69 47.13
C LEU D 61 10.36 18.91 47.68
N ASN D 62 10.02 20.11 47.22
CA ASN D 62 10.53 21.38 47.81
C ASN D 62 12.05 21.34 47.75
N VAL D 63 12.57 21.03 46.56
CA VAL D 63 14.03 20.96 46.23
C VAL D 63 14.59 22.37 46.16
N PHE D 64 14.04 23.23 45.30
CA PHE D 64 14.55 24.61 45.07
C PHE D 64 14.72 25.31 46.43
N GLN D 65 13.71 25.25 47.30
CA GLN D 65 13.84 25.78 48.69
C GLN D 65 15.07 25.14 49.33
N LEU D 66 15.05 23.84 49.63
CA LEU D 66 16.16 23.21 50.39
C LEU D 66 17.52 23.61 49.80
N ILE D 67 17.61 23.87 48.47
CA ILE D 67 18.89 24.21 47.78
C ILE D 67 19.39 25.58 48.28
N SER D 68 18.53 26.58 48.38
CA SER D 68 18.91 27.94 48.85
C SER D 68 19.21 27.91 50.37
N LYS D 69 18.53 27.07 51.17
CA LYS D 69 18.88 26.85 52.62
C LYS D 69 20.29 26.25 52.75
N PHE D 70 21.20 26.61 51.80
CA PHE D 70 22.66 26.24 51.73
C PHE D 70 23.52 27.44 51.31
N GLY D 71 22.97 28.47 50.63
CA GLY D 71 23.64 29.76 50.41
C GLY D 71 23.37 30.36 49.04
N THR D 72 23.70 31.65 48.84
CA THR D 72 23.70 32.31 47.51
C THR D 72 24.74 31.56 46.66
N ASP D 73 24.64 31.68 45.34
CA ASP D 73 25.50 30.99 44.33
C ASP D 73 26.17 29.73 44.94
N ALA D 74 25.38 28.73 45.37
CA ALA D 74 25.86 27.46 45.99
C ALA D 74 25.68 26.29 45.03
N LYS D 75 26.00 25.07 45.48
CA LYS D 75 26.02 23.84 44.63
C LYS D 75 26.08 22.60 45.55
N VAL D 76 25.01 21.79 45.62
CA VAL D 76 25.02 20.52 46.42
C VAL D 76 24.57 19.32 45.59
N SER D 77 25.06 18.16 46.02
CA SER D 77 24.60 16.81 45.64
C SER D 77 23.15 16.58 46.09
N ALA D 78 22.40 15.85 45.27
CA ALA D 78 21.14 15.17 45.64
C ALA D 78 21.30 14.47 46.99
N SER D 79 22.48 13.91 47.26
CA SER D 79 22.75 13.17 48.52
C SER D 79 22.46 14.11 49.69
N GLU D 80 22.94 15.35 49.56
CA GLU D 80 22.79 16.47 50.54
C GLU D 80 21.31 16.85 50.62
N ILE D 81 20.65 17.11 49.48
CA ILE D 81 19.24 17.58 49.45
C ILE D 81 18.30 16.50 50.00
N ALA D 82 18.66 15.21 49.90
CA ALA D 82 17.79 14.08 50.33
C ALA D 82 17.88 13.91 51.84
N SER D 83 18.88 14.57 52.45
CA SER D 83 19.14 14.61 53.91
C SER D 83 18.27 15.71 54.54
N LYS D 84 18.21 16.89 53.91
CA LYS D 84 17.35 18.03 54.34
C LYS D 84 15.90 17.79 53.90
N MET D 85 15.43 16.52 53.89
CA MET D 85 14.08 16.09 53.43
C MET D 85 13.49 15.13 54.46
N PRO D 86 12.33 15.49 55.08
CA PRO D 86 11.81 14.76 56.23
C PRO D 86 11.28 13.36 55.89
N ASN D 87 10.48 13.24 54.82
CA ASN D 87 9.74 11.99 54.48
C ASN D 87 10.71 10.96 53.86
N ALA D 88 11.95 11.36 53.55
CA ALA D 88 12.98 10.54 52.86
C ALA D 88 13.91 9.84 53.87
N LYS D 89 13.66 9.98 55.18
CA LYS D 89 14.33 9.16 56.22
C LYS D 89 13.77 7.74 56.12
N ASN D 90 14.64 6.74 55.94
CA ASN D 90 14.26 5.30 55.86
C ASN D 90 13.84 4.95 54.41
N ASN D 91 14.52 5.55 53.42
CA ASN D 91 14.51 5.17 51.97
C ASN D 91 15.91 5.37 51.39
N PRO D 92 16.83 4.39 51.59
CA PRO D 92 18.21 4.50 51.12
C PRO D 92 18.40 5.05 49.69
N GLU D 93 17.54 4.64 48.76
CA GLU D 93 17.60 4.98 47.30
C GLU D 93 17.26 6.46 47.07
N ALA D 94 16.61 7.09 48.06
CA ALA D 94 16.17 8.50 48.01
C ALA D 94 17.15 9.34 47.19
N ALA D 95 18.46 9.23 47.46
CA ALA D 95 19.51 10.13 46.94
C ALA D 95 19.74 9.90 45.45
N MET D 96 19.84 8.63 45.02
CA MET D 96 20.07 8.24 43.60
C MET D 96 18.81 8.58 42.79
N TYR D 97 17.64 8.17 43.28
CA TYR D 97 16.37 8.43 42.57
C TYR D 97 16.23 9.94 42.32
N LEU D 98 16.59 10.75 43.32
CA LEU D 98 16.51 12.23 43.24
C LEU D 98 17.53 12.69 42.18
N ASP D 99 18.77 12.20 42.27
CA ASP D 99 19.86 12.56 41.32
C ASP D 99 19.38 12.29 39.89
N ARG D 100 18.56 11.25 39.68
CA ARG D 100 18.04 10.87 38.34
C ARG D 100 17.10 11.96 37.82
N ILE D 101 16.28 12.58 38.69
CA ILE D 101 15.32 13.67 38.31
C ILE D 101 16.12 14.92 37.99
N LEU D 102 17.05 15.28 38.87
CA LEU D 102 17.67 16.63 38.85
C LEU D 102 18.55 16.77 37.58
N ARG D 103 19.38 15.75 37.31
CA ARG D 103 20.10 15.52 36.03
C ARG D 103 19.28 16.02 34.81
N LEU D 104 17.97 15.73 34.79
CA LEU D 104 17.07 16.07 33.64
C LEU D 104 16.76 17.57 33.63
N LEU D 105 16.48 18.14 34.79
CA LEU D 105 16.24 19.59 34.96
C LEU D 105 17.55 20.33 34.67
N GLY D 106 18.63 19.85 35.31
CA GLY D 106 20.03 20.28 35.08
C GLY D 106 20.43 20.27 33.62
N ALA D 107 19.77 19.43 32.79
CA ALA D 107 20.00 19.32 31.34
C ALA D 107 19.06 20.23 30.59
N SER D 108 17.89 20.51 31.18
CA SER D 108 16.81 21.37 30.65
C SER D 108 17.20 22.85 30.76
N SER D 109 18.14 23.18 31.66
CA SER D 109 18.55 24.56 32.03
C SER D 109 17.77 25.01 33.27
N ILE D 110 16.60 24.41 33.53
CA ILE D 110 15.77 24.63 34.76
C ILE D 110 16.66 24.43 36.02
N LEU D 111 17.93 24.03 35.88
CA LEU D 111 18.95 23.96 36.97
C LEU D 111 20.37 24.01 36.38
N SER D 112 21.33 24.56 37.12
CA SER D 112 22.77 24.52 36.79
C SER D 112 23.32 23.30 37.51
N VAL D 113 24.47 22.81 37.05
CA VAL D 113 25.04 21.49 37.44
C VAL D 113 26.56 21.52 37.27
N SER D 114 27.28 20.88 38.18
CA SER D 114 28.76 20.78 38.14
C SER D 114 29.21 19.61 39.04
N THR D 115 30.33 19.00 38.68
CA THR D 115 30.83 17.75 39.31
C THR D 115 32.24 18.00 39.86
N THR D 116 32.44 17.70 41.14
CA THR D 116 33.71 17.89 41.91
C THR D 116 34.31 16.52 42.22
N LYS D 117 35.62 16.49 42.47
CA LYS D 117 36.43 15.26 42.67
C LYS D 117 35.92 14.50 43.90
N VAL D 129 35.73 8.65 42.50
CA VAL D 129 34.61 9.14 43.38
C VAL D 129 34.19 10.54 42.89
N HIS D 130 33.33 10.61 41.87
CA HIS D 130 32.83 11.86 41.21
C HIS D 130 31.30 11.95 41.30
N GLU D 131 30.76 13.02 41.93
CA GLU D 131 29.31 13.24 42.20
C GLU D 131 28.78 14.38 41.30
N LYS D 132 27.45 14.45 41.13
CA LYS D 132 26.72 15.57 40.47
C LYS D 132 26.23 16.55 41.56
N LEU D 133 26.72 17.81 41.54
CA LEU D 133 26.35 18.90 42.49
C LEU D 133 25.50 19.95 41.75
N TYR D 134 24.45 20.47 42.40
CA TYR D 134 23.32 21.22 41.77
C TYR D 134 23.24 22.68 42.27
N GLY D 135 22.85 23.60 41.37
CA GLY D 135 22.71 25.03 41.67
C GLY D 135 21.60 25.70 40.89
N LEU D 136 21.03 26.79 41.45
CA LEU D 136 19.84 27.53 40.94
C LEU D 136 20.21 28.39 39.72
N THR D 137 19.20 29.01 39.09
CA THR D 137 19.28 29.81 37.84
C THR D 137 18.25 30.96 37.91
N ASN D 138 18.09 31.73 36.84
CA ASN D 138 17.15 32.89 36.74
C ASN D 138 15.72 32.36 36.88
N SER D 139 15.25 31.62 35.87
CA SER D 139 13.91 30.99 35.86
C SER D 139 13.81 29.91 36.97
N SER D 140 14.85 29.65 37.75
CA SER D 140 14.85 28.63 38.86
C SER D 140 14.82 29.28 40.26
N CYS D 141 15.22 30.55 40.40
CA CYS D 141 15.12 31.31 41.69
C CYS D 141 13.65 31.69 41.86
N CYS D 142 12.95 31.89 40.73
CA CYS D 142 11.49 32.19 40.66
C CYS D 142 10.64 31.05 41.25
N LEU D 143 11.25 30.10 41.98
CA LEU D 143 10.58 29.00 42.72
C LEU D 143 11.12 28.90 44.16
N VAL D 144 12.05 29.78 44.56
CA VAL D 144 12.42 29.96 45.99
C VAL D 144 11.38 30.92 46.59
N PRO D 145 10.55 30.47 47.57
CA PRO D 145 9.58 31.37 48.19
C PRO D 145 10.33 32.50 48.91
N ARG D 146 9.90 33.75 48.67
CA ARG D 146 10.58 35.02 49.08
C ARG D 146 10.76 35.06 50.60
N GLN D 147 11.72 35.87 51.06
CA GLN D 147 12.14 36.03 52.48
C GLN D 147 10.97 36.57 53.32
N GLU D 148 10.16 37.45 52.74
CA GLU D 148 9.16 38.29 53.47
C GLU D 148 7.76 37.71 53.29
N ASP D 149 7.18 37.84 52.08
CA ASP D 149 5.74 37.63 51.78
C ASP D 149 5.49 36.20 51.31
N GLY D 150 6.52 35.50 50.82
CA GLY D 150 6.47 34.08 50.41
C GLY D 150 6.04 33.84 48.96
N VAL D 151 5.60 34.86 48.20
CA VAL D 151 5.24 34.73 46.76
C VAL D 151 6.37 33.99 46.00
N SER D 152 5.97 33.22 44.99
CA SER D 152 6.81 32.36 44.11
C SER D 152 5.95 31.93 42.95
N LEU D 153 6.53 31.32 41.91
CA LEU D 153 5.67 30.73 40.84
C LEU D 153 5.18 29.32 41.25
N VAL D 154 5.77 28.68 42.29
CA VAL D 154 5.34 27.31 42.74
C VAL D 154 3.82 27.18 42.65
N GLU D 155 3.06 28.03 43.36
CA GLU D 155 1.59 27.89 43.38
C GLU D 155 1.07 28.06 41.96
N GLU D 156 1.60 29.03 41.22
CA GLU D 156 1.15 29.28 39.84
C GLU D 156 1.36 28.03 38.99
N LEU D 157 2.53 27.37 39.12
CA LEU D 157 3.02 26.31 38.20
C LEU D 157 2.38 24.96 38.51
N LEU D 158 2.06 24.73 39.79
CA LEU D 158 1.36 23.52 40.28
C LEU D 158 -0.09 23.52 39.81
N PHE D 159 -0.64 24.71 39.59
CA PHE D 159 -1.98 24.88 38.97
C PHE D 159 -1.89 24.38 37.52
N THR D 160 -1.08 25.07 36.72
CA THR D 160 -0.90 24.83 35.25
C THR D 160 -0.68 23.33 35.00
N SER D 161 0.29 22.73 35.70
CA SER D 161 0.71 21.31 35.60
C SER D 161 -0.14 20.43 36.53
N ASP D 162 -1.35 20.84 36.89
CA ASP D 162 -2.18 20.07 37.85
C ASP D 162 -2.90 18.95 37.12
N LYS D 163 -3.07 17.83 37.81
CA LYS D 163 -3.69 16.62 37.24
C LYS D 163 -5.08 16.94 36.68
N VAL D 164 -5.87 17.77 37.37
CA VAL D 164 -7.25 18.16 36.94
C VAL D 164 -7.18 18.86 35.59
N VAL D 165 -6.18 19.71 35.43
CA VAL D 165 -5.96 20.56 34.22
C VAL D 165 -5.55 19.60 33.11
N VAL D 166 -4.47 18.82 33.33
CA VAL D 166 -3.89 17.92 32.31
C VAL D 166 -4.99 16.96 31.86
N ASP D 167 -5.66 16.31 32.79
CA ASP D 167 -6.83 15.49 32.46
C ASP D 167 -7.64 16.26 31.42
N SER D 168 -7.79 17.56 31.63
CA SER D 168 -8.66 18.40 30.77
C SER D 168 -7.95 18.61 29.42
N PHE D 169 -6.65 18.86 29.44
CA PHE D 169 -5.83 19.01 28.19
C PHE D 169 -5.99 17.76 27.30
N PHE D 170 -5.95 16.57 27.91
CA PHE D 170 -5.99 15.25 27.23
C PHE D 170 -7.26 15.12 26.38
N LYS D 171 -8.20 16.08 26.46
CA LYS D 171 -9.50 16.01 25.75
C LYS D 171 -9.68 17.21 24.80
N LEU D 172 -8.63 18.05 24.64
CA LEU D 172 -8.55 19.19 23.66
C LEU D 172 -9.09 18.78 22.28
N LYS D 173 -8.47 17.80 21.63
CA LYS D 173 -9.03 17.07 20.44
C LYS D 173 -10.51 17.43 20.28
N CYS D 174 -11.31 17.23 21.34
CA CYS D 174 -12.81 17.35 21.33
C CYS D 174 -13.27 18.76 20.93
N VAL D 175 -12.62 19.80 21.45
CA VAL D 175 -13.06 21.22 21.29
C VAL D 175 -13.08 21.59 19.80
N VAL D 176 -12.30 20.88 18.96
CA VAL D 176 -12.35 20.90 17.47
C VAL D 176 -13.47 19.98 16.95
N GLU D 177 -13.45 18.71 17.34
CA GLU D 177 -14.34 17.65 16.79
C GLU D 177 -15.83 17.90 17.14
N GLU D 178 -16.17 17.88 18.45
CA GLU D 178 -17.58 18.01 18.95
C GLU D 178 -17.99 19.48 18.89
N LYS D 179 -19.30 19.74 18.80
CA LYS D 179 -19.96 21.08 18.77
C LYS D 179 -19.44 21.97 19.90
N ASP D 180 -20.07 21.91 21.08
CA ASP D 180 -19.83 22.90 22.16
C ASP D 180 -18.90 22.29 23.22
N SER D 181 -18.52 21.02 23.07
CA SER D 181 -17.83 20.21 24.11
C SER D 181 -16.78 21.02 24.85
N VAL D 182 -16.61 20.72 26.13
CA VAL D 182 -15.61 21.35 27.04
C VAL D 182 -14.63 20.27 27.50
N PRO D 183 -13.35 20.40 27.15
CA PRO D 183 -12.39 19.40 27.55
C PRO D 183 -12.66 19.07 29.01
N PHE D 184 -12.71 20.08 29.88
CA PHE D 184 -12.95 19.89 31.34
C PHE D 184 -14.14 18.97 31.59
N GLU D 185 -15.26 19.30 30.93
CA GLU D 185 -16.55 18.60 31.12
C GLU D 185 -16.41 17.17 30.58
N VAL D 186 -15.81 17.04 29.42
CA VAL D 186 -15.64 15.73 28.77
C VAL D 186 -14.81 14.86 29.73
N ALA D 187 -13.82 15.45 30.37
CA ALA D 187 -12.82 14.70 31.15
C ALA D 187 -13.39 14.39 32.53
N HIS D 188 -14.28 15.23 33.08
CA HIS D 188 -14.71 15.10 34.51
C HIS D 188 -16.24 14.96 34.66
N GLY D 189 -16.68 14.40 35.76
CA GLY D 189 -18.14 14.31 36.01
C GLY D 189 -18.90 15.36 35.20
N ALA D 190 -18.87 16.62 35.62
CA ALA D 190 -19.68 17.70 35.03
C ALA D 190 -18.88 19.00 35.01
N LYS D 191 -19.56 20.14 35.29
CA LYS D 191 -19.11 21.52 35.01
C LYS D 191 -18.09 21.93 36.07
N ILE D 192 -17.28 22.93 35.75
CA ILE D 192 -16.04 23.22 36.54
C ILE D 192 -16.45 23.67 37.95
N PHE D 193 -17.54 24.44 38.06
CA PHE D 193 -17.95 25.05 39.35
C PHE D 193 -18.59 23.96 40.22
N GLU D 194 -19.33 23.06 39.56
CA GLU D 194 -19.82 21.78 40.11
C GLU D 194 -18.64 20.98 40.70
N TYR D 195 -17.67 20.57 39.88
CA TYR D 195 -16.50 19.80 40.38
C TYR D 195 -15.93 20.58 41.58
N ALA D 196 -15.62 21.84 41.36
CA ALA D 196 -14.83 22.65 42.32
C ALA D 196 -15.60 22.80 43.65
N ALA D 197 -16.92 22.64 43.64
CA ALA D 197 -17.73 22.79 44.86
C ALA D 197 -17.45 21.58 45.76
N THR D 198 -17.54 20.40 45.14
CA THR D 198 -17.58 19.06 45.77
C THR D 198 -16.16 18.51 45.85
N GLU D 199 -15.12 19.35 45.65
CA GLU D 199 -13.71 18.87 45.52
C GLU D 199 -12.69 19.86 46.10
N PRO D 200 -12.59 19.96 47.44
CA PRO D 200 -11.73 20.96 48.09
C PRO D 200 -10.33 21.21 47.49
N ARG D 201 -9.51 20.18 47.21
CA ARG D 201 -8.07 20.38 46.89
C ARG D 201 -7.94 20.99 45.49
N MET D 202 -8.90 20.75 44.63
CA MET D 202 -8.97 21.42 43.31
C MET D 202 -9.27 22.90 43.52
N ASN D 203 -10.13 23.24 44.49
CA ASN D 203 -10.42 24.66 44.82
C ASN D 203 -9.13 25.32 45.33
N GLN D 204 -8.51 24.78 46.39
CA GLN D 204 -7.22 25.28 46.94
C GLN D 204 -6.32 25.67 45.76
N VAL D 205 -6.06 24.74 44.85
CA VAL D 205 -4.94 24.91 43.88
C VAL D 205 -5.32 26.01 42.87
N PHE D 206 -6.58 26.05 42.43
CA PHE D 206 -7.03 27.06 41.43
C PHE D 206 -6.95 28.45 42.06
N ASN D 207 -7.31 28.56 43.34
CA ASN D 207 -7.19 29.83 44.10
C ASN D 207 -5.70 30.14 44.27
N ASP D 208 -5.02 29.44 45.16
CA ASP D 208 -3.60 29.70 45.55
C ASP D 208 -2.76 30.11 44.33
N GLY D 209 -3.06 29.63 43.12
CA GLY D 209 -2.36 29.97 41.87
C GLY D 209 -2.68 31.38 41.44
N MET D 210 -3.88 31.61 40.90
CA MET D 210 -4.45 32.96 40.59
C MET D 210 -4.11 33.99 41.68
N ALA D 211 -3.83 33.58 42.92
CA ALA D 211 -3.52 34.49 44.06
C ALA D 211 -2.04 34.94 44.03
N VAL D 212 -1.09 34.02 44.29
CA VAL D 212 0.35 34.35 44.15
C VAL D 212 0.54 35.05 42.79
N PHE D 213 -0.08 34.56 41.71
CA PHE D 213 0.15 35.12 40.35
C PHE D 213 -0.37 36.56 40.28
N SER D 214 -1.27 36.95 41.18
CA SER D 214 -1.76 38.35 41.23
C SER D 214 -0.68 39.18 41.94
N ILE D 215 -0.36 38.87 43.19
CA ILE D 215 0.77 39.53 43.92
C ILE D 215 1.87 39.91 42.90
N VAL D 216 2.27 39.00 41.99
CA VAL D 216 3.33 39.21 40.96
C VAL D 216 2.76 40.05 39.78
N VAL D 217 1.63 39.72 39.17
CA VAL D 217 1.10 40.49 37.99
C VAL D 217 0.98 41.98 38.37
N PHE D 218 0.71 42.27 39.65
CA PHE D 218 0.44 43.63 40.16
C PHE D 218 1.76 44.35 40.42
N GLU D 219 2.60 43.82 41.31
CA GLU D 219 3.91 44.44 41.69
C GLU D 219 4.54 45.17 40.48
N ALA D 220 4.31 44.70 39.26
CA ALA D 220 4.84 45.25 38.00
C ALA D 220 3.76 46.02 37.22
N VAL D 221 2.50 46.02 37.68
CA VAL D 221 1.51 47.09 37.33
C VAL D 221 1.98 48.37 38.04
N PHE D 222 2.29 48.29 39.34
CA PHE D 222 2.93 49.38 40.14
C PHE D 222 4.09 49.94 39.30
N ARG D 223 5.29 49.37 39.43
CA ARG D 223 6.55 49.85 38.80
C ARG D 223 6.30 50.64 37.51
N VAL D 224 5.64 50.09 36.47
CA VAL D 224 5.40 50.84 35.19
C VAL D 224 4.24 51.84 35.41
N TYR D 225 3.06 51.61 34.80
CA TYR D 225 1.80 52.41 34.90
C TYR D 225 1.75 53.20 36.21
N ASP D 226 1.46 54.51 36.13
CA ASP D 226 1.25 55.39 37.30
C ASP D 226 0.03 56.30 37.06
N GLY D 227 -0.83 55.92 36.10
CA GLY D 227 -2.08 56.64 35.76
C GLY D 227 -3.19 56.36 36.76
N PHE D 228 -2.86 56.26 38.06
CA PHE D 228 -3.76 55.93 39.20
C PHE D 228 -3.99 57.17 40.09
N LEU D 229 -3.42 58.35 39.77
CA LEU D 229 -3.37 59.52 40.70
C LEU D 229 -4.06 60.77 40.12
N ASP D 230 -4.33 60.85 38.81
CA ASP D 230 -5.37 61.78 38.25
C ASP D 230 -6.73 61.06 38.34
N MET D 231 -6.85 60.14 39.30
CA MET D 231 -8.08 59.43 39.70
C MET D 231 -8.17 59.48 41.24
N LYS D 232 -9.38 59.76 41.76
CA LYS D 232 -9.69 59.74 43.21
C LYS D 232 -10.61 58.54 43.50
N GLU D 233 -11.51 58.19 42.56
CA GLU D 233 -12.45 57.04 42.68
C GLU D 233 -12.16 55.97 41.60
N LEU D 234 -12.07 54.69 42.02
CA LEU D 234 -11.92 53.50 41.14
C LEU D 234 -12.81 52.35 41.64
N LEU D 235 -13.41 51.65 40.67
CA LEU D 235 -14.41 50.57 40.84
C LEU D 235 -13.95 49.31 40.08
N ASP D 236 -13.68 48.21 40.81
CA ASP D 236 -13.25 46.88 40.28
C ASP D 236 -14.49 46.12 39.81
N VAL D 237 -14.86 46.16 38.52
CA VAL D 237 -15.89 45.25 37.97
C VAL D 237 -15.25 43.85 37.87
N GLY D 238 -16.07 42.80 37.98
CA GLY D 238 -15.69 41.43 38.39
C GLY D 238 -14.54 41.43 39.38
N GLY D 239 -14.62 42.23 40.43
CA GLY D 239 -13.44 42.59 41.24
C GLY D 239 -12.98 41.46 42.14
N GLY D 240 -13.70 40.35 42.15
CA GLY D 240 -13.37 39.23 43.04
C GLY D 240 -13.87 39.49 44.42
N ILE D 241 -12.98 39.58 45.40
CA ILE D 241 -13.33 39.86 46.82
C ILE D 241 -12.50 41.06 47.29
N GLY D 242 -12.19 41.97 46.34
CA GLY D 242 -11.41 43.20 46.56
C GLY D 242 -9.97 43.03 46.13
N THR D 243 -9.17 42.44 47.02
CA THR D 243 -7.69 42.20 46.93
C THR D 243 -7.05 43.13 45.90
N SER D 244 -7.26 42.90 44.61
CA SER D 244 -6.95 43.87 43.53
C SER D 244 -7.02 45.29 44.14
N VAL D 245 -8.22 45.87 44.35
CA VAL D 245 -8.37 47.26 44.89
C VAL D 245 -7.75 47.33 46.29
N SER D 246 -8.06 46.41 47.22
CA SER D 246 -7.51 46.51 48.59
C SER D 246 -6.09 47.09 48.46
N LYS D 247 -5.23 46.36 47.73
CA LYS D 247 -3.83 46.72 47.40
C LYS D 247 -3.78 48.13 46.77
N ILE D 248 -4.47 48.38 45.64
CA ILE D 248 -4.38 49.70 44.91
C ILE D 248 -4.60 50.87 45.90
N VAL D 249 -5.72 50.85 46.65
CA VAL D 249 -6.15 51.93 47.61
C VAL D 249 -5.29 51.78 48.89
N ALA D 250 -3.96 51.87 48.70
CA ALA D 250 -2.90 51.68 49.73
C ALA D 250 -1.53 52.02 49.13
N LYS D 251 -1.42 52.14 47.79
CA LYS D 251 -0.30 52.82 47.08
C LYS D 251 -0.80 54.20 46.62
N TYR D 252 -2.06 54.53 46.94
CA TYR D 252 -2.79 55.72 46.45
C TYR D 252 -3.83 56.17 47.49
N PRO D 253 -3.48 56.22 48.81
CA PRO D 253 -4.48 56.25 49.88
C PRO D 253 -5.67 57.19 49.64
N LEU D 254 -5.50 58.14 48.70
CA LEU D 254 -6.50 59.17 48.33
C LEU D 254 -7.48 58.57 47.31
N ILE D 255 -7.85 57.29 47.48
CA ILE D 255 -8.62 56.52 46.45
C ILE D 255 -9.90 55.92 47.10
N ARG D 256 -11.06 56.30 46.55
CA ARG D 256 -12.38 55.70 46.88
C ARG D 256 -12.42 54.32 46.23
N GLY D 257 -11.96 53.33 47.00
CA GLY D 257 -11.93 51.90 46.61
C GLY D 257 -13.30 51.28 46.73
N VAL D 258 -13.86 50.86 45.59
CA VAL D 258 -15.13 50.09 45.48
C VAL D 258 -14.88 48.72 44.84
N ASN D 259 -15.54 47.68 45.36
CA ASN D 259 -15.43 46.28 44.85
C ASN D 259 -16.79 45.74 44.38
N PHE D 260 -16.95 45.52 43.08
CA PHE D 260 -18.19 44.96 42.47
C PHE D 260 -17.98 43.51 42.03
N ASP D 261 -18.73 42.57 42.61
CA ASP D 261 -18.72 41.16 42.16
C ASP D 261 -20.08 40.54 42.45
N LEU D 262 -20.21 39.24 42.17
CA LEU D 262 -21.46 38.48 42.41
C LEU D 262 -21.73 38.37 43.91
N PRO D 263 -23.03 38.40 44.30
CA PRO D 263 -23.40 38.38 45.72
C PRO D 263 -22.66 37.29 46.49
N HIS D 264 -22.66 36.05 45.95
CA HIS D 264 -22.09 34.86 46.66
C HIS D 264 -20.59 35.02 46.89
N VAL D 265 -19.91 35.81 46.06
CA VAL D 265 -18.46 36.13 46.13
C VAL D 265 -18.24 37.19 47.21
N ILE D 266 -18.98 38.32 47.14
CA ILE D 266 -18.73 39.46 48.07
C ILE D 266 -19.27 39.02 49.44
N SER D 267 -20.33 38.20 49.44
CA SER D 267 -20.89 37.47 50.61
C SER D 267 -19.75 36.96 51.52
N VAL D 268 -18.71 36.37 50.92
CA VAL D 268 -17.54 35.73 51.61
C VAL D 268 -16.48 36.80 51.87
N ALA D 269 -16.56 37.95 51.20
CA ALA D 269 -15.42 38.86 50.96
C ALA D 269 -15.08 39.66 52.22
N PRO D 270 -13.81 39.66 52.67
CA PRO D 270 -13.44 40.25 53.96
C PRO D 270 -13.45 41.77 53.86
N GLN D 271 -13.22 42.43 55.01
CA GLN D 271 -13.32 43.91 55.17
C GLN D 271 -11.91 44.49 55.04
N TYR D 272 -11.62 45.09 53.89
CA TYR D 272 -10.44 45.97 53.66
C TYR D 272 -10.86 47.41 53.91
N PRO D 273 -10.15 48.11 54.83
CA PRO D 273 -10.21 49.57 54.89
C PRO D 273 -9.67 50.17 53.60
N GLY D 274 -10.48 51.02 52.95
CA GLY D 274 -10.28 51.55 51.59
C GLY D 274 -11.40 51.07 50.70
N VAL D 275 -11.81 49.82 50.94
CA VAL D 275 -12.78 49.07 50.10
C VAL D 275 -14.19 49.24 50.69
N GLU D 276 -15.18 49.54 49.84
CA GLU D 276 -16.63 49.30 50.08
C GLU D 276 -17.12 48.32 48.99
N HIS D 277 -17.76 47.19 49.37
CA HIS D 277 -18.15 46.08 48.46
C HIS D 277 -19.55 46.30 47.88
N VAL D 278 -19.80 45.77 46.71
CA VAL D 278 -21.12 45.91 46.04
C VAL D 278 -21.38 44.67 45.19
N ALA D 279 -22.56 44.12 45.35
CA ALA D 279 -22.98 42.85 44.74
C ALA D 279 -23.86 43.21 43.56
N GLY D 280 -23.80 42.42 42.49
CA GLY D 280 -24.77 42.58 41.40
C GLY D 280 -24.57 41.54 40.33
N ASP D 281 -24.77 41.97 39.07
CA ASP D 281 -24.61 41.16 37.84
C ASP D 281 -24.16 42.14 36.75
N MET D 282 -22.85 42.41 36.66
CA MET D 282 -22.21 43.41 35.76
C MET D 282 -22.81 43.34 34.35
N PHE D 283 -23.40 42.22 33.97
CA PHE D 283 -24.05 42.07 32.64
C PHE D 283 -25.34 42.87 32.64
N GLU D 284 -26.06 42.93 33.76
CA GLU D 284 -27.33 43.70 33.89
C GLU D 284 -27.03 45.18 34.15
N GLU D 285 -26.15 45.51 35.08
CA GLU D 285 -25.72 46.91 35.26
C GLU D 285 -24.61 47.05 36.30
N VAL D 286 -23.70 47.96 36.03
CA VAL D 286 -22.49 48.22 36.84
C VAL D 286 -22.76 49.48 37.63
N PRO D 287 -22.41 49.53 38.94
CA PRO D 287 -22.44 50.79 39.70
C PRO D 287 -21.90 52.00 38.93
N LYS D 288 -22.11 53.20 39.47
CA LYS D 288 -21.47 54.42 38.94
C LYS D 288 -20.09 54.49 39.58
N GLY D 289 -19.11 55.03 38.84
CA GLY D 289 -17.77 55.37 39.34
C GLY D 289 -16.93 56.14 38.33
N GLN D 290 -15.85 56.77 38.82
CA GLN D 290 -14.93 57.64 38.06
C GLN D 290 -14.22 56.78 36.99
N ASN D 291 -13.09 56.17 37.36
CA ASN D 291 -12.37 55.16 36.53
C ASN D 291 -12.77 53.76 37.06
N MET D 292 -12.83 52.78 36.15
CA MET D 292 -13.21 51.35 36.43
C MET D 292 -12.05 50.41 36.03
N LEU D 293 -11.97 49.24 36.69
CA LEU D 293 -10.87 48.22 36.58
C LEU D 293 -11.42 46.85 36.18
N LEU D 294 -10.89 46.26 35.09
CA LEU D 294 -11.30 44.94 34.51
C LEU D 294 -10.10 43.98 34.31
N LYS D 295 -9.43 43.57 35.41
CA LYS D 295 -8.31 42.58 35.42
C LYS D 295 -8.84 41.14 35.38
N TRP D 296 -8.56 40.45 34.28
CA TRP D 296 -8.92 39.04 34.02
C TRP D 296 -10.45 38.91 34.10
N VAL D 297 -11.18 39.81 33.47
CA VAL D 297 -12.64 39.63 33.25
C VAL D 297 -12.90 39.42 31.78
N LEU D 298 -12.19 40.13 30.89
CA LEU D 298 -12.68 40.23 29.50
C LEU D 298 -12.33 38.91 28.77
N HIS D 299 -11.26 38.22 29.18
CA HIS D 299 -10.77 36.96 28.54
C HIS D 299 -11.66 35.74 28.86
N ASP D 300 -12.50 35.82 29.90
CA ASP D 300 -13.42 34.73 30.32
C ASP D 300 -14.65 34.73 29.40
N TRP D 301 -14.79 35.73 28.52
CA TRP D 301 -16.10 36.12 27.94
C TRP D 301 -16.00 36.31 26.43
N GLY D 302 -17.08 35.97 25.71
CA GLY D 302 -17.20 36.15 24.25
C GLY D 302 -17.15 37.61 23.85
N ASP D 303 -17.25 37.87 22.54
CA ASP D 303 -17.11 39.25 21.97
C ASP D 303 -18.39 40.04 22.30
N GLU D 304 -19.58 39.45 22.05
CA GLU D 304 -20.90 40.07 22.31
C GLU D 304 -21.06 40.36 23.79
N ARG D 305 -20.71 39.40 24.65
CA ARG D 305 -20.84 39.57 26.12
C ARG D 305 -19.81 40.58 26.60
N CYS D 306 -18.70 40.76 25.89
CA CYS D 306 -17.69 41.81 26.19
C CYS D 306 -18.26 43.19 25.78
N VAL D 307 -19.01 43.29 24.66
CA VAL D 307 -19.78 44.53 24.32
C VAL D 307 -20.71 44.82 25.52
N LYS D 308 -21.76 44.00 25.72
CA LYS D 308 -22.85 44.24 26.72
C LYS D 308 -22.26 44.67 28.07
N LEU D 309 -21.06 44.24 28.43
CA LEU D 309 -20.45 44.57 29.74
C LEU D 309 -19.90 45.98 29.62
N LEU D 310 -19.15 46.19 28.55
CA LEU D 310 -18.39 47.46 28.35
C LEU D 310 -19.40 48.60 28.20
N LYS D 311 -20.56 48.34 27.57
CA LYS D 311 -21.73 49.27 27.50
C LYS D 311 -22.07 49.75 28.92
N ASN D 312 -22.61 48.84 29.74
CA ASN D 312 -22.99 49.04 31.16
C ASN D 312 -21.84 49.71 31.93
N CYS D 313 -20.58 49.49 31.52
CA CYS D 313 -19.38 50.08 32.15
C CYS D 313 -19.29 51.58 31.81
N TRP D 314 -19.57 51.95 30.56
CA TRP D 314 -19.56 53.34 30.02
C TRP D 314 -20.70 54.11 30.68
N ASN D 315 -21.93 53.63 30.40
CA ASN D 315 -23.24 54.16 30.88
C ASN D 315 -23.25 54.38 32.41
N SER D 316 -22.10 54.26 33.09
CA SER D 316 -21.94 54.48 34.55
C SER D 316 -20.53 55.05 34.83
N LEU D 317 -19.91 55.65 33.82
CA LEU D 317 -18.58 56.29 33.91
C LEU D 317 -18.76 57.79 33.63
N PRO D 318 -18.17 58.69 34.43
CA PRO D 318 -18.17 60.10 34.09
C PRO D 318 -17.28 60.24 32.85
N VAL D 319 -17.71 61.06 31.89
CA VAL D 319 -16.87 61.54 30.76
C VAL D 319 -15.60 62.16 31.40
N GLY D 320 -14.41 61.61 31.10
CA GLY D 320 -13.15 61.95 31.79
C GLY D 320 -12.51 60.73 32.44
N GLY D 321 -13.32 59.80 32.93
CA GLY D 321 -12.87 58.51 33.49
C GLY D 321 -12.73 57.44 32.41
N LYS D 322 -12.26 56.26 32.81
CA LYS D 322 -11.79 55.19 31.88
C LYS D 322 -11.88 53.80 32.55
N VAL D 323 -12.51 52.84 31.84
CA VAL D 323 -12.42 51.35 32.05
C VAL D 323 -10.97 50.90 31.80
N LEU D 324 -10.10 50.82 32.84
CA LEU D 324 -8.76 50.16 32.80
C LEU D 324 -8.92 48.65 32.57
N ILE D 325 -8.21 48.07 31.58
CA ILE D 325 -8.28 46.62 31.22
C ILE D 325 -6.89 45.99 31.39
N ILE D 326 -6.74 45.05 32.33
CA ILE D 326 -5.44 44.37 32.58
C ILE D 326 -5.51 42.91 32.12
N GLU D 327 -5.00 42.65 30.92
CA GLU D 327 -4.83 41.31 30.31
C GLU D 327 -3.35 41.07 30.02
N PHE D 328 -2.99 39.86 29.61
CA PHE D 328 -1.77 39.57 28.82
C PHE D 328 -2.19 39.69 27.36
N VAL D 329 -1.52 40.51 26.55
CA VAL D 329 -1.96 40.75 25.13
C VAL D 329 -1.21 39.80 24.20
N LEU D 330 -1.98 39.30 23.25
CA LEU D 330 -1.55 38.36 22.20
C LEU D 330 -0.82 39.17 21.13
N PRO D 331 0.53 39.08 21.03
CA PRO D 331 1.28 39.85 20.03
C PRO D 331 0.84 39.39 18.64
N ASN D 332 0.97 40.24 17.61
CA ASN D 332 0.33 39.98 16.29
C ASN D 332 1.15 38.91 15.56
N GLU D 333 2.50 39.02 15.60
CA GLU D 333 3.47 37.95 15.23
C GLU D 333 3.97 37.27 16.51
N LEU D 334 4.05 35.93 16.53
CA LEU D 334 4.17 35.16 17.80
C LEU D 334 5.55 34.50 17.93
N GLY D 335 6.44 35.06 18.75
CA GLY D 335 7.83 34.58 18.86
C GLY D 335 7.96 33.36 19.76
N ASN D 336 9.20 32.95 20.05
CA ASN D 336 9.55 32.18 21.26
C ASN D 336 9.55 33.20 22.42
N ASN D 337 9.58 34.48 22.07
CA ASN D 337 9.03 35.65 22.81
C ASN D 337 8.12 35.18 23.98
N ALA D 338 8.44 35.55 25.24
CA ALA D 338 7.61 35.34 26.47
C ALA D 338 6.25 36.02 26.33
N GLU D 339 6.19 37.22 25.77
CA GLU D 339 4.91 37.92 25.48
C GLU D 339 4.01 37.00 24.66
N SER D 340 4.61 36.10 23.87
CA SER D 340 3.85 35.15 23.02
C SER D 340 3.40 33.93 23.84
N PHE D 341 4.12 33.53 24.90
CA PHE D 341 3.72 32.36 25.73
C PHE D 341 2.78 32.82 26.84
N ASN D 342 3.05 33.99 27.40
CA ASN D 342 2.20 34.67 28.42
C ASN D 342 0.76 34.83 27.90
N ALA D 343 0.53 34.79 26.59
CA ALA D 343 -0.82 34.86 25.99
C ALA D 343 -1.31 33.43 25.69
N LEU D 344 -0.49 32.71 24.93
CA LEU D 344 -0.80 31.34 24.45
C LEU D 344 -1.10 30.42 25.62
N ILE D 345 -0.29 30.42 26.68
CA ILE D 345 -0.55 29.52 27.84
C ILE D 345 -2.02 29.68 28.24
N PRO D 346 -2.47 30.85 28.75
CA PRO D 346 -3.87 31.03 29.12
C PRO D 346 -4.88 30.86 27.97
N ASP D 347 -4.55 31.18 26.72
CA ASP D 347 -5.53 30.94 25.62
C ASP D 347 -5.84 29.44 25.59
N LEU D 348 -4.85 28.62 25.96
CA LEU D 348 -4.98 27.15 26.07
C LEU D 348 -5.86 26.81 27.29
N LEU D 349 -5.37 27.07 28.51
CA LEU D 349 -6.15 26.84 29.76
C LEU D 349 -7.61 27.26 29.55
N LEU D 350 -7.82 28.37 28.86
CA LEU D 350 -9.20 28.78 28.54
C LEU D 350 -9.77 27.66 27.68
N MET D 351 -9.08 27.34 26.60
CA MET D 351 -9.66 26.36 25.64
C MET D 351 -9.95 25.01 26.34
N ALA D 352 -9.22 24.70 27.41
CA ALA D 352 -9.35 23.43 28.16
C ALA D 352 -10.48 23.55 29.19
N LEU D 353 -10.38 24.55 30.07
CA LEU D 353 -11.36 24.89 31.15
C LEU D 353 -12.10 26.18 30.78
N ASN D 354 -13.32 26.16 30.28
CA ASN D 354 -14.02 27.38 29.74
C ASN D 354 -13.44 27.88 28.41
N PRO D 355 -13.79 27.22 27.28
CA PRO D 355 -13.25 27.59 25.97
C PRO D 355 -14.01 28.69 25.21
N GLY D 356 -15.21 29.08 25.67
CA GLY D 356 -15.88 30.34 25.28
C GLY D 356 -15.00 31.56 25.55
N GLY D 357 -13.97 31.39 26.40
CA GLY D 357 -12.92 32.38 26.72
C GLY D 357 -11.98 32.60 25.55
N LYS D 358 -11.16 33.66 25.59
CA LYS D 358 -10.15 33.97 24.53
C LYS D 358 -9.28 35.14 24.95
N GLU D 359 -7.98 35.00 24.70
CA GLU D 359 -6.99 36.08 24.80
C GLU D 359 -7.00 36.80 23.44
N ARG D 360 -6.62 38.09 23.37
CA ARG D 360 -6.86 38.93 22.17
C ARG D 360 -5.65 39.82 21.83
N THR D 361 -5.54 40.20 20.55
CA THR D 361 -4.52 41.15 20.00
C THR D 361 -4.93 42.55 20.44
N ILE D 362 -4.00 43.51 20.59
CA ILE D 362 -4.35 44.93 20.95
C ILE D 362 -5.38 45.49 19.94
N SER D 363 -5.20 45.24 18.62
CA SER D 363 -6.28 45.43 17.62
C SER D 363 -7.63 45.03 18.24
N GLU D 364 -7.76 43.73 18.55
CA GLU D 364 -9.03 43.05 18.96
C GLU D 364 -9.61 43.72 20.22
N TYR D 365 -8.78 44.26 21.11
CA TYR D 365 -9.24 44.93 22.34
C TYR D 365 -9.85 46.32 21.99
N ASP D 366 -9.22 47.17 21.17
CA ASP D 366 -9.82 48.48 20.76
C ASP D 366 -11.05 48.23 19.88
N ASP D 367 -11.04 47.16 19.06
CA ASP D 367 -12.24 46.63 18.37
C ASP D 367 -13.41 46.58 19.38
N LEU D 368 -13.15 46.27 20.65
CA LEU D 368 -14.19 46.21 21.71
C LEU D 368 -14.42 47.60 22.29
N GLY D 369 -13.41 48.18 22.95
CA GLY D 369 -13.48 49.55 23.50
C GLY D 369 -14.35 50.48 22.63
N LYS D 370 -14.07 50.51 21.32
CA LYS D 370 -14.82 51.30 20.30
C LYS D 370 -16.30 50.88 20.28
N ALA D 371 -16.62 49.69 19.78
CA ALA D 371 -18.00 49.24 19.47
C ALA D 371 -18.93 49.37 20.70
N ALA D 372 -18.37 49.72 21.86
CA ALA D 372 -19.11 50.14 23.09
C ALA D 372 -19.45 51.63 22.99
N GLY D 373 -18.40 52.45 22.87
CA GLY D 373 -18.46 53.90 22.59
C GLY D 373 -17.41 54.65 23.37
N PHE D 374 -16.14 54.44 23.03
CA PHE D 374 -14.98 54.98 23.81
C PHE D 374 -14.07 55.74 22.84
N ILE D 375 -13.97 57.07 23.03
CA ILE D 375 -13.12 58.02 22.25
C ILE D 375 -11.73 57.39 22.04
N LYS D 376 -10.88 57.39 23.08
CA LYS D 376 -9.50 56.86 22.99
C LYS D 376 -9.58 55.32 22.96
N THR D 377 -8.43 54.67 23.14
CA THR D 377 -8.25 53.19 23.33
C THR D 377 -6.76 52.95 23.59
N ILE D 378 -6.15 53.72 24.50
CA ILE D 378 -4.68 54.04 24.59
C ILE D 378 -3.87 52.98 25.38
N PRO D 379 -3.45 51.85 24.73
CA PRO D 379 -2.74 50.75 25.40
C PRO D 379 -1.32 50.98 25.93
N ILE D 380 -1.05 50.63 27.19
CA ILE D 380 0.27 50.80 27.87
C ILE D 380 0.88 49.41 28.08
N PRO D 381 1.82 48.96 27.21
CA PRO D 381 2.77 47.90 27.57
C PRO D 381 3.40 48.07 28.97
N ILE D 382 3.43 47.00 29.76
CA ILE D 382 3.89 46.97 31.20
C ILE D 382 5.15 46.08 31.30
N SER D 383 5.01 44.77 31.10
CA SER D 383 6.10 43.76 31.14
C SER D 383 5.68 42.53 30.34
N ASN D 384 6.57 42.05 29.47
CA ASN D 384 6.53 40.74 28.78
C ASN D 384 5.10 40.38 28.36
N GLY D 385 4.31 41.33 27.83
CA GLY D 385 2.98 41.08 27.24
C GLY D 385 1.81 41.59 28.09
N LEU D 386 2.03 41.79 29.40
CA LEU D 386 1.06 42.40 30.36
C LEU D 386 0.87 43.88 30.00
N HIS D 387 -0.36 44.25 29.60
CA HIS D 387 -0.71 45.63 29.19
C HIS D 387 -1.68 46.26 30.20
N VAL D 388 -1.86 47.57 30.12
CA VAL D 388 -3.10 48.22 30.61
C VAL D 388 -3.73 48.98 29.44
N ILE D 389 -4.32 48.28 28.46
CA ILE D 389 -5.34 48.89 27.56
C ILE D 389 -6.18 49.82 28.47
N GLU D 390 -6.35 51.09 28.06
CA GLU D 390 -7.26 52.10 28.68
C GLU D 390 -8.34 52.45 27.66
N PHE D 391 -9.61 52.26 28.01
CA PHE D 391 -10.78 52.62 27.16
C PHE D 391 -11.38 53.93 27.69
N HIS D 392 -11.21 55.04 26.94
CA HIS D 392 -11.56 56.44 27.33
C HIS D 392 -12.95 56.82 26.80
N LYS D 393 -13.83 57.41 27.64
CA LYS D 393 -15.16 57.97 27.25
C LYS D 393 -15.05 59.50 27.13
N SAH E . 14.85 -6.16 22.62
CA SAH E . 13.56 -6.82 22.51
CB SAH E . 13.07 -7.12 23.96
CG SAH E . 12.13 -6.21 24.78
SD SAH E . 12.52 -6.13 26.55
C SAH E . 12.74 -5.98 21.54
O SAH E . 11.59 -6.38 20.99
OXT SAH E . 13.12 -4.90 21.15
C5' SAH E . 12.13 -7.44 27.61
C4' SAH E . 11.91 -8.79 26.92
O4' SAH E . 12.72 -9.64 27.69
C3' SAH E . 10.47 -9.30 27.04
O3' SAH E . 9.86 -9.77 25.83
C2' SAH E . 10.57 -10.34 28.14
O2' SAH E . 9.67 -11.43 28.08
C1' SAH E . 11.98 -10.80 28.03
N9 SAH E . 12.38 -11.43 29.32
C8 SAH E . 12.31 -10.93 30.54
N7 SAH E . 12.76 -11.83 31.45
C5 SAH E . 13.13 -12.90 30.81
C6 SAH E . 13.73 -14.17 31.20
N6 SAH E . 14.01 -14.51 32.45
N1 SAH E . 14.01 -15.01 30.21
C2 SAH E . 13.76 -14.72 28.90
N3 SAH E . 13.22 -13.58 28.47
C4 SAH E . 12.89 -12.64 29.40
N SAH F . -1.69 -30.37 -54.87
CA SAH F . -2.80 -31.05 -54.15
CB SAH F . -2.39 -31.97 -52.98
CG SAH F . -0.96 -31.81 -52.50
SD SAH F . -0.77 -32.83 -51.06
C SAH F . -3.79 -30.07 -53.60
O SAH F . -4.78 -30.49 -52.81
OXT SAH F . -3.71 -28.88 -53.85
C5' SAH F . 0.32 -34.17 -51.36
C4' SAH F . -0.27 -35.07 -52.44
O4' SAH F . 0.84 -35.79 -52.89
C3' SAH F . -1.31 -36.08 -51.96
O3' SAH F . -2.48 -36.11 -52.82
C2' SAH F . -0.58 -37.41 -51.88
O2' SAH F . -1.38 -38.53 -52.22
C1' SAH F . 0.51 -37.17 -52.90
N9 SAH F . 1.72 -37.97 -52.72
C8 SAH F . 2.43 -38.26 -51.63
N7 SAH F . 3.49 -39.05 -51.93
C5 SAH F . 3.44 -39.26 -53.24
C6 SAH F . 4.22 -40.00 -54.22
N6 SAH F . 5.32 -40.69 -53.87
N1 SAH F . 3.81 -39.96 -55.49
C2 SAH F . 2.71 -39.26 -55.87
N3 SAH F . 1.93 -38.56 -55.04
C4 SAH F . 2.27 -38.54 -53.75
N SAM G . -9.80 40.67 39.10
CA SAM G . -9.64 39.49 40.00
C SAM G . -8.21 39.45 40.51
O SAM G . -7.99 38.88 41.60
OXT SAM G . -7.35 39.95 39.76
CB SAM G . -9.93 38.18 39.27
CG SAM G . -11.10 38.20 38.32
SD SAM G . -11.75 36.51 38.10
CE SAM G . -10.78 35.83 36.77
C5' SAM G . -13.37 36.88 37.33
C4' SAM G . -14.43 37.44 38.28
O4' SAM G . -15.64 37.71 37.55
C3' SAM G . -14.88 36.53 39.43
O3' SAM G . -14.49 37.02 40.70
C2' SAM G . -16.41 36.45 39.25
O2' SAM G . -17.19 36.44 40.42
C1' SAM G . -16.68 37.71 38.48
N9 SAM G . -17.97 37.68 37.79
C8 SAM G . -18.41 36.72 36.93
N7 SAM G . -19.63 36.96 36.47
C5 SAM G . -20.00 38.13 37.08
C6 SAM G . -21.18 38.89 37.03
N6 SAM G . -22.26 38.56 36.33
N1 SAM G . -21.23 40.01 37.80
C2 SAM G . -20.15 40.34 38.51
N3 SAM G . -18.98 39.71 38.65
C4 SAM G . -18.98 38.60 37.89
#